data_6CA3
#
_entry.id   6CA3
#
_cell.length_a   64.685
_cell.length_b   70.826
_cell.length_c   88.103
_cell.angle_alpha   111.32
_cell.angle_beta   107.42
_cell.angle_gamma   97.66
#
_symmetry.space_group_name_H-M   'P 1'
#
loop_
_entity.id
_entity.type
_entity.pdbx_description
1 polymer 'Glycosyl hydrolase, family 31'
2 non-polymer (2R,3R,4R,5S)-1-(2-hydroxyethyl)-2-(hydroxymethyl)piperidine-3,4,5-triol
3 non-polymer GLYCEROL
4 water water
#
_entity_poly.entity_id   1
_entity_poly.type   'polypeptide(L)'
_entity_poly.pdbx_seq_one_letter_code
;SNAMIRKYRYGAPFDTEALTEKIETAEEAFPYGEISQKEGFAFTYIMDEDDIVYGLGESNRGINKRGYCYISNCTDDPIH
TEDKRSLYGAHNFIIVSGKTTFGLFFDYPSKLTFDIGYTRMDTLKVSCENADLDIYVIEGENAYDIVKQFRRVIGRSYIP
PKFAFGFGQSRYGYTTKEDFRAVAKGYRENHIPIDMIYMDIDYMQDFKDFTVNEKNFPDFPEFVKEMKDQELRLIPIIDA
GVKVEKGYEVYEEGVKNNYFCKREDGSDFVAAVWPGDTHFPDMLNPEARKWFGDKYRFLIDQGIEGFWNDMNEPAIFYSS
EGLAEAKEFAGEFAKDTEGKIHPWAMQAKMKDIVNSPEDYKRFYHNVNGKKIRHDKVHNLFGYNMTRAAGEAFERIDPEK
RFLMFSRSSYIGMHRYGGIWMGDNKSWWSHILLNLKMLPSLNMCGFMYTGADLGGFGDDTTRDLLLRFLALGVFTPLMRD
HAAEGTREQECYQFENIEDFRSVINARYRLVPYLYSEYMKAALNDDMYFKPLGFVYPDDKMAIRVEDQLMLGNEIMIAPV
YEQNARGRYVYLPEEMKFIKFMPDGSISEEVLEKGVHYVDVALNEVPLFIRSGKCIPVAEAAECVKDIDTENMQLIGYEG
SSYTLYEDDGIHKDYDKKENYRVLTK
;
_entity_poly.pdbx_strand_id   A,B
#
# COMPACT_ATOMS: atom_id res chain seq x y z
N SER A 1 26.18 -39.45 5.90
CA SER A 1 25.97 -38.24 5.12
C SER A 1 24.61 -37.62 5.40
N ASN A 2 24.56 -36.30 5.36
CA ASN A 2 23.32 -35.53 5.52
C ASN A 2 22.41 -35.96 6.69
N ALA A 3 23.00 -36.00 7.88
CA ALA A 3 22.30 -36.49 9.08
C ALA A 3 21.02 -35.72 9.37
N MET A 4 21.04 -34.42 9.07
CA MET A 4 19.97 -33.53 9.52
C MET A 4 18.92 -33.29 8.46
N ILE A 5 19.07 -33.95 7.31
CA ILE A 5 18.09 -33.78 6.23
C ILE A 5 17.52 -35.10 5.72
N ARG A 6 16.20 -35.17 5.64
CA ARG A 6 15.54 -36.34 5.08
C ARG A 6 14.58 -35.93 3.97
N LYS A 7 14.41 -36.80 2.99
CA LYS A 7 13.58 -36.49 1.83
C LYS A 7 12.40 -37.44 1.80
N TYR A 8 11.20 -36.89 1.81
CA TYR A 8 9.99 -37.71 1.74
C TYR A 8 9.32 -37.53 0.39
N ARG A 9 9.24 -38.63 -0.34
CA ARG A 9 8.78 -38.61 -1.72
C ARG A 9 7.32 -39.02 -1.83
N TYR A 10 6.54 -38.21 -2.54
CA TYR A 10 5.15 -38.53 -2.84
C TYR A 10 4.92 -38.63 -4.35
N GLY A 11 4.34 -39.74 -4.78
CA GLY A 11 4.03 -39.95 -6.19
C GLY A 11 5.25 -39.98 -7.10
N ALA A 12 5.13 -39.34 -8.25
CA ALA A 12 6.21 -39.28 -9.23
C ALA A 12 6.63 -37.84 -9.49
N PRO A 13 7.48 -37.28 -8.61
CA PRO A 13 7.92 -35.90 -8.72
C PRO A 13 8.75 -35.60 -9.97
N PHE A 14 8.54 -34.42 -10.55
CA PHE A 14 9.38 -33.92 -11.63
C PHE A 14 10.71 -33.48 -11.02
N ASP A 15 11.82 -33.83 -11.67
CA ASP A 15 13.14 -33.45 -11.15
C ASP A 15 13.47 -32.00 -11.46
N THR A 16 13.40 -31.14 -10.44
CA THR A 16 13.64 -29.71 -10.61
C THR A 16 15.11 -29.34 -10.55
N GLU A 17 15.93 -30.29 -10.08
CA GLU A 17 17.38 -30.07 -9.91
C GLU A 17 17.71 -28.92 -8.94
N ALA A 18 16.78 -28.62 -8.03
CA ALA A 18 16.98 -27.57 -7.05
C ALA A 18 18.16 -27.87 -6.14
N LEU A 19 18.23 -29.11 -5.67
CA LEU A 19 19.35 -29.54 -4.84
C LEU A 19 20.52 -30.06 -5.67
N THR A 20 21.74 -29.74 -5.24
CA THR A 20 22.91 -30.32 -5.87
C THR A 20 23.29 -31.59 -5.10
N GLU A 21 22.89 -31.64 -3.84
CA GLU A 21 23.21 -32.79 -2.98
C GLU A 21 22.15 -33.87 -3.13
N LYS A 22 22.58 -35.11 -3.39
CA LYS A 22 21.63 -36.22 -3.53
C LYS A 22 21.21 -36.78 -2.17
N ILE A 23 19.91 -36.73 -1.88
CA ILE A 23 19.40 -37.26 -0.61
C ILE A 23 18.55 -38.50 -0.86
N GLU A 24 18.81 -39.59 -0.14
CA GLU A 24 18.04 -40.82 -0.34
C GLU A 24 16.60 -40.66 0.15
N THR A 25 15.69 -41.42 -0.44
CA THR A 25 14.27 -41.33 -0.08
C THR A 25 14.02 -41.98 1.28
N ALA A 26 13.52 -41.20 2.24
CA ALA A 26 13.20 -41.75 3.56
C ALA A 26 12.00 -42.69 3.50
N GLU A 27 11.99 -43.72 4.33
CA GLU A 27 10.96 -44.74 4.26
C GLU A 27 9.96 -44.71 5.42
N GLU A 28 10.23 -43.90 6.45
CA GLU A 28 9.33 -43.84 7.59
C GLU A 28 8.25 -42.76 7.45
N ALA A 29 7.33 -42.73 8.41
CA ALA A 29 6.22 -41.78 8.40
C ALA A 29 6.72 -40.35 8.50
N PHE A 30 6.02 -39.43 7.83
CA PHE A 30 6.40 -38.03 7.89
C PHE A 30 6.43 -37.53 9.35
N PRO A 31 7.54 -36.87 9.73
CA PRO A 31 7.91 -36.61 11.13
C PRO A 31 7.19 -35.46 11.84
N TYR A 32 6.55 -34.57 11.11
CA TYR A 32 5.81 -33.47 11.74
C TYR A 32 4.41 -33.29 11.17
N GLY A 33 3.47 -32.86 12.01
CA GLY A 33 2.13 -32.54 11.54
C GLY A 33 1.43 -33.73 10.91
N GLU A 34 0.59 -33.45 9.91
CA GLU A 34 -0.14 -34.52 9.24
C GLU A 34 -0.13 -34.34 7.73
N ILE A 35 -0.05 -35.45 7.02
CA ILE A 35 -0.08 -35.47 5.56
C ILE A 35 -1.38 -36.12 5.09
N SER A 36 -2.05 -35.50 4.12
CA SER A 36 -3.26 -36.08 3.54
C SER A 36 -3.16 -36.09 2.03
N GLN A 37 -3.58 -37.19 1.41
CA GLN A 37 -3.63 -37.27 -0.05
C GLN A 37 -5.07 -37.46 -0.50
N LYS A 38 -6.00 -37.18 0.41
CA LYS A 38 -7.42 -37.33 0.15
C LYS A 38 -7.85 -36.48 -1.04
N GLU A 39 -7.43 -35.22 -1.04
CA GLU A 39 -7.77 -34.29 -2.11
C GLU A 39 -6.51 -33.63 -2.67
N GLY A 40 -5.74 -34.38 -3.45
CA GLY A 40 -4.45 -33.90 -3.92
C GLY A 40 -3.38 -34.11 -2.87
N PHE A 41 -2.74 -33.03 -2.42
CA PHE A 41 -1.79 -33.14 -1.33
C PHE A 41 -1.98 -32.01 -0.30
N ALA A 42 -1.89 -32.35 0.98
CA ALA A 42 -1.91 -31.32 2.00
C ALA A 42 -1.12 -31.71 3.25
N PHE A 43 -0.29 -30.77 3.72
CA PHE A 43 0.43 -30.88 4.97
C PHE A 43 -0.18 -29.91 5.97
N THR A 44 -0.52 -30.41 7.15
CA THR A 44 -1.17 -29.58 8.17
C THR A 44 -0.38 -29.65 9.48
N TYR A 45 -0.11 -28.49 10.08
CA TYR A 45 0.65 -28.43 11.33
C TYR A 45 0.05 -27.38 12.25
N ILE A 46 -0.15 -27.76 13.49
CA ILE A 46 -0.63 -26.83 14.51
C ILE A 46 0.56 -26.14 15.17
N MET A 47 0.63 -24.82 15.03
CA MET A 47 1.75 -24.04 15.56
C MET A 47 1.52 -23.67 17.01
N ASP A 48 2.61 -23.56 17.77
CA ASP A 48 2.53 -22.99 19.10
C ASP A 48 2.32 -21.49 18.95
N GLU A 49 1.61 -20.87 19.90
CA GLU A 49 1.27 -19.45 19.76
C GLU A 49 2.49 -18.54 19.63
N ASP A 50 3.65 -19.00 20.13
CA ASP A 50 4.86 -18.19 20.02
C ASP A 50 5.72 -18.51 18.79
N ASP A 51 5.32 -19.51 18.02
CA ASP A 51 6.12 -19.90 16.85
C ASP A 51 6.31 -18.76 15.86
N ILE A 52 7.50 -18.66 15.30
CA ILE A 52 7.72 -17.75 14.17
C ILE A 52 7.92 -18.62 12.93
N VAL A 53 7.36 -18.19 11.79
CA VAL A 53 7.59 -18.87 10.53
C VAL A 53 8.43 -17.98 9.63
N TYR A 54 9.62 -18.45 9.29
CA TYR A 54 10.51 -17.74 8.38
C TYR A 54 10.47 -18.39 7.01
N GLY A 55 10.92 -17.66 5.99
CA GLY A 55 11.17 -18.27 4.69
C GLY A 55 10.38 -17.66 3.56
N LEU A 56 10.17 -18.49 2.52
CA LEU A 56 9.45 -18.11 1.31
C LEU A 56 10.12 -17.06 0.44
N GLY A 57 11.40 -16.77 0.69
CA GLY A 57 12.17 -15.89 -0.19
C GLY A 57 11.45 -14.63 -0.65
N GLU A 58 11.28 -14.48 -1.95
CA GLU A 58 10.53 -13.35 -2.47
C GLU A 58 9.04 -13.64 -2.38
N SER A 59 8.42 -13.13 -1.32
CA SER A 59 6.97 -13.24 -1.15
C SER A 59 6.53 -12.00 -0.39
N ASN A 60 5.22 -11.84 -0.28
CA ASN A 60 4.65 -10.62 0.28
C ASN A 60 4.81 -10.52 1.78
N ARG A 61 4.55 -9.32 2.30
CA ARG A 61 4.44 -9.07 3.74
C ARG A 61 5.79 -9.23 4.46
N GLY A 62 5.78 -9.83 5.64
CA GLY A 62 6.90 -9.64 6.57
C GLY A 62 7.87 -10.81 6.73
N ILE A 63 8.83 -10.63 7.63
CA ILE A 63 9.84 -11.66 7.86
C ILE A 63 9.20 -12.86 8.56
N ASN A 64 8.38 -12.58 9.58
CA ASN A 64 7.51 -13.59 10.19
C ASN A 64 6.31 -13.76 9.24
N LYS A 65 6.21 -14.90 8.58
CA LYS A 65 5.15 -15.11 7.59
C LYS A 65 3.76 -15.39 8.17
N ARG A 66 3.66 -15.57 9.48
CA ARG A 66 2.35 -15.86 10.06
C ARG A 66 1.33 -14.76 9.76
N GLY A 67 0.09 -15.17 9.54
CA GLY A 67 -1.01 -14.25 9.44
C GLY A 67 -1.50 -14.00 8.03
N TYR A 68 -0.99 -14.75 7.06
CA TYR A 68 -1.52 -14.60 5.71
C TYR A 68 -1.33 -15.84 4.85
N CYS A 69 -1.69 -15.71 3.58
CA CYS A 69 -1.64 -16.80 2.63
C CYS A 69 -0.65 -16.46 1.51
N TYR A 70 0.16 -17.43 1.11
CA TYR A 70 1.17 -17.21 0.07
C TYR A 70 1.08 -18.34 -0.93
N ILE A 71 0.95 -18.00 -2.21
CA ILE A 71 0.86 -19.03 -3.24
C ILE A 71 2.04 -18.91 -4.18
N SER A 72 2.87 -19.96 -4.21
CA SER A 72 3.98 -20.04 -5.17
C SER A 72 3.43 -20.31 -6.55
N ASN A 73 3.43 -19.27 -7.38
CA ASN A 73 2.86 -19.33 -8.71
C ASN A 73 3.36 -18.10 -9.44
N CYS A 74 4.53 -18.22 -10.08
CA CYS A 74 5.22 -17.08 -10.67
C CYS A 74 4.27 -16.25 -11.52
N THR A 75 4.02 -15.02 -11.09
CA THR A 75 3.03 -14.19 -11.76
C THR A 75 3.55 -12.79 -12.01
N ASP A 76 3.26 -12.27 -13.20
CA ASP A 76 3.58 -10.89 -13.54
C ASP A 76 2.48 -9.99 -12.99
N ASP A 77 2.75 -9.40 -11.84
CA ASP A 77 1.78 -8.51 -11.19
C ASP A 77 2.50 -7.25 -10.73
N PRO A 78 2.16 -6.09 -11.34
CA PRO A 78 2.88 -4.83 -11.07
C PRO A 78 2.35 -4.05 -9.88
N ILE A 79 1.39 -4.59 -9.15
CA ILE A 79 0.81 -3.87 -8.02
C ILE A 79 1.03 -4.69 -6.74
N HIS A 80 2.15 -4.44 -6.06
CA HIS A 80 2.49 -5.25 -4.88
C HIS A 80 1.85 -4.70 -3.60
N THR A 81 0.54 -4.88 -3.49
CA THR A 81 -0.20 -4.44 -2.32
C THR A 81 -0.32 -5.60 -1.33
N GLU A 82 -0.73 -5.31 -0.10
CA GLU A 82 -0.64 -6.32 0.97
C GLU A 82 -1.49 -7.55 0.70
N ASP A 83 -2.50 -7.40 -0.14
CA ASP A 83 -3.42 -8.49 -0.42
C ASP A 83 -2.89 -9.57 -1.37
N LYS A 84 -1.85 -9.25 -2.14
CA LYS A 84 -1.42 -10.18 -3.19
C LYS A 84 -0.83 -11.44 -2.59
N ARG A 85 -1.17 -12.59 -3.17
CA ARG A 85 -0.71 -13.89 -2.67
C ARG A 85 0.45 -14.46 -3.51
N SER A 86 0.61 -13.94 -4.73
CA SER A 86 1.66 -14.46 -5.62
C SER A 86 2.44 -13.35 -6.30
N LEU A 87 3.77 -13.37 -6.15
CA LEU A 87 4.62 -12.46 -6.91
C LEU A 87 5.40 -13.25 -7.96
N TYR A 88 6.63 -12.84 -8.23
CA TYR A 88 7.38 -13.41 -9.36
C TYR A 88 8.11 -14.71 -8.99
N GLY A 89 8.33 -14.92 -7.70
CA GLY A 89 9.17 -16.03 -7.27
C GLY A 89 8.42 -17.17 -6.61
N ALA A 90 9.01 -18.35 -6.67
CA ALA A 90 8.46 -19.55 -6.04
C ALA A 90 9.58 -20.17 -5.22
N HIS A 91 9.64 -19.80 -3.95
CA HIS A 91 10.75 -20.22 -3.11
C HIS A 91 10.17 -20.99 -1.94
N ASN A 92 10.03 -22.30 -2.11
CA ASN A 92 9.20 -23.11 -1.24
C ASN A 92 9.90 -23.65 0.01
N PHE A 93 10.69 -22.79 0.65
CA PHE A 93 11.42 -23.15 1.86
C PHE A 93 10.84 -22.35 3.02
N ILE A 94 10.40 -23.05 4.07
CA ILE A 94 9.94 -22.39 5.29
C ILE A 94 10.57 -23.01 6.53
N ILE A 95 10.68 -22.22 7.60
CA ILE A 95 11.19 -22.74 8.85
C ILE A 95 10.20 -22.38 9.93
N VAL A 96 9.77 -23.38 10.69
CA VAL A 96 8.95 -23.13 11.88
C VAL A 96 9.92 -22.98 13.03
N SER A 97 9.88 -21.85 13.72
CA SER A 97 10.86 -21.57 14.78
C SER A 97 10.15 -21.28 16.10
N GLY A 98 10.48 -22.06 17.14
CA GLY A 98 9.90 -21.88 18.46
C GLY A 98 10.29 -23.03 19.37
N LYS A 99 9.37 -23.45 20.23
CA LYS A 99 9.58 -24.64 21.06
C LYS A 99 9.97 -25.87 20.24
N THR A 100 9.21 -26.16 19.19
CA THR A 100 9.60 -27.15 18.20
C THR A 100 10.03 -26.42 16.93
N THR A 101 11.21 -26.74 16.43
CA THR A 101 11.80 -26.02 15.31
C THR A 101 12.23 -27.01 14.22
N PHE A 102 11.87 -26.72 12.97
CA PHE A 102 12.28 -27.53 11.82
C PHE A 102 12.11 -26.74 10.54
N GLY A 103 12.80 -27.16 9.47
CA GLY A 103 12.61 -26.55 8.17
C GLY A 103 12.01 -27.52 7.17
N LEU A 104 11.29 -26.99 6.19
CA LEU A 104 10.67 -27.81 5.15
C LEU A 104 10.95 -27.17 3.81
N PHE A 105 11.40 -27.98 2.85
CA PHE A 105 11.48 -27.51 1.46
C PHE A 105 10.56 -28.37 0.60
N PHE A 106 9.53 -27.73 0.04
CA PHE A 106 8.58 -28.44 -0.81
C PHE A 106 9.04 -28.36 -2.26
N ASP A 107 9.73 -29.41 -2.71
CA ASP A 107 10.28 -29.44 -4.05
C ASP A 107 9.19 -29.88 -5.01
N TYR A 108 8.44 -28.89 -5.50
CA TYR A 108 7.24 -29.07 -6.32
C TYR A 108 7.21 -27.86 -7.23
N PRO A 109 7.03 -28.08 -8.53
CA PRO A 109 7.23 -27.00 -9.50
C PRO A 109 5.94 -26.31 -9.94
N SER A 110 4.82 -26.60 -9.27
CA SER A 110 3.55 -26.01 -9.69
C SER A 110 2.90 -25.23 -8.55
N LYS A 111 1.64 -24.87 -8.74
CA LYS A 111 0.92 -24.02 -7.79
C LYS A 111 0.88 -24.60 -6.38
N LEU A 112 1.53 -23.90 -5.44
CA LEU A 112 1.67 -24.41 -4.07
C LEU A 112 1.18 -23.35 -3.09
N THR A 113 0.19 -23.72 -2.28
CA THR A 113 -0.47 -22.76 -1.41
C THR A 113 0.00 -22.91 0.03
N PHE A 114 0.55 -21.83 0.58
CA PHE A 114 0.98 -21.78 1.98
C PHE A 114 -0.03 -20.98 2.77
N ASP A 115 -0.88 -21.68 3.53
CA ASP A 115 -1.89 -21.04 4.37
C ASP A 115 -1.27 -20.94 5.76
N ILE A 116 -0.60 -19.82 6.04
CA ILE A 116 0.17 -19.71 7.26
C ILE A 116 -0.60 -18.89 8.31
N GLY A 117 -1.60 -19.53 8.91
CA GLY A 117 -2.41 -18.88 9.91
C GLY A 117 -3.51 -18.01 9.35
N TYR A 118 -3.70 -18.05 8.03
CA TYR A 118 -4.74 -17.24 7.40
C TYR A 118 -6.15 -17.70 7.78
N THR A 119 -6.41 -18.98 7.56
CA THR A 119 -7.73 -19.53 7.82
C THR A 119 -7.97 -19.64 9.32
N ARG A 120 -7.01 -20.23 10.00
CA ARG A 120 -7.05 -20.34 11.45
C ARG A 120 -5.68 -19.96 11.98
N MET A 121 -5.63 -19.05 12.97
CA MET A 121 -4.37 -18.48 13.43
C MET A 121 -3.35 -19.55 13.83
N ASP A 122 -3.80 -20.65 14.43
CA ASP A 122 -2.86 -21.69 14.90
C ASP A 122 -2.47 -22.73 13.85
N THR A 123 -2.99 -22.59 12.64
CA THR A 123 -2.86 -23.66 11.65
C THR A 123 -2.01 -23.29 10.45
N LEU A 124 -0.94 -24.07 10.23
CA LEU A 124 -0.14 -23.98 9.02
C LEU A 124 -0.59 -25.07 8.05
N LYS A 125 -1.07 -24.69 6.87
CA LYS A 125 -1.45 -25.69 5.90
C LYS A 125 -0.83 -25.42 4.52
N VAL A 126 -0.10 -26.40 4.02
CA VAL A 126 0.57 -26.30 2.72
C VAL A 126 -0.04 -27.34 1.80
N SER A 127 -0.56 -26.91 0.65
CA SER A 127 -1.36 -27.79 -0.19
C SER A 127 -1.10 -27.60 -1.68
N CYS A 128 -1.30 -28.67 -2.46
CA CYS A 128 -1.25 -28.57 -3.91
C CYS A 128 -2.16 -29.60 -4.58
N GLU A 129 -2.31 -29.46 -5.88
CA GLU A 129 -3.32 -30.22 -6.61
C GLU A 129 -2.92 -31.66 -6.85
N ASN A 130 -1.61 -31.90 -6.94
CA ASN A 130 -1.10 -33.22 -7.28
C ASN A 130 -0.04 -33.66 -6.28
N ALA A 131 -0.24 -34.83 -5.70
CA ALA A 131 0.74 -35.40 -4.77
C ALA A 131 1.91 -36.01 -5.52
N ASP A 132 2.64 -35.16 -6.25
CA ASP A 132 3.87 -35.57 -6.90
C ASP A 132 4.97 -34.58 -6.53
N LEU A 133 5.65 -34.84 -5.41
CA LEU A 133 6.62 -33.91 -4.88
C LEU A 133 7.60 -34.58 -3.93
N ASP A 134 8.74 -33.94 -3.71
CA ASP A 134 9.64 -34.33 -2.63
C ASP A 134 9.53 -33.28 -1.55
N ILE A 135 9.45 -33.71 -0.31
CA ILE A 135 9.51 -32.76 0.80
C ILE A 135 10.76 -33.02 1.63
N TYR A 136 11.60 -32.01 1.78
CA TYR A 136 12.80 -32.17 2.58
C TYR A 136 12.54 -31.63 3.96
N VAL A 137 12.85 -32.43 4.96
CA VAL A 137 12.75 -32.00 6.35
C VAL A 137 14.16 -31.75 6.85
N ILE A 138 14.39 -30.55 7.37
CA ILE A 138 15.71 -30.18 7.84
C ILE A 138 15.65 -29.90 9.33
N GLU A 139 16.42 -30.68 10.09
CA GLU A 139 16.42 -30.55 11.54
C GLU A 139 17.56 -29.66 11.97
N GLY A 140 17.37 -28.98 13.10
CA GLY A 140 18.44 -28.18 13.69
C GLY A 140 18.01 -27.65 15.03
N GLU A 141 18.98 -27.13 15.79
CA GLU A 141 18.70 -26.56 17.11
C GLU A 141 18.03 -25.20 17.05
N ASN A 142 18.17 -24.52 15.91
CA ASN A 142 17.59 -23.18 15.75
C ASN A 142 17.42 -22.87 14.27
N ALA A 143 16.71 -21.79 13.95
CA ALA A 143 16.40 -21.47 12.55
C ALA A 143 17.67 -21.24 11.71
N TYR A 144 18.62 -20.50 12.27
CA TYR A 144 19.83 -20.16 11.54
C TYR A 144 20.60 -21.43 11.11
N ASP A 145 20.74 -22.38 12.02
CA ASP A 145 21.42 -23.65 11.73
C ASP A 145 20.74 -24.38 10.58
N ILE A 146 19.42 -24.36 10.61
CA ILE A 146 18.62 -25.01 9.59
C ILE A 146 18.82 -24.36 8.22
N VAL A 147 18.82 -23.03 8.17
CA VAL A 147 19.11 -22.31 6.92
C VAL A 147 20.49 -22.70 6.39
N LYS A 148 21.47 -22.76 7.28
CA LYS A 148 22.82 -23.10 6.87
C LYS A 148 22.91 -24.52 6.35
N GLN A 149 22.12 -25.43 6.91
CA GLN A 149 22.02 -26.78 6.34
C GLN A 149 21.43 -26.72 4.94
N PHE A 150 20.33 -25.99 4.79
CA PHE A 150 19.69 -25.88 3.49
C PHE A 150 20.62 -25.25 2.46
N ARG A 151 21.32 -24.19 2.84
CA ARG A 151 22.21 -23.50 1.91
C ARG A 151 23.31 -24.42 1.39
N ARG A 152 23.76 -25.37 2.21
CA ARG A 152 24.75 -26.34 1.77
C ARG A 152 24.20 -27.24 0.65
N VAL A 153 23.01 -27.78 0.82
CA VAL A 153 22.52 -28.81 -0.10
C VAL A 153 21.99 -28.24 -1.42
N ILE A 154 21.68 -26.95 -1.43
CA ILE A 154 21.24 -26.33 -2.68
C ILE A 154 22.39 -25.81 -3.55
N GLY A 155 23.62 -25.90 -3.05
CA GLY A 155 24.77 -25.50 -3.85
C GLY A 155 25.11 -24.02 -3.76
N ARG A 156 26.37 -23.69 -4.01
CA ARG A 156 26.88 -22.33 -3.79
C ARG A 156 26.13 -21.26 -4.59
N SER A 157 25.85 -20.14 -3.92
CA SER A 157 25.12 -19.03 -4.54
C SER A 157 25.94 -18.35 -5.64
N TYR A 158 25.23 -17.80 -6.61
CA TYR A 158 25.84 -16.99 -7.66
C TYR A 158 26.74 -15.88 -7.10
N ILE A 159 27.87 -15.67 -7.76
CA ILE A 159 28.80 -14.62 -7.37
C ILE A 159 28.98 -13.65 -8.54
N PRO A 160 28.64 -12.37 -8.33
CA PRO A 160 28.76 -11.34 -9.36
C PRO A 160 30.17 -10.77 -9.45
N PRO A 161 30.49 -10.13 -10.58
CA PRO A 161 31.75 -9.38 -10.72
C PRO A 161 31.71 -8.18 -9.79
N LYS A 162 32.87 -7.71 -9.36
CA LYS A 162 32.90 -6.63 -8.37
C LYS A 162 32.26 -5.33 -8.88
N PHE A 163 32.35 -5.05 -10.18
CA PHE A 163 31.74 -3.81 -10.67
C PHE A 163 30.25 -3.75 -10.34
N ALA A 164 29.63 -4.91 -10.15
CA ALA A 164 28.19 -4.97 -9.88
C ALA A 164 27.84 -4.52 -8.47
N PHE A 165 28.87 -4.22 -7.67
CA PHE A 165 28.63 -3.64 -6.35
C PHE A 165 28.65 -2.13 -6.42
N GLY A 166 28.78 -1.60 -7.62
CA GLY A 166 28.65 -0.17 -7.81
C GLY A 166 27.18 0.23 -7.84
N PHE A 167 26.93 1.45 -8.30
CA PHE A 167 25.57 1.95 -8.48
C PHE A 167 25.18 1.86 -9.95
N GLY A 168 23.91 1.55 -10.19
CA GLY A 168 23.40 1.45 -11.56
C GLY A 168 22.20 2.33 -11.80
N GLN A 169 22.15 2.90 -13.00
CA GLN A 169 21.02 3.72 -13.42
C GLN A 169 20.28 3.06 -14.56
N SER A 170 18.96 3.13 -14.52
CA SER A 170 18.12 2.41 -15.48
C SER A 170 16.81 3.15 -15.70
N ARG A 171 16.24 3.00 -16.89
CA ARG A 171 14.89 3.53 -17.16
C ARG A 171 14.29 2.85 -18.37
N TYR A 172 13.00 2.52 -18.26
CA TYR A 172 12.26 2.05 -19.41
C TYR A 172 12.01 3.30 -20.27
N GLY A 173 12.82 3.45 -21.32
CA GLY A 173 12.73 4.60 -22.19
C GLY A 173 14.05 5.02 -22.83
N TYR A 174 15.19 4.69 -22.22
CA TYR A 174 16.47 5.03 -22.85
C TYR A 174 16.52 4.27 -24.17
N THR A 175 16.77 4.99 -25.25
CA THR A 175 16.67 4.42 -26.60
C THR A 175 17.89 4.74 -27.48
N THR A 176 18.27 6.00 -27.51
CA THR A 176 19.29 6.46 -28.44
C THR A 176 20.65 6.67 -27.76
N LYS A 177 21.70 6.89 -28.54
CA LYS A 177 23.00 7.19 -27.94
C LYS A 177 22.94 8.50 -27.14
N GLU A 178 22.17 9.47 -27.62
CA GLU A 178 22.02 10.72 -26.89
C GLU A 178 21.40 10.51 -25.49
N ASP A 179 20.42 9.60 -25.40
CA ASP A 179 19.82 9.26 -24.10
C ASP A 179 20.86 8.72 -23.13
N PHE A 180 21.69 7.79 -23.60
CA PHE A 180 22.67 7.17 -22.70
C PHE A 180 23.80 8.14 -22.37
N ARG A 181 24.20 8.96 -23.34
CA ARG A 181 25.24 9.96 -23.11
C ARG A 181 24.82 11.01 -22.09
N ALA A 182 23.52 11.29 -22.03
CA ALA A 182 22.98 12.28 -21.10
C ALA A 182 22.98 11.75 -19.67
N VAL A 183 22.73 10.45 -19.53
CA VAL A 183 22.84 9.79 -18.22
C VAL A 183 24.30 9.78 -17.77
N ALA A 184 25.19 9.38 -18.66
CA ALA A 184 26.62 9.37 -18.36
C ALA A 184 27.10 10.75 -17.91
N LYS A 185 26.67 11.77 -18.65
CA LYS A 185 27.09 13.14 -18.38
C LYS A 185 26.48 13.66 -17.09
N GLY A 186 25.19 13.37 -16.89
CA GLY A 186 24.50 13.81 -15.68
C GLY A 186 25.14 13.28 -14.40
N TYR A 187 25.65 12.06 -14.44
CA TYR A 187 26.35 11.50 -13.29
C TYR A 187 27.79 11.97 -13.20
N ARG A 188 28.56 11.76 -14.28
CA ARG A 188 29.99 12.06 -14.24
C ARG A 188 30.31 13.55 -14.02
N GLU A 189 29.52 14.44 -14.62
CA GLU A 189 29.82 15.87 -14.48
C GLU A 189 29.45 16.40 -13.10
N ASN A 190 28.59 15.68 -12.38
CA ASN A 190 28.19 16.06 -11.03
C ASN A 190 28.92 15.22 -9.99
N HIS A 191 29.87 14.42 -10.46
CA HIS A 191 30.72 13.61 -9.60
C HIS A 191 29.95 12.62 -8.74
N ILE A 192 28.82 12.15 -9.24
CA ILE A 192 28.06 11.11 -8.57
C ILE A 192 28.59 9.77 -9.03
N PRO A 193 29.03 8.92 -8.08
CA PRO A 193 29.56 7.60 -8.44
C PRO A 193 28.52 6.75 -9.19
N ILE A 194 29.01 5.94 -10.13
CA ILE A 194 28.14 5.08 -10.93
C ILE A 194 29.02 4.13 -11.72
N ASP A 195 28.55 2.91 -11.96
CA ASP A 195 29.32 1.92 -12.71
C ASP A 195 28.53 1.27 -13.83
N MET A 196 27.21 1.38 -13.78
CA MET A 196 26.35 0.68 -14.74
C MET A 196 25.22 1.54 -15.25
N ILE A 197 24.90 1.39 -16.53
CA ILE A 197 23.66 1.92 -17.09
C ILE A 197 22.96 0.75 -17.77
N TYR A 198 21.72 0.51 -17.40
CA TYR A 198 20.94 -0.60 -17.96
C TYR A 198 20.25 -0.22 -19.25
N MET A 199 20.25 -1.15 -20.21
CA MET A 199 19.53 -0.92 -21.46
C MET A 199 18.25 -1.74 -21.42
N ASP A 200 17.11 -1.06 -21.46
CA ASP A 200 15.83 -1.74 -21.52
C ASP A 200 15.48 -2.05 -22.98
N ILE A 201 14.29 -2.61 -23.20
CA ILE A 201 13.96 -3.26 -24.48
C ILE A 201 14.07 -2.41 -25.75
N ASP A 202 14.14 -1.10 -25.62
CA ASP A 202 14.24 -0.25 -26.81
C ASP A 202 15.58 -0.32 -27.56
N TYR A 203 16.60 -0.96 -26.97
CA TYR A 203 17.89 -1.07 -27.63
C TYR A 203 17.86 -2.11 -28.74
N MET A 204 16.92 -3.04 -28.67
CA MET A 204 16.80 -4.09 -29.68
C MET A 204 16.22 -3.58 -31.01
N GLN A 205 16.38 -4.36 -32.07
CA GLN A 205 15.69 -4.04 -33.30
C GLN A 205 14.29 -4.62 -33.21
N ASP A 206 13.30 -3.74 -33.08
CA ASP A 206 11.90 -4.14 -32.97
C ASP A 206 11.67 -5.23 -31.90
N PHE A 207 12.30 -5.06 -30.74
CA PHE A 207 12.12 -5.99 -29.62
C PHE A 207 12.60 -7.43 -29.90
N LYS A 208 13.48 -7.60 -30.88
CA LYS A 208 14.02 -8.93 -31.18
C LYS A 208 15.22 -9.29 -30.29
N ASP A 209 15.10 -10.36 -29.51
CA ASP A 209 16.21 -10.82 -28.66
C ASP A 209 17.45 -11.05 -29.50
N PHE A 210 18.61 -10.67 -28.97
CA PHE A 210 19.91 -10.89 -29.60
C PHE A 210 20.05 -10.11 -30.91
N THR A 211 19.44 -8.93 -30.94
CA THR A 211 19.68 -7.93 -31.98
C THR A 211 19.95 -6.60 -31.30
N VAL A 212 20.42 -5.65 -32.09
CA VAL A 212 20.59 -4.28 -31.63
C VAL A 212 20.04 -3.38 -32.73
N ASN A 213 19.30 -2.33 -32.35
CA ASN A 213 18.81 -1.36 -33.32
C ASN A 213 19.99 -0.69 -34.02
N GLU A 214 20.24 -1.10 -35.24
CA GLU A 214 21.42 -0.61 -35.95
C GLU A 214 21.25 0.81 -36.50
N LYS A 215 20.03 1.35 -36.51
CA LYS A 215 19.88 2.76 -36.89
C LYS A 215 20.38 3.64 -35.74
N ASN A 216 20.08 3.21 -34.52
CA ASN A 216 20.51 3.96 -33.34
C ASN A 216 21.94 3.63 -32.94
N PHE A 217 22.34 2.37 -33.17
CA PHE A 217 23.68 1.91 -32.82
C PHE A 217 24.34 1.23 -34.01
N PRO A 218 24.78 2.02 -35.00
CA PRO A 218 25.38 1.49 -36.23
C PRO A 218 26.71 0.78 -35.94
N ASP A 219 27.37 1.17 -34.85
CA ASP A 219 28.59 0.52 -34.42
C ASP A 219 28.51 0.31 -32.90
N PHE A 220 27.69 -0.65 -32.49
CA PHE A 220 27.47 -0.91 -31.08
C PHE A 220 28.74 -1.19 -30.26
N PRO A 221 29.70 -1.97 -30.81
CA PRO A 221 30.87 -2.18 -29.95
C PRO A 221 31.65 -0.89 -29.66
N GLU A 222 31.68 0.04 -30.61
CA GLU A 222 32.35 1.31 -30.37
C GLU A 222 31.64 2.09 -29.26
N PHE A 223 30.32 2.02 -29.27
CA PHE A 223 29.56 2.73 -28.24
C PHE A 223 29.73 2.08 -26.87
N VAL A 224 29.76 0.75 -26.85
CA VAL A 224 29.99 0.03 -25.59
C VAL A 224 31.36 0.42 -25.01
N LYS A 225 32.33 0.61 -25.90
CA LYS A 225 33.66 1.03 -25.49
C LYS A 225 33.67 2.48 -25.03
N GLU A 226 32.94 3.35 -25.73
CA GLU A 226 32.82 4.74 -25.33
C GLU A 226 32.34 4.84 -23.89
N MET A 227 31.36 4.01 -23.55
CA MET A 227 30.87 3.96 -22.18
C MET A 227 31.90 3.30 -21.23
N LYS A 228 32.43 2.14 -21.62
CA LYS A 228 33.34 1.41 -20.74
C LYS A 228 34.61 2.19 -20.43
N ASP A 229 35.06 2.99 -21.40
CA ASP A 229 36.21 3.88 -21.20
C ASP A 229 35.99 4.88 -20.07
N GLN A 230 34.72 5.13 -19.72
CA GLN A 230 34.36 5.99 -18.61
C GLN A 230 33.91 5.16 -17.40
N GLU A 231 34.31 3.90 -17.37
CA GLU A 231 33.88 2.96 -16.32
C GLU A 231 32.37 2.89 -16.17
N LEU A 232 31.68 2.88 -17.32
CA LEU A 232 30.25 2.68 -17.38
C LEU A 232 29.98 1.44 -18.22
N ARG A 233 29.45 0.40 -17.58
CA ARG A 233 29.17 -0.85 -18.26
C ARG A 233 27.67 -0.97 -18.60
N LEU A 234 27.37 -1.16 -19.88
CA LEU A 234 25.99 -1.25 -20.33
C LEU A 234 25.44 -2.65 -20.04
N ILE A 235 24.26 -2.71 -19.40
CA ILE A 235 23.65 -3.97 -19.00
C ILE A 235 22.31 -4.19 -19.72
N PRO A 236 22.32 -4.95 -20.82
CA PRO A 236 21.12 -5.06 -21.64
C PRO A 236 20.14 -6.14 -21.16
N ILE A 237 18.88 -5.91 -21.47
CA ILE A 237 17.83 -6.82 -21.06
C ILE A 237 17.61 -7.89 -22.13
N ILE A 238 17.19 -9.08 -21.69
CA ILE A 238 16.78 -10.15 -22.60
C ILE A 238 15.42 -10.66 -22.13
N ASP A 239 14.48 -10.83 -23.06
CA ASP A 239 13.13 -11.30 -22.72
C ASP A 239 12.90 -12.76 -23.10
N ALA A 240 11.91 -13.38 -22.47
CA ALA A 240 11.58 -14.78 -22.74
C ALA A 240 11.08 -15.02 -24.16
N GLY A 241 10.31 -14.08 -24.70
CA GLY A 241 9.66 -14.28 -25.99
C GLY A 241 10.50 -13.90 -27.20
N VAL A 242 10.57 -14.81 -28.18
CA VAL A 242 11.32 -14.60 -29.40
C VAL A 242 10.35 -14.24 -30.51
N LYS A 243 10.51 -13.06 -31.11
CA LYS A 243 9.56 -12.55 -32.10
C LYS A 243 9.36 -13.50 -33.27
N VAL A 244 8.11 -13.69 -33.69
CA VAL A 244 7.84 -14.40 -34.94
C VAL A 244 8.12 -13.44 -36.09
N GLU A 245 9.17 -13.71 -36.86
CA GLU A 245 9.50 -12.87 -37.99
C GLU A 245 10.33 -13.65 -39.00
N LYS A 246 9.87 -13.68 -40.24
CA LYS A 246 10.60 -14.36 -41.32
C LYS A 246 12.00 -13.79 -41.49
N GLY A 247 13.00 -14.66 -41.52
CA GLY A 247 14.36 -14.23 -41.79
C GLY A 247 15.13 -13.79 -40.57
N TYR A 248 14.45 -13.72 -39.42
CA TYR A 248 15.11 -13.46 -38.15
C TYR A 248 15.66 -14.78 -37.61
N GLU A 249 16.98 -14.86 -37.51
CA GLU A 249 17.71 -16.11 -37.26
C GLU A 249 17.29 -16.88 -36.01
N VAL A 250 17.12 -16.19 -34.88
CA VAL A 250 16.70 -16.87 -33.67
C VAL A 250 15.35 -17.57 -33.87
N TYR A 251 14.41 -16.87 -34.50
CA TYR A 251 13.11 -17.45 -34.79
C TYR A 251 13.23 -18.63 -35.76
N GLU A 252 13.98 -18.46 -36.84
CA GLU A 252 14.09 -19.49 -37.85
C GLU A 252 14.75 -20.76 -37.30
N GLU A 253 15.77 -20.58 -36.48
CA GLU A 253 16.46 -21.71 -35.86
C GLU A 253 15.58 -22.45 -34.86
N GLY A 254 14.76 -21.71 -34.13
CA GLY A 254 13.87 -22.29 -33.14
C GLY A 254 12.77 -23.13 -33.77
N VAL A 255 12.21 -22.64 -34.88
CA VAL A 255 11.19 -23.39 -35.60
C VAL A 255 11.78 -24.66 -36.23
N LYS A 256 12.92 -24.51 -36.90
CA LYS A 256 13.53 -25.62 -37.64
C LYS A 256 13.97 -26.76 -36.71
N ASN A 257 14.45 -26.41 -35.52
CA ASN A 257 14.99 -27.40 -34.60
C ASN A 257 14.05 -27.81 -33.49
N ASN A 258 12.82 -27.30 -33.55
CA ASN A 258 11.81 -27.60 -32.54
C ASN A 258 12.25 -27.23 -31.13
N TYR A 259 12.82 -26.04 -31.00
CA TYR A 259 13.30 -25.51 -29.72
C TYR A 259 12.25 -24.69 -28.99
N PHE A 260 11.07 -24.51 -29.58
CA PHE A 260 10.03 -23.70 -28.94
C PHE A 260 9.00 -24.58 -28.23
N CYS A 261 8.33 -24.01 -27.22
CA CYS A 261 7.21 -24.69 -26.59
C CYS A 261 6.09 -24.86 -27.59
N LYS A 262 5.48 -26.04 -27.60
CA LYS A 262 4.44 -26.33 -28.58
C LYS A 262 3.05 -26.50 -28.00
N ARG A 263 2.05 -26.32 -28.86
CA ARG A 263 0.69 -26.66 -28.50
C ARG A 263 0.55 -28.18 -28.48
N GLU A 264 -0.62 -28.66 -28.12
CA GLU A 264 -0.85 -30.10 -28.05
C GLU A 264 -0.64 -30.75 -29.41
N ASP A 265 -0.91 -30.00 -30.48
CA ASP A 265 -0.82 -30.57 -31.82
C ASP A 265 0.57 -30.47 -32.44
N GLY A 266 1.54 -29.96 -31.67
CA GLY A 266 2.91 -29.87 -32.14
C GLY A 266 3.28 -28.56 -32.82
N SER A 267 2.29 -27.69 -33.05
CA SER A 267 2.58 -26.38 -33.63
C SER A 267 3.24 -25.48 -32.58
N ASP A 268 3.99 -24.48 -33.01
CA ASP A 268 4.63 -23.58 -32.05
C ASP A 268 3.63 -22.62 -31.40
N PHE A 269 3.52 -22.67 -30.08
CA PHE A 269 2.57 -21.83 -29.34
C PHE A 269 2.90 -20.35 -29.50
N VAL A 270 1.90 -19.56 -29.90
CA VAL A 270 2.07 -18.12 -30.04
C VAL A 270 1.62 -17.37 -28.78
N ALA A 271 2.54 -16.59 -28.21
CA ALA A 271 2.25 -15.70 -27.10
C ALA A 271 2.57 -14.27 -27.55
N ALA A 272 1.64 -13.34 -27.35
CA ALA A 272 1.97 -11.96 -27.69
C ALA A 272 2.58 -11.25 -26.49
N VAL A 273 3.76 -10.67 -26.71
CA VAL A 273 4.39 -9.82 -25.71
C VAL A 273 4.91 -8.57 -26.44
N TRP A 274 6.01 -7.99 -26.01
CA TRP A 274 6.46 -6.72 -26.63
C TRP A 274 6.63 -6.71 -28.16
N PRO A 275 7.22 -7.77 -28.74
CA PRO A 275 7.37 -7.77 -30.21
C PRO A 275 6.09 -8.09 -30.96
N GLY A 276 4.98 -8.22 -30.26
CA GLY A 276 3.79 -8.80 -30.85
C GLY A 276 3.86 -10.30 -30.67
N ASP A 277 3.47 -11.07 -31.68
CA ASP A 277 3.55 -12.53 -31.61
C ASP A 277 4.96 -13.06 -31.39
N THR A 278 5.11 -13.95 -30.40
CA THR A 278 6.39 -14.62 -30.12
C THR A 278 6.21 -16.12 -29.84
N HIS A 279 7.33 -16.83 -29.83
CA HIS A 279 7.37 -18.20 -29.34
C HIS A 279 8.26 -18.21 -28.11
N PHE A 280 8.04 -19.16 -27.21
CA PHE A 280 8.86 -19.31 -26.02
C PHE A 280 9.86 -20.46 -26.22
N PRO A 281 11.16 -20.18 -26.07
CA PRO A 281 12.14 -21.27 -26.04
C PRO A 281 11.75 -22.28 -24.97
N ASP A 282 11.91 -23.56 -25.29
CA ASP A 282 11.58 -24.63 -24.36
C ASP A 282 12.66 -24.70 -23.29
N MET A 283 12.50 -23.93 -22.21
CA MET A 283 13.57 -23.78 -21.22
C MET A 283 13.86 -25.10 -20.48
N LEU A 284 12.94 -26.05 -20.50
CA LEU A 284 13.16 -27.31 -19.79
C LEU A 284 13.87 -28.36 -20.67
N ASN A 285 14.04 -28.04 -21.94
CA ASN A 285 14.77 -28.94 -22.83
C ASN A 285 16.26 -28.55 -22.91
N PRO A 286 17.13 -29.47 -22.52
CA PRO A 286 18.57 -29.17 -22.42
C PRO A 286 19.14 -28.64 -23.72
N GLU A 287 18.81 -29.28 -24.84
CA GLU A 287 19.28 -28.82 -26.14
C GLU A 287 18.76 -27.41 -26.46
N ALA A 288 17.48 -27.14 -26.15
CA ALA A 288 16.94 -25.81 -26.38
C ALA A 288 17.62 -24.79 -25.45
N ARG A 289 17.89 -25.19 -24.21
CA ARG A 289 18.57 -24.32 -23.26
C ARG A 289 19.95 -23.94 -23.76
N LYS A 290 20.68 -24.90 -24.30
CA LYS A 290 22.04 -24.69 -24.74
C LYS A 290 22.03 -23.72 -25.90
N TRP A 291 21.11 -23.97 -26.83
CA TRP A 291 20.91 -23.08 -27.97
C TRP A 291 20.62 -21.64 -27.55
N PHE A 292 19.66 -21.45 -26.66
CA PHE A 292 19.25 -20.11 -26.26
C PHE A 292 20.39 -19.42 -25.51
N GLY A 293 21.03 -20.13 -24.58
CA GLY A 293 22.13 -19.55 -23.83
C GLY A 293 23.29 -19.13 -24.70
N ASP A 294 23.57 -19.95 -25.72
CA ASP A 294 24.67 -19.65 -26.62
C ASP A 294 24.48 -18.30 -27.32
N LYS A 295 23.23 -17.85 -27.46
CA LYS A 295 22.96 -16.61 -28.20
C LYS A 295 23.52 -15.38 -27.49
N TYR A 296 23.73 -15.48 -26.18
CA TYR A 296 24.33 -14.38 -25.41
C TYR A 296 25.71 -13.99 -25.94
N ARG A 297 26.37 -14.90 -26.66
CA ARG A 297 27.66 -14.61 -27.25
C ARG A 297 27.55 -13.39 -28.18
N PHE A 298 26.37 -13.17 -28.74
CA PHE A 298 26.14 -12.04 -29.64
C PHE A 298 26.49 -10.71 -28.97
N LEU A 299 26.10 -10.57 -27.71
CA LEU A 299 26.35 -9.34 -26.96
C LEU A 299 27.71 -9.36 -26.25
N ILE A 300 28.07 -10.51 -25.70
CA ILE A 300 29.36 -10.67 -25.03
C ILE A 300 30.52 -10.30 -25.97
N ASP A 301 30.44 -10.74 -27.22
CA ASP A 301 31.49 -10.42 -28.19
C ASP A 301 31.56 -8.94 -28.55
N GLN A 302 30.57 -8.17 -28.13
CA GLN A 302 30.54 -6.73 -28.43
C GLN A 302 30.97 -5.92 -27.21
N GLY A 303 31.41 -6.60 -26.16
CA GLY A 303 31.94 -5.91 -24.98
C GLY A 303 30.99 -5.85 -23.79
N ILE A 304 29.87 -6.56 -23.88
CA ILE A 304 28.90 -6.58 -22.78
C ILE A 304 29.32 -7.58 -21.69
N GLU A 305 29.19 -7.20 -20.43
CA GLU A 305 29.64 -8.04 -19.32
C GLU A 305 28.54 -8.37 -18.31
N GLY A 306 27.30 -8.02 -18.65
CA GLY A 306 26.20 -8.27 -17.74
C GLY A 306 24.87 -8.21 -18.45
N PHE A 307 23.85 -8.88 -17.89
CA PHE A 307 22.52 -8.97 -18.48
C PHE A 307 21.45 -9.01 -17.39
N TRP A 308 20.23 -8.64 -17.77
CA TRP A 308 19.05 -8.94 -16.94
C TRP A 308 17.96 -9.62 -17.77
N ASN A 309 17.33 -10.65 -17.20
CA ASN A 309 16.32 -11.45 -17.88
C ASN A 309 14.94 -11.06 -17.34
N ASP A 310 14.02 -10.73 -18.24
CA ASP A 310 12.73 -10.16 -17.85
C ASP A 310 11.59 -10.98 -18.47
N MET A 311 10.37 -10.77 -17.96
CA MET A 311 9.17 -11.38 -18.54
C MET A 311 9.21 -12.91 -18.54
N ASN A 312 9.99 -13.48 -17.62
CA ASN A 312 10.27 -14.92 -17.69
C ASN A 312 9.44 -15.80 -16.78
N GLU A 313 8.24 -15.34 -16.47
CA GLU A 313 7.28 -16.15 -15.73
C GLU A 313 6.81 -17.43 -16.46
N PRO A 314 6.57 -17.37 -17.79
CA PRO A 314 6.64 -16.24 -18.73
C PRO A 314 5.37 -15.39 -18.75
N ALA A 315 5.53 -14.07 -18.84
CA ALA A 315 4.40 -13.18 -18.99
C ALA A 315 3.78 -13.37 -20.37
N ILE A 316 2.46 -13.17 -20.46
CA ILE A 316 1.75 -13.26 -21.75
C ILE A 316 0.70 -12.15 -21.81
N PHE A 317 0.76 -11.29 -22.83
CA PHE A 317 -0.26 -10.23 -22.92
C PHE A 317 -1.56 -10.86 -23.38
N TYR A 318 -1.42 -11.81 -24.31
CA TYR A 318 -2.54 -12.60 -24.81
C TYR A 318 -2.00 -13.68 -25.73
N SER A 319 -2.77 -14.75 -25.88
CA SER A 319 -2.46 -15.77 -26.89
C SER A 319 -3.36 -15.57 -28.09
N SER A 320 -3.07 -16.25 -29.20
CA SER A 320 -3.93 -16.17 -30.37
C SER A 320 -5.33 -16.65 -30.00
N GLU A 321 -5.39 -17.69 -29.18
CA GLU A 321 -6.68 -18.27 -28.77
C GLU A 321 -7.45 -17.28 -27.91
N GLY A 322 -6.76 -16.65 -26.97
CA GLY A 322 -7.39 -15.69 -26.08
C GLY A 322 -7.87 -14.45 -26.81
N LEU A 323 -7.08 -13.97 -27.76
CA LEU A 323 -7.46 -12.77 -28.52
C LEU A 323 -8.71 -13.01 -29.34
N ALA A 324 -8.81 -14.19 -29.95
CA ALA A 324 -9.99 -14.52 -30.75
C ALA A 324 -11.23 -14.53 -29.88
N GLU A 325 -11.12 -15.14 -28.69
CA GLU A 325 -12.24 -15.18 -27.75
C GLU A 325 -12.65 -13.77 -27.37
N ALA A 326 -11.64 -12.95 -27.09
CA ALA A 326 -11.84 -11.55 -26.72
C ALA A 326 -12.59 -10.77 -27.82
N LYS A 327 -12.16 -10.96 -29.07
CA LYS A 327 -12.77 -10.24 -30.18
C LYS A 327 -14.19 -10.71 -30.47
N GLU A 328 -14.44 -12.00 -30.25
CA GLU A 328 -15.79 -12.53 -30.40
C GLU A 328 -16.71 -11.95 -29.34
N PHE A 329 -16.24 -11.92 -28.11
CA PHE A 329 -17.00 -11.34 -27.01
C PHE A 329 -17.29 -9.86 -27.27
N ALA A 330 -16.28 -9.14 -27.74
CA ALA A 330 -16.42 -7.73 -28.06
C ALA A 330 -17.52 -7.50 -29.09
N GLY A 331 -17.61 -8.38 -30.08
CA GLY A 331 -18.63 -8.28 -31.11
C GLY A 331 -20.03 -8.40 -30.54
N GLU A 332 -20.22 -9.35 -29.62
CA GLU A 332 -21.52 -9.51 -28.99
C GLU A 332 -21.86 -8.29 -28.14
N PHE A 333 -20.85 -7.75 -27.46
CA PHE A 333 -21.03 -6.56 -26.64
C PHE A 333 -21.46 -5.41 -27.52
N ALA A 334 -20.76 -5.21 -28.63
CA ALA A 334 -21.01 -4.09 -29.53
C ALA A 334 -22.42 -4.06 -30.10
N LYS A 335 -23.02 -5.22 -30.29
CA LYS A 335 -24.36 -5.29 -30.90
C LYS A 335 -25.48 -5.63 -29.92
N ASP A 336 -25.15 -5.72 -28.64
CA ASP A 336 -26.17 -5.92 -27.61
C ASP A 336 -27.07 -4.70 -27.57
N THR A 337 -28.38 -4.92 -27.47
CA THR A 337 -29.35 -3.83 -27.37
C THR A 337 -30.28 -4.01 -26.19
N GLU A 338 -30.05 -5.08 -25.43
CA GLU A 338 -30.97 -5.47 -24.35
C GLU A 338 -30.35 -5.31 -22.97
N GLY A 339 -29.09 -4.88 -22.93
CA GLY A 339 -28.38 -4.75 -21.67
C GLY A 339 -28.09 -6.11 -21.06
N LYS A 340 -27.75 -7.07 -21.91
CA LYS A 340 -27.47 -8.44 -21.49
C LYS A 340 -25.99 -8.59 -21.20
N ILE A 341 -25.17 -7.84 -21.93
CA ILE A 341 -23.73 -7.86 -21.77
C ILE A 341 -23.24 -6.52 -21.26
N HIS A 342 -22.82 -6.50 -20.00
CA HIS A 342 -22.44 -5.27 -19.34
C HIS A 342 -20.97 -4.90 -19.59
N PRO A 343 -20.66 -3.60 -19.55
CA PRO A 343 -19.30 -3.08 -19.73
C PRO A 343 -18.25 -3.72 -18.83
N TRP A 344 -18.62 -4.13 -17.61
CA TRP A 344 -17.64 -4.76 -16.73
CA TRP A 344 -17.65 -4.77 -16.72
C TRP A 344 -17.37 -6.22 -17.10
N ALA A 345 -18.33 -6.84 -17.77
CA ALA A 345 -18.12 -8.19 -18.29
C ALA A 345 -17.14 -8.12 -19.45
N MET A 346 -17.24 -7.07 -20.24
CA MET A 346 -16.29 -6.82 -21.33
C MET A 346 -14.91 -6.54 -20.75
N GLN A 347 -14.88 -5.68 -19.74
CA GLN A 347 -13.64 -5.32 -19.04
C GLN A 347 -12.99 -6.57 -18.43
N ALA A 348 -13.79 -7.41 -17.79
CA ALA A 348 -13.30 -8.65 -17.19
C ALA A 348 -12.69 -9.58 -18.23
N LYS A 349 -13.32 -9.66 -19.39
CA LYS A 349 -12.79 -10.51 -20.47
C LYS A 349 -11.43 -10.00 -20.95
N MET A 350 -11.31 -8.69 -21.11
CA MET A 350 -10.03 -8.11 -21.51
C MET A 350 -8.91 -8.37 -20.50
N LYS A 351 -9.24 -8.27 -19.21
CA LYS A 351 -8.28 -8.58 -18.16
C LYS A 351 -7.95 -10.07 -18.16
N ASP A 352 -8.96 -10.90 -18.42
CA ASP A 352 -8.82 -12.36 -18.34
C ASP A 352 -7.79 -12.95 -19.32
N ILE A 353 -7.61 -12.30 -20.47
CA ILE A 353 -6.68 -12.85 -21.46
C ILE A 353 -5.21 -12.60 -21.13
N VAL A 354 -4.95 -11.80 -20.10
CA VAL A 354 -3.57 -11.48 -19.73
C VAL A 354 -3.04 -12.45 -18.67
N ASN A 355 -1.89 -13.06 -18.93
CA ASN A 355 -1.32 -14.05 -17.99
C ASN A 355 -2.36 -15.09 -17.59
N SER A 356 -3.08 -15.60 -18.59
CA SER A 356 -4.25 -16.45 -18.38
C SER A 356 -3.87 -17.87 -17.97
N PRO A 357 -4.47 -18.38 -16.89
CA PRO A 357 -4.20 -19.76 -16.46
C PRO A 357 -4.52 -20.76 -17.57
N GLU A 358 -5.51 -20.42 -18.40
CA GLU A 358 -5.85 -21.26 -19.54
C GLU A 358 -4.71 -21.31 -20.55
N ASP A 359 -4.03 -20.17 -20.74
CA ASP A 359 -2.92 -20.13 -21.70
C ASP A 359 -1.78 -21.02 -21.25
N TYR A 360 -1.53 -21.05 -19.93
CA TYR A 360 -0.48 -21.90 -19.39
C TYR A 360 -0.82 -23.39 -19.48
N LYS A 361 -2.07 -23.70 -19.86
CA LYS A 361 -2.44 -25.09 -20.10
C LYS A 361 -2.38 -25.43 -21.58
N ARG A 362 -2.05 -24.45 -22.41
CA ARG A 362 -2.09 -24.61 -23.87
C ARG A 362 -0.76 -24.95 -24.52
N PHE A 363 0.33 -24.87 -23.75
CA PHE A 363 1.63 -25.25 -24.29
C PHE A 363 2.41 -26.24 -23.42
N TYR A 364 3.41 -26.88 -24.01
CA TYR A 364 4.09 -28.02 -23.41
C TYR A 364 5.60 -27.90 -23.50
N HIS A 365 6.28 -28.59 -22.60
CA HIS A 365 7.74 -28.73 -22.65
C HIS A 365 8.14 -30.14 -23.07
N ASN A 366 9.25 -30.25 -23.78
CA ASN A 366 9.79 -31.52 -24.24
C ASN A 366 10.94 -31.95 -23.34
N VAL A 367 10.65 -32.82 -22.37
CA VAL A 367 11.65 -33.32 -21.43
C VAL A 367 11.74 -34.84 -21.51
N ASN A 368 12.93 -35.35 -21.81
CA ASN A 368 13.18 -36.78 -21.93
C ASN A 368 12.22 -37.46 -22.91
N GLY A 369 11.94 -36.79 -24.02
CA GLY A 369 11.04 -37.34 -25.02
C GLY A 369 9.59 -37.34 -24.58
N LYS A 370 9.33 -36.78 -23.40
CA LYS A 370 7.98 -36.73 -22.84
C LYS A 370 7.45 -35.31 -22.92
N LYS A 371 6.17 -35.18 -23.26
CA LYS A 371 5.51 -33.87 -23.29
C LYS A 371 4.91 -33.56 -21.92
N ILE A 372 5.30 -32.43 -21.34
CA ILE A 372 4.71 -32.01 -20.07
C ILE A 372 4.01 -30.66 -20.22
N ARG A 373 2.74 -30.61 -19.82
CA ARG A 373 1.96 -29.39 -19.95
C ARG A 373 2.56 -28.32 -19.03
N HIS A 374 2.63 -27.08 -19.51
CA HIS A 374 3.43 -26.06 -18.85
C HIS A 374 2.97 -25.74 -17.42
N ASP A 375 1.66 -25.76 -17.20
CA ASP A 375 1.15 -25.43 -15.86
C ASP A 375 1.74 -26.35 -14.79
N LYS A 376 2.06 -27.59 -15.18
CA LYS A 376 2.58 -28.58 -14.24
C LYS A 376 4.02 -28.31 -13.81
N VAL A 377 4.73 -27.49 -14.59
CA VAL A 377 6.11 -27.14 -14.29
C VAL A 377 6.31 -25.63 -14.39
N HIS A 378 5.23 -24.87 -14.18
CA HIS A 378 5.20 -23.43 -14.44
C HIS A 378 6.35 -22.69 -13.74
N ASN A 379 6.59 -23.03 -12.48
CA ASN A 379 7.54 -22.25 -11.69
C ASN A 379 9.02 -22.47 -12.04
N LEU A 380 9.28 -23.32 -13.02
CA LEU A 380 10.65 -23.62 -13.40
C LEU A 380 11.11 -22.81 -14.61
N PHE A 381 10.22 -22.01 -15.19
CA PHE A 381 10.56 -21.39 -16.46
C PHE A 381 11.65 -20.34 -16.33
N GLY A 382 11.44 -19.37 -15.44
CA GLY A 382 12.40 -18.30 -15.26
C GLY A 382 13.74 -18.83 -14.78
N TYR A 383 13.66 -19.79 -13.86
CA TYR A 383 14.81 -20.53 -13.36
C TYR A 383 15.64 -21.08 -14.52
N ASN A 384 15.00 -21.86 -15.39
CA ASN A 384 15.75 -22.49 -16.46
C ASN A 384 16.24 -21.53 -17.55
N MET A 385 15.53 -20.41 -17.73
CA MET A 385 16.01 -19.37 -18.64
C MET A 385 17.34 -18.81 -18.16
N THR A 386 17.42 -18.53 -16.86
CA THR A 386 18.63 -17.97 -16.29
C THR A 386 19.74 -19.01 -16.20
N ARG A 387 19.36 -20.26 -15.95
CA ARG A 387 20.30 -21.38 -16.01
C ARG A 387 20.91 -21.50 -17.40
N ALA A 388 20.09 -21.31 -18.42
CA ALA A 388 20.57 -21.37 -19.79
C ALA A 388 21.70 -20.37 -20.01
N ALA A 389 21.48 -19.14 -19.54
CA ALA A 389 22.47 -18.08 -19.68
C ALA A 389 23.72 -18.39 -18.86
N GLY A 390 23.51 -18.72 -17.58
CA GLY A 390 24.63 -19.04 -16.71
C GLY A 390 25.50 -20.17 -17.24
N GLU A 391 24.87 -21.24 -17.70
CA GLU A 391 25.62 -22.37 -18.23
C GLU A 391 26.39 -21.99 -19.49
N ALA A 392 25.82 -21.08 -20.27
CA ALA A 392 26.48 -20.59 -21.48
C ALA A 392 27.71 -19.75 -21.16
N PHE A 393 27.63 -18.92 -20.11
CA PHE A 393 28.76 -18.07 -19.72
C PHE A 393 30.00 -18.91 -19.41
N GLU A 394 29.80 -20.08 -18.81
CA GLU A 394 30.91 -20.96 -18.46
C GLU A 394 31.57 -21.57 -19.68
N ARG A 395 30.76 -21.83 -20.71
CA ARG A 395 31.30 -22.34 -21.96
C ARG A 395 32.01 -21.23 -22.73
N ILE A 396 31.45 -20.03 -22.66
CA ILE A 396 31.93 -18.91 -23.46
C ILE A 396 33.24 -18.34 -22.93
N ASP A 397 33.30 -18.12 -21.61
CA ASP A 397 34.50 -17.60 -20.96
C ASP A 397 34.53 -18.09 -19.50
N PRO A 398 35.09 -19.30 -19.26
CA PRO A 398 34.97 -19.86 -17.92
C PRO A 398 35.77 -19.12 -16.83
N GLU A 399 36.73 -18.30 -17.22
CA GLU A 399 37.51 -17.55 -16.23
C GLU A 399 36.73 -16.36 -15.65
N LYS A 400 35.69 -15.92 -16.34
CA LYS A 400 35.08 -14.62 -16.05
C LYS A 400 33.70 -14.66 -15.40
N ARG A 401 33.49 -13.77 -14.44
CA ARG A 401 32.15 -13.55 -13.87
C ARG A 401 31.35 -12.54 -14.69
N PHE A 402 30.08 -12.83 -14.95
CA PHE A 402 29.21 -11.87 -15.60
C PHE A 402 28.14 -11.44 -14.61
N LEU A 403 27.67 -10.21 -14.73
CA LEU A 403 26.51 -9.78 -13.96
C LEU A 403 25.28 -10.43 -14.56
N MET A 404 24.45 -11.05 -13.73
CA MET A 404 23.24 -11.70 -14.24
C MET A 404 22.16 -11.72 -13.16
N PHE A 405 20.99 -11.20 -13.48
CA PHE A 405 19.85 -11.39 -12.59
C PHE A 405 18.53 -11.48 -13.35
N SER A 406 17.52 -12.01 -12.66
CA SER A 406 16.28 -12.43 -13.33
C SER A 406 15.08 -11.99 -12.52
N ARG A 407 13.92 -11.87 -13.19
CA ARG A 407 12.72 -11.48 -12.47
C ARG A 407 12.08 -12.67 -11.77
N SER A 408 11.72 -13.69 -12.55
CA SER A 408 11.11 -14.89 -11.99
C SER A 408 12.17 -15.92 -11.63
N SER A 409 11.91 -16.70 -10.58
CA SER A 409 12.90 -17.67 -10.12
C SER A 409 12.30 -18.80 -9.28
N TYR A 410 13.11 -19.83 -9.05
CA TYR A 410 12.75 -20.97 -8.21
C TYR A 410 14.08 -21.38 -7.60
N ILE A 411 14.05 -21.99 -6.41
CA ILE A 411 15.29 -22.39 -5.73
C ILE A 411 16.09 -23.33 -6.63
N GLY A 412 17.39 -23.07 -6.75
CA GLY A 412 18.19 -23.72 -7.77
C GLY A 412 18.73 -22.67 -8.73
N MET A 413 17.90 -21.69 -9.06
CA MET A 413 18.34 -20.60 -9.92
C MET A 413 19.37 -19.72 -9.24
N HIS A 414 19.39 -19.74 -7.91
CA HIS A 414 20.33 -18.93 -7.14
C HIS A 414 21.79 -19.25 -7.48
N ARG A 415 22.02 -20.38 -8.15
CA ARG A 415 23.39 -20.77 -8.52
C ARG A 415 23.89 -20.01 -9.75
N TYR A 416 22.95 -19.44 -10.52
CA TYR A 416 23.26 -18.92 -11.86
C TYR A 416 23.09 -17.40 -12.00
N GLY A 417 22.30 -16.80 -11.12
CA GLY A 417 22.05 -15.38 -11.20
C GLY A 417 21.34 -14.88 -9.97
N GLY A 418 21.26 -13.56 -9.84
CA GLY A 418 20.53 -12.96 -8.74
C GLY A 418 19.11 -12.68 -9.17
N ILE A 419 18.35 -11.95 -8.37
CA ILE A 419 17.04 -11.47 -8.82
C ILE A 419 16.87 -10.02 -8.42
N TRP A 420 16.04 -9.29 -9.16
CA TRP A 420 15.60 -8.00 -8.64
C TRP A 420 14.13 -8.14 -8.25
N MET A 421 13.67 -7.32 -7.33
CA MET A 421 12.33 -7.50 -6.77
C MET A 421 11.17 -7.06 -7.65
N GLY A 422 11.42 -6.90 -8.94
CA GLY A 422 10.35 -6.65 -9.90
C GLY A 422 9.76 -5.26 -9.86
N ASP A 423 8.50 -5.17 -10.27
CA ASP A 423 7.84 -3.90 -10.45
C ASP A 423 7.23 -3.40 -9.15
N ASN A 424 8.06 -2.75 -8.35
CA ASN A 424 7.54 -2.08 -7.16
C ASN A 424 6.99 -0.72 -7.55
N LYS A 425 6.72 0.12 -6.55
CA LYS A 425 6.13 1.43 -6.79
C LYS A 425 6.86 2.50 -6.00
N SER A 426 6.71 3.75 -6.43
CA SER A 426 7.23 4.87 -5.67
C SER A 426 6.33 5.09 -4.45
N TRP A 427 6.32 4.09 -3.57
CA TRP A 427 5.58 4.15 -2.32
C TRP A 427 6.56 4.02 -1.16
N TRP A 428 6.32 4.77 -0.09
CA TRP A 428 7.17 4.64 1.08
C TRP A 428 7.11 3.23 1.64
N SER A 429 5.95 2.58 1.55
CA SER A 429 5.81 1.24 2.10
C SER A 429 6.69 0.23 1.36
N HIS A 430 7.13 0.56 0.15
CA HIS A 430 7.98 -0.37 -0.60
C HIS A 430 9.45 -0.32 -0.19
N ILE A 431 9.83 0.72 0.53
CA ILE A 431 11.16 0.71 1.16
C ILE A 431 11.17 -0.41 2.20
N LEU A 432 10.12 -0.47 3.02
CA LEU A 432 10.01 -1.53 4.02
C LEU A 432 9.87 -2.91 3.38
N LEU A 433 9.09 -3.00 2.30
CA LEU A 433 8.96 -4.26 1.56
C LEU A 433 10.31 -4.73 1.04
N ASN A 434 11.09 -3.81 0.46
CA ASN A 434 12.45 -4.11 0.00
C ASN A 434 13.26 -4.68 1.15
N LEU A 435 13.19 -4.03 2.31
CA LEU A 435 14.00 -4.46 3.45
C LEU A 435 13.63 -5.86 3.91
N LYS A 436 12.33 -6.13 4.06
CA LYS A 436 11.88 -7.39 4.63
C LYS A 436 12.12 -8.59 3.74
N MET A 437 12.11 -8.39 2.43
CA MET A 437 12.39 -9.47 1.49
C MET A 437 13.83 -9.96 1.56
N LEU A 438 14.75 -9.12 2.03
CA LEU A 438 16.18 -9.44 1.95
C LEU A 438 16.63 -10.69 2.72
N PRO A 439 16.29 -10.80 4.02
CA PRO A 439 16.76 -11.99 4.73
C PRO A 439 16.11 -13.26 4.20
N SER A 440 14.85 -13.18 3.85
CA SER A 440 14.13 -14.33 3.30
C SER A 440 14.78 -14.85 2.04
N LEU A 441 15.18 -13.94 1.15
CA LEU A 441 15.88 -14.32 -0.07
C LEU A 441 17.21 -14.98 0.23
N ASN A 442 17.95 -14.41 1.19
CA ASN A 442 19.22 -15.01 1.63
C ASN A 442 19.04 -16.43 2.14
N MET A 443 17.93 -16.70 2.82
CA MET A 443 17.67 -18.05 3.33
C MET A 443 17.54 -19.07 2.21
N CYS A 444 17.06 -18.61 1.06
CA CYS A 444 16.81 -19.48 -0.07
C CYS A 444 17.94 -19.44 -1.10
N GLY A 445 19.05 -18.79 -0.77
CA GLY A 445 20.23 -18.81 -1.62
C GLY A 445 20.46 -17.58 -2.48
N PHE A 446 19.48 -16.67 -2.52
CA PHE A 446 19.56 -15.50 -3.38
C PHE A 446 20.16 -14.31 -2.64
N MET A 447 21.47 -14.14 -2.79
CA MET A 447 22.21 -13.12 -2.06
C MET A 447 22.32 -11.82 -2.87
N TYR A 448 22.51 -11.94 -4.18
CA TYR A 448 22.64 -10.77 -5.01
C TYR A 448 21.25 -10.30 -5.39
N THR A 449 20.74 -9.33 -4.64
CA THR A 449 19.37 -8.93 -4.81
C THR A 449 19.15 -7.47 -4.42
N GLY A 450 18.04 -6.91 -4.86
CA GLY A 450 17.69 -5.55 -4.55
C GLY A 450 16.41 -5.14 -5.25
N ALA A 451 15.95 -3.93 -4.98
CA ALA A 451 14.70 -3.44 -5.54
C ALA A 451 14.93 -2.22 -6.41
N ASP A 452 13.95 -1.88 -7.23
CA ASP A 452 14.04 -0.66 -8.06
C ASP A 452 14.01 0.55 -7.16
N LEU A 453 15.17 1.17 -6.96
CA LEU A 453 15.31 2.26 -5.99
C LEU A 453 14.57 3.52 -6.47
N GLY A 454 13.77 4.10 -5.58
CA GLY A 454 12.93 5.22 -5.93
C GLY A 454 11.55 4.74 -6.29
N GLY A 455 11.46 3.46 -6.63
CA GLY A 455 10.22 2.85 -7.03
C GLY A 455 10.07 2.83 -8.55
N PHE A 456 9.72 1.66 -9.08
CA PHE A 456 9.49 1.50 -10.52
C PHE A 456 8.28 2.28 -11.01
N GLY A 457 7.09 1.87 -10.57
CA GLY A 457 5.85 2.47 -11.05
C GLY A 457 5.51 3.78 -10.35
N ASP A 458 4.62 4.57 -10.96
CA ASP A 458 4.15 5.83 -10.39
C ASP A 458 5.26 6.87 -10.27
N ASP A 459 4.96 7.99 -9.60
CA ASP A 459 5.88 9.13 -9.54
C ASP A 459 6.61 9.26 -8.20
N THR A 460 7.94 9.28 -8.25
CA THR A 460 8.74 9.41 -7.04
C THR A 460 8.81 10.87 -6.60
N THR A 461 9.38 11.10 -5.43
CA THR A 461 9.72 12.45 -4.98
C THR A 461 11.18 12.46 -4.55
N ARG A 462 11.75 13.65 -4.43
CA ARG A 462 13.17 13.80 -4.10
C ARG A 462 13.54 13.04 -2.83
N ASP A 463 12.72 13.20 -1.80
CA ASP A 463 12.96 12.57 -0.49
C ASP A 463 12.73 11.06 -0.49
N LEU A 464 11.75 10.59 -1.26
CA LEU A 464 11.56 9.14 -1.34
C LEU A 464 12.77 8.49 -2.00
N LEU A 465 13.27 9.10 -3.07
CA LEU A 465 14.45 8.54 -3.76
C LEU A 465 15.65 8.52 -2.83
N LEU A 466 15.87 9.60 -2.10
CA LEU A 466 17.00 9.63 -1.18
C LEU A 466 16.92 8.53 -0.10
N ARG A 467 15.73 8.33 0.48
CA ARG A 467 15.58 7.28 1.50
C ARG A 467 15.70 5.90 0.85
N PHE A 468 15.17 5.75 -0.35
CA PHE A 468 15.35 4.50 -1.09
C PHE A 468 16.84 4.25 -1.32
N LEU A 469 17.56 5.26 -1.80
CA LEU A 469 19.00 5.08 -2.04
C LEU A 469 19.76 4.68 -0.79
N ALA A 470 19.35 5.19 0.36
CA ALA A 470 20.05 4.92 1.62
C ALA A 470 19.89 3.48 2.09
N LEU A 471 18.80 2.82 1.69
CA LEU A 471 18.69 1.38 1.93
C LEU A 471 19.50 0.65 0.87
N GLY A 472 19.43 1.18 -0.36
CA GLY A 472 20.12 0.59 -1.49
C GLY A 472 21.63 0.51 -1.28
N VAL A 473 22.16 1.42 -0.46
CA VAL A 473 23.59 1.42 -0.10
C VAL A 473 24.07 0.04 0.32
N PHE A 474 23.19 -0.69 0.99
CA PHE A 474 23.55 -1.97 1.59
C PHE A 474 23.14 -3.22 0.78
N THR A 475 22.27 -3.05 -0.21
CA THR A 475 21.79 -4.18 -1.00
C THR A 475 22.75 -4.44 -2.17
N PRO A 476 23.17 -5.70 -2.37
CA PRO A 476 24.17 -5.98 -3.41
C PRO A 476 23.78 -5.40 -4.76
N LEU A 477 22.51 -5.55 -5.16
CA LEU A 477 22.03 -4.83 -6.33
C LEU A 477 21.57 -3.44 -5.89
N MET A 478 22.23 -2.41 -6.41
CA MET A 478 21.87 -1.04 -6.10
C MET A 478 21.55 -0.36 -7.40
N ARG A 479 20.26 -0.31 -7.74
CA ARG A 479 19.84 0.18 -9.05
C ARG A 479 18.62 1.06 -8.95
N ASP A 480 18.74 2.27 -9.47
CA ASP A 480 17.63 3.20 -9.66
C ASP A 480 16.98 2.87 -11.01
N HIS A 481 15.72 2.43 -10.98
CA HIS A 481 15.00 2.08 -12.20
C HIS A 481 13.57 2.64 -12.17
N ALA A 482 13.05 3.00 -13.34
CA ALA A 482 11.74 3.67 -13.42
C ALA A 482 10.96 3.25 -14.66
N ALA A 483 9.63 3.24 -14.53
CA ALA A 483 8.73 2.82 -15.60
C ALA A 483 8.54 3.91 -16.62
N GLU A 484 8.04 3.54 -17.79
CA GLU A 484 7.78 4.50 -18.85
C GLU A 484 6.73 5.50 -18.39
N GLY A 485 6.89 6.75 -18.84
CA GLY A 485 5.93 7.78 -18.51
C GLY A 485 6.00 8.34 -17.09
N THR A 486 6.90 7.80 -16.27
CA THR A 486 7.01 8.29 -14.89
C THR A 486 7.87 9.55 -14.81
N ARG A 487 7.72 10.29 -13.73
CA ARG A 487 8.61 11.41 -13.45
C ARG A 487 10.07 10.95 -13.51
N GLU A 488 10.93 11.74 -14.13
CA GLU A 488 12.33 11.35 -14.25
C GLU A 488 13.01 11.20 -12.90
N GLN A 489 13.79 10.12 -12.76
CA GLN A 489 14.18 9.60 -11.46
C GLN A 489 15.70 9.51 -11.32
N GLU A 490 16.44 9.94 -12.35
CA GLU A 490 17.90 10.01 -12.26
C GLU A 490 18.28 10.99 -11.14
N CYS A 491 19.39 10.75 -10.46
CA CYS A 491 19.79 11.61 -9.35
C CYS A 491 19.97 13.10 -9.73
N TYR A 492 20.35 13.37 -10.97
CA TYR A 492 20.63 14.74 -11.37
C TYR A 492 19.37 15.53 -11.73
N GLN A 493 18.20 14.92 -11.52
CA GLN A 493 16.91 15.53 -11.90
C GLN A 493 16.23 16.22 -10.72
N PHE A 494 16.96 16.43 -9.65
CA PHE A 494 16.41 17.05 -8.45
C PHE A 494 17.31 18.18 -7.97
N GLU A 495 16.76 19.10 -7.18
CA GLU A 495 17.56 20.20 -6.65
C GLU A 495 18.59 19.66 -5.64
N ASN A 496 19.61 20.47 -5.34
CA ASN A 496 20.61 20.12 -4.32
C ASN A 496 21.21 18.74 -4.53
N ILE A 497 21.86 18.57 -5.69
CA ILE A 497 22.36 17.29 -6.12
C ILE A 497 23.43 16.74 -5.17
N GLU A 498 24.07 17.62 -4.42
CA GLU A 498 25.08 17.21 -3.44
C GLU A 498 24.60 16.15 -2.45
N ASP A 499 23.31 16.13 -2.13
CA ASP A 499 22.75 15.12 -1.22
C ASP A 499 22.75 13.73 -1.86
N PHE A 500 22.52 13.66 -3.16
CA PHE A 500 22.61 12.39 -3.88
C PHE A 500 24.06 11.93 -3.94
N ARG A 501 24.98 12.84 -4.19
CA ARG A 501 26.40 12.52 -4.21
C ARG A 501 26.80 11.96 -2.85
N SER A 502 26.26 12.56 -1.78
CA SER A 502 26.58 12.11 -0.43
C SER A 502 26.13 10.69 -0.15
N VAL A 503 24.90 10.36 -0.53
CA VAL A 503 24.35 9.05 -0.23
C VAL A 503 25.04 7.96 -1.05
N ILE A 504 25.23 8.21 -2.33
CA ILE A 504 25.90 7.25 -3.18
C ILE A 504 27.40 7.18 -2.86
N ASN A 505 27.96 8.28 -2.35
CA ASN A 505 29.34 8.20 -1.83
C ASN A 505 29.44 7.18 -0.73
N ALA A 506 28.42 7.11 0.12
CA ALA A 506 28.45 6.17 1.25
C ALA A 506 28.53 4.75 0.73
N ARG A 507 27.77 4.46 -0.32
CA ARG A 507 27.83 3.15 -0.96
C ARG A 507 29.26 2.82 -1.35
N TYR A 508 29.90 3.73 -2.07
CA TYR A 508 31.23 3.45 -2.59
C TYR A 508 32.30 3.36 -1.49
N ARG A 509 32.08 4.04 -0.38
CA ARG A 509 33.03 3.95 0.72
C ARG A 509 32.92 2.59 1.38
N LEU A 510 31.74 1.99 1.26
CA LEU A 510 31.41 0.73 1.94
C LEU A 510 31.61 -0.48 1.03
N VAL A 511 31.91 -0.23 -0.24
CA VAL A 511 32.07 -1.32 -1.22
C VAL A 511 33.10 -2.39 -0.80
N PRO A 512 34.31 -2.00 -0.35
CA PRO A 512 35.23 -3.05 0.09
C PRO A 512 34.65 -3.92 1.20
N TYR A 513 33.97 -3.32 2.19
CA TYR A 513 33.39 -4.11 3.27
C TYR A 513 32.23 -4.99 2.76
N LEU A 514 31.33 -4.39 1.99
CA LEU A 514 30.16 -5.12 1.54
C LEU A 514 30.53 -6.26 0.59
N TYR A 515 31.48 -6.00 -0.30
CA TYR A 515 31.94 -7.03 -1.22
C TYR A 515 32.59 -8.14 -0.43
N SER A 516 33.40 -7.76 0.56
CA SER A 516 34.09 -8.73 1.39
C SER A 516 33.11 -9.64 2.11
N GLU A 517 32.07 -9.05 2.72
CA GLU A 517 31.07 -9.86 3.39
C GLU A 517 30.28 -10.74 2.42
N TYR A 518 29.99 -10.22 1.24
CA TYR A 518 29.27 -11.01 0.26
C TYR A 518 30.08 -12.25 -0.09
N MET A 519 31.37 -12.05 -0.36
CA MET A 519 32.20 -13.15 -0.80
C MET A 519 32.36 -14.16 0.32
N LYS A 520 32.57 -13.70 1.55
CA LYS A 520 32.76 -14.63 2.65
C LYS A 520 31.49 -15.45 2.89
N ALA A 521 30.33 -14.81 2.76
CA ALA A 521 29.07 -15.52 2.90
C ALA A 521 28.84 -16.48 1.73
N ALA A 522 29.04 -16.01 0.51
CA ALA A 522 28.83 -16.88 -0.66
C ALA A 522 29.73 -18.11 -0.62
N LEU A 523 31.02 -17.90 -0.39
CA LEU A 523 31.98 -19.00 -0.40
C LEU A 523 31.75 -20.00 0.73
N ASN A 524 31.07 -19.56 1.78
CA ASN A 524 30.85 -20.41 2.96
C ASN A 524 29.40 -20.81 3.18
N ASP A 525 28.56 -20.60 2.16
CA ASP A 525 27.13 -20.94 2.21
C ASP A 525 26.45 -20.31 3.43
N ASP A 526 26.72 -19.03 3.66
CA ASP A 526 26.18 -18.32 4.81
C ASP A 526 25.36 -17.12 4.32
N MET A 527 24.72 -16.42 5.23
CA MET A 527 23.85 -15.31 4.86
C MET A 527 24.57 -13.95 4.87
N TYR A 528 24.21 -13.08 3.93
CA TYR A 528 24.70 -11.70 3.92
C TYR A 528 23.82 -10.84 4.84
N PHE A 529 22.51 -10.91 4.65
CA PHE A 529 21.54 -10.28 5.57
C PHE A 529 20.92 -11.32 6.45
N LYS A 530 20.70 -11.00 7.73
CA LYS A 530 20.10 -11.94 8.66
C LYS A 530 19.07 -11.19 9.52
N PRO A 531 17.97 -11.87 9.85
CA PRO A 531 17.06 -11.27 10.84
C PRO A 531 17.76 -11.22 12.20
N LEU A 532 17.35 -10.27 13.04
CA LEU A 532 17.97 -10.14 14.34
C LEU A 532 17.91 -11.42 15.17
N GLY A 533 16.85 -12.19 14.98
CA GLY A 533 16.64 -13.41 15.76
C GLY A 533 17.67 -14.48 15.50
N PHE A 534 18.29 -14.45 14.32
CA PHE A 534 19.37 -15.40 14.00
C PHE A 534 20.66 -15.08 14.75
N VAL A 535 20.83 -13.80 15.10
CA VAL A 535 22.06 -13.35 15.73
C VAL A 535 21.89 -13.27 17.26
N TYR A 536 20.66 -12.96 17.69
CA TYR A 536 20.38 -12.83 19.11
C TYR A 536 19.20 -13.73 19.50
N PRO A 537 19.38 -15.06 19.35
CA PRO A 537 18.27 -16.01 19.50
C PRO A 537 17.63 -16.04 20.89
N ASP A 538 18.35 -15.55 21.91
CA ASP A 538 17.87 -15.63 23.29
C ASP A 538 17.20 -14.34 23.75
N ASP A 539 17.02 -13.41 22.83
CA ASP A 539 16.44 -12.11 23.17
C ASP A 539 15.04 -12.03 22.55
N LYS A 540 14.00 -12.15 23.39
CA LYS A 540 12.61 -12.20 22.92
C LYS A 540 12.17 -10.94 22.18
N MET A 541 12.82 -9.83 22.51
CA MET A 541 12.52 -8.57 21.82
C MET A 541 13.16 -8.60 20.44
N ALA A 542 14.40 -9.09 20.40
CA ALA A 542 15.16 -9.13 19.16
C ALA A 542 14.54 -10.03 18.09
N ILE A 543 14.01 -11.17 18.51
CA ILE A 543 13.51 -12.13 17.53
C ILE A 543 12.28 -11.61 16.79
N ARG A 544 11.63 -10.59 17.34
CA ARG A 544 10.43 -10.03 16.70
C ARG A 544 10.66 -8.73 15.95
N VAL A 545 11.91 -8.24 15.93
CA VAL A 545 12.23 -7.04 15.16
C VAL A 545 12.19 -7.36 13.68
N GLU A 546 11.48 -6.56 12.90
CA GLU A 546 11.39 -6.82 11.46
C GLU A 546 11.84 -5.65 10.56
N ASP A 547 12.21 -4.52 11.15
CA ASP A 547 12.60 -3.37 10.34
C ASP A 547 14.05 -2.96 10.58
N GLN A 548 14.83 -3.94 11.05
CA GLN A 548 16.29 -3.85 11.14
C GLN A 548 16.84 -5.19 10.68
N LEU A 549 18.04 -5.18 10.11
CA LEU A 549 18.70 -6.40 9.65
C LEU A 549 20.15 -6.41 10.12
N MET A 550 20.68 -7.59 10.39
CA MET A 550 22.11 -7.71 10.62
C MET A 550 22.78 -7.99 9.28
N LEU A 551 23.98 -7.43 9.07
CA LEU A 551 24.70 -7.68 7.82
C LEU A 551 26.07 -8.22 8.20
N GLY A 552 26.45 -9.35 7.61
CA GLY A 552 27.70 -10.02 7.96
C GLY A 552 27.73 -10.33 9.44
N ASN A 553 28.88 -10.14 10.08
CA ASN A 553 28.97 -10.31 11.52
C ASN A 553 29.40 -9.02 12.22
N GLU A 554 29.30 -7.90 11.52
CA GLU A 554 29.86 -6.65 12.03
C GLU A 554 28.86 -5.53 12.28
N ILE A 555 27.80 -5.47 11.46
CA ILE A 555 26.92 -4.31 11.53
C ILE A 555 25.43 -4.65 11.53
N MET A 556 24.63 -3.62 11.82
CA MET A 556 23.18 -3.71 11.74
C MET A 556 22.70 -2.50 10.97
N ILE A 557 21.72 -2.69 10.10
CA ILE A 557 21.13 -1.57 9.38
C ILE A 557 19.70 -1.33 9.86
N ALA A 558 19.23 -0.10 9.71
CA ALA A 558 17.91 0.30 10.19
C ALA A 558 17.51 1.55 9.40
N PRO A 559 16.99 1.34 8.20
CA PRO A 559 16.71 2.48 7.31
C PRO A 559 15.49 3.27 7.76
N VAL A 560 15.46 4.55 7.45
CA VAL A 560 14.26 5.35 7.67
C VAL A 560 13.32 5.09 6.51
N TYR A 561 12.06 4.77 6.81
CA TYR A 561 11.10 4.47 5.75
C TYR A 561 9.75 5.20 5.91
N GLU A 562 9.75 6.28 6.66
CA GLU A 562 8.54 7.11 6.81
C GLU A 562 8.76 8.48 6.19
N GLN A 563 7.79 8.98 5.42
CA GLN A 563 7.90 10.31 4.80
C GLN A 563 7.93 11.38 5.89
N ASN A 564 8.77 12.39 5.68
CA ASN A 564 8.90 13.54 6.60
C ASN A 564 9.57 13.21 7.92
N ALA A 565 9.96 11.95 8.10
CA ALA A 565 10.63 11.56 9.35
C ALA A 565 12.05 12.11 9.42
N ARG A 566 12.48 12.43 10.63
CA ARG A 566 13.84 12.93 10.82
C ARG A 566 14.65 11.96 11.67
N GLY A 567 14.13 10.75 11.81
CA GLY A 567 14.78 9.73 12.62
C GLY A 567 13.83 8.56 12.75
N ARG A 568 14.18 7.58 13.60
CA ARG A 568 13.32 6.44 13.79
C ARG A 568 13.69 5.71 15.06
N TYR A 569 12.79 4.86 15.55
CA TYR A 569 13.08 4.01 16.70
C TYR A 569 13.92 2.82 16.28
N VAL A 570 14.81 2.39 17.17
CA VAL A 570 15.58 1.17 16.96
C VAL A 570 15.67 0.39 18.26
N TYR A 571 15.85 -0.91 18.16
CA TYR A 571 16.15 -1.73 19.33
C TYR A 571 17.53 -2.32 19.15
N LEU A 572 18.44 -2.03 20.08
CA LEU A 572 19.79 -2.60 20.04
C LEU A 572 19.89 -3.78 20.99
N PRO A 573 20.18 -4.98 20.46
CA PRO A 573 20.29 -6.17 21.30
C PRO A 573 21.63 -6.26 22.04
N GLU A 574 22.57 -5.37 21.72
CA GLU A 574 23.83 -5.26 22.47
C GLU A 574 24.33 -3.84 22.28
N GLU A 575 25.36 -3.44 23.02
CA GLU A 575 25.94 -2.11 22.81
C GLU A 575 26.46 -2.03 21.38
N MET A 576 26.25 -0.88 20.73
CA MET A 576 26.73 -0.68 19.37
C MET A 576 27.18 0.77 19.18
N LYS A 577 28.01 1.00 18.17
CA LYS A 577 28.33 2.38 17.76
C LYS A 577 27.40 2.80 16.64
N PHE A 578 26.60 3.82 16.90
CA PHE A 578 25.72 4.43 15.90
C PHE A 578 26.53 5.33 14.98
N ILE A 579 26.60 4.93 13.71
CA ILE A 579 27.45 5.57 12.70
C ILE A 579 26.61 6.27 11.63
N LYS A 580 26.99 7.49 11.25
CA LYS A 580 26.37 8.16 10.11
C LYS A 580 27.41 8.74 9.16
N PHE A 581 27.26 8.43 7.88
CA PHE A 581 27.98 9.12 6.83
C PHE A 581 27.28 10.46 6.62
N MET A 582 28.02 11.54 6.86
CA MET A 582 27.48 12.89 6.86
C MET A 582 27.68 13.53 5.49
N PRO A 583 26.83 14.49 5.14
CA PRO A 583 26.91 15.12 3.81
C PRO A 583 28.20 15.91 3.58
N ASP A 584 28.94 16.25 4.64
CA ASP A 584 30.22 16.93 4.48
C ASP A 584 31.37 15.94 4.27
N GLY A 585 31.03 14.65 4.27
CA GLY A 585 32.03 13.62 4.05
C GLY A 585 32.61 13.00 5.31
N SER A 586 32.25 13.54 6.46
CA SER A 586 32.74 12.99 7.72
C SER A 586 31.94 11.75 8.14
N ILE A 587 32.41 11.05 9.16
CA ILE A 587 31.66 9.92 9.72
C ILE A 587 31.44 10.17 11.20
N SER A 588 30.19 10.33 11.61
CA SER A 588 29.90 10.59 13.02
C SER A 588 29.74 9.28 13.77
N GLU A 589 30.12 9.26 15.04
CA GLU A 589 29.92 8.05 15.85
C GLU A 589 29.39 8.39 17.22
N GLU A 590 28.57 7.49 17.75
CA GLU A 590 28.04 7.62 19.11
C GLU A 590 27.78 6.24 19.67
N VAL A 591 28.38 5.94 20.81
CA VAL A 591 28.09 4.68 21.49
C VAL A 591 26.68 4.70 22.08
N LEU A 592 25.88 3.69 21.72
CA LEU A 592 24.55 3.51 22.33
C LEU A 592 24.48 2.15 23.01
N GLU A 593 23.95 2.12 24.23
CA GLU A 593 23.86 0.86 24.96
C GLU A 593 22.65 0.03 24.54
N LYS A 594 22.65 -1.24 24.94
CA LYS A 594 21.55 -2.16 24.65
C LYS A 594 20.23 -1.55 25.06
N GLY A 595 19.23 -1.65 24.19
CA GLY A 595 17.90 -1.17 24.52
C GLY A 595 17.23 -0.38 23.42
N VAL A 596 16.13 0.27 23.79
CA VAL A 596 15.34 1.05 22.84
C VAL A 596 15.88 2.47 22.70
N HIS A 597 15.98 2.96 21.46
CA HIS A 597 16.47 4.30 21.20
C HIS A 597 15.72 4.93 20.05
N TYR A 598 15.59 6.26 20.11
CA TYR A 598 15.26 7.02 18.91
C TYR A 598 16.53 7.66 18.40
N VAL A 599 16.85 7.41 17.14
CA VAL A 599 18.03 7.98 16.52
C VAL A 599 17.64 9.00 15.46
N ASP A 600 18.36 10.11 15.40
CA ASP A 600 18.11 11.13 14.39
C ASP A 600 18.90 10.76 13.14
N VAL A 601 18.21 10.74 12.00
CA VAL A 601 18.83 10.43 10.71
C VAL A 601 18.25 11.38 9.68
N ALA A 602 19.03 12.38 9.28
CA ALA A 602 18.56 13.35 8.30
C ALA A 602 18.49 12.73 6.91
N LEU A 603 17.77 13.39 6.02
CA LEU A 603 17.51 12.89 4.69
C LEU A 603 18.79 12.60 3.90
N ASN A 604 19.84 13.38 4.16
CA ASN A 604 21.11 13.19 3.45
C ASN A 604 22.19 12.51 4.30
N GLU A 605 21.75 11.73 5.28
CA GLU A 605 22.68 11.00 6.14
C GLU A 605 22.39 9.51 6.00
N VAL A 606 23.45 8.70 5.95
CA VAL A 606 23.30 7.25 5.84
C VAL A 606 23.73 6.57 7.14
N PRO A 607 22.79 5.89 7.83
CA PRO A 607 23.08 5.33 9.15
C PRO A 607 23.41 3.84 9.13
N LEU A 608 24.23 3.42 10.09
CA LEU A 608 24.43 2.01 10.39
C LEU A 608 24.91 1.86 11.83
N PHE A 609 24.92 0.63 12.33
CA PHE A 609 25.39 0.38 13.69
C PHE A 609 26.49 -0.68 13.66
N ILE A 610 27.60 -0.41 14.33
CA ILE A 610 28.70 -1.37 14.42
C ILE A 610 28.66 -2.09 15.77
N ARG A 611 28.60 -3.42 15.74
CA ARG A 611 28.44 -4.21 16.95
C ARG A 611 29.63 -4.12 17.89
N SER A 612 29.36 -4.22 19.20
CA SER A 612 30.43 -4.34 20.19
C SER A 612 31.52 -5.33 19.77
N GLY A 613 32.77 -4.92 19.90
CA GLY A 613 33.89 -5.80 19.65
C GLY A 613 34.17 -6.03 18.17
N LYS A 614 33.57 -5.21 17.31
CA LYS A 614 33.75 -5.33 15.87
C LYS A 614 34.23 -4.01 15.25
N CYS A 615 34.77 -4.10 14.04
CA CYS A 615 35.11 -2.92 13.25
C CYS A 615 34.93 -3.22 11.76
N ILE A 616 34.83 -2.17 10.95
CA ILE A 616 34.75 -2.31 9.51
C ILE A 616 35.70 -1.33 8.83
N PRO A 617 36.24 -1.71 7.66
CA PRO A 617 37.05 -0.76 6.91
C PRO A 617 36.14 0.15 6.08
N VAL A 618 36.57 1.40 5.92
CA VAL A 618 35.83 2.39 5.13
C VAL A 618 36.82 3.09 4.20
N ALA A 619 36.57 2.99 2.90
CA ALA A 619 37.43 3.65 1.91
C ALA A 619 37.03 5.12 1.76
N GLU A 620 37.93 5.94 1.22
CA GLU A 620 37.55 7.29 0.83
C GLU A 620 36.65 7.17 -0.38
N ALA A 621 35.76 8.13 -0.62
CA ALA A 621 34.83 8.06 -1.74
C ALA A 621 35.52 8.06 -3.10
N ALA A 622 35.06 7.21 -4.00
CA ALA A 622 35.54 7.20 -5.39
C ALA A 622 34.32 7.13 -6.29
N GLU A 623 34.49 7.48 -7.57
CA GLU A 623 33.33 7.56 -8.47
C GLU A 623 33.07 6.30 -9.30
N CYS A 624 33.97 5.32 -9.18
CA CYS A 624 33.72 4.00 -9.76
C CYS A 624 34.48 2.96 -8.97
N VAL A 625 34.07 1.70 -9.11
CA VAL A 625 34.63 0.62 -8.30
C VAL A 625 36.13 0.47 -8.56
N LYS A 626 36.53 0.62 -9.83
CA LYS A 626 37.92 0.49 -10.21
C LYS A 626 38.83 1.47 -9.47
N ASP A 627 38.30 2.65 -9.16
CA ASP A 627 39.10 3.71 -8.53
C ASP A 627 39.10 3.70 -7.00
N ILE A 628 38.38 2.75 -6.39
CA ILE A 628 38.37 2.69 -4.92
C ILE A 628 39.75 2.29 -4.39
N ASP A 629 40.31 3.08 -3.49
CA ASP A 629 41.61 2.80 -2.90
C ASP A 629 41.43 1.96 -1.64
N THR A 630 41.81 0.69 -1.71
CA THR A 630 41.66 -0.20 -0.55
C THR A 630 42.96 -0.38 0.22
N GLU A 631 43.97 0.41 -0.13
CA GLU A 631 45.20 0.46 0.66
C GLU A 631 45.01 1.44 1.81
N ASN A 632 45.36 1.00 3.00
CA ASN A 632 45.01 1.66 4.26
C ASN A 632 43.70 2.44 4.25
N MET A 633 42.61 1.69 4.34
CA MET A 633 41.31 2.27 4.59
C MET A 633 41.24 2.56 6.08
N GLN A 634 40.39 3.50 6.44
CA GLN A 634 40.17 3.82 7.84
C GLN A 634 39.31 2.73 8.46
N LEU A 635 39.63 2.35 9.69
CA LEU A 635 38.83 1.38 10.42
C LEU A 635 37.91 2.10 11.39
N ILE A 636 36.62 1.79 11.31
CA ILE A 636 35.63 2.36 12.20
C ILE A 636 35.04 1.27 13.09
N GLY A 637 34.88 1.56 14.38
CA GLY A 637 34.35 0.56 15.28
C GLY A 637 35.10 0.55 16.61
N TYR A 638 35.24 -0.65 17.18
CA TYR A 638 35.77 -0.79 18.53
C TYR A 638 37.28 -1.02 18.61
N GLU A 639 37.91 -0.33 19.55
CA GLU A 639 39.33 -0.53 19.84
C GLU A 639 39.60 -1.98 20.18
N GLY A 640 40.72 -2.50 19.69
CA GLY A 640 41.13 -3.85 19.99
C GLY A 640 40.50 -4.89 19.08
N SER A 641 39.53 -4.48 18.28
CA SER A 641 38.85 -5.42 17.40
C SER A 641 39.63 -5.60 16.11
N SER A 642 39.28 -6.64 15.36
CA SER A 642 39.93 -6.92 14.09
C SER A 642 38.89 -7.32 13.04
N TYR A 643 39.27 -7.26 11.77
CA TYR A 643 38.37 -7.63 10.68
C TYR A 643 39.13 -8.36 9.59
N THR A 644 38.56 -9.45 9.10
CA THR A 644 39.19 -10.16 7.99
C THR A 644 38.57 -9.70 6.67
N LEU A 645 39.40 -9.04 5.86
CA LEU A 645 38.93 -8.47 4.60
C LEU A 645 39.19 -9.43 3.46
N TYR A 646 38.13 -9.86 2.77
CA TYR A 646 38.31 -10.65 1.55
C TYR A 646 38.42 -9.68 0.40
N GLU A 647 39.44 -9.85 -0.41
CA GLU A 647 39.61 -9.01 -1.59
C GLU A 647 40.31 -9.78 -2.69
N ASP A 648 39.71 -9.80 -3.87
CA ASP A 648 40.35 -10.40 -5.04
C ASP A 648 40.27 -9.43 -6.21
N ASP A 649 40.53 -9.91 -7.42
CA ASP A 649 40.54 -8.98 -8.55
C ASP A 649 39.13 -8.57 -9.01
N GLY A 650 38.11 -9.23 -8.47
CA GLY A 650 36.73 -8.88 -8.77
C GLY A 650 36.22 -9.29 -10.14
N ILE A 651 37.06 -9.96 -10.90
CA ILE A 651 36.74 -10.25 -12.30
C ILE A 651 36.70 -11.74 -12.62
N HIS A 652 37.69 -12.48 -12.12
CA HIS A 652 37.80 -13.91 -12.35
C HIS A 652 37.30 -14.74 -11.17
N LYS A 653 37.70 -16.00 -11.11
CA LYS A 653 37.10 -16.94 -10.15
C LYS A 653 38.17 -17.64 -9.31
N ASP A 654 39.21 -16.91 -8.96
CA ASP A 654 40.29 -17.45 -8.14
C ASP A 654 39.98 -17.16 -6.68
N TYR A 655 39.01 -17.90 -6.13
CA TYR A 655 38.46 -17.60 -4.82
C TYR A 655 39.29 -18.13 -3.63
N ASP A 656 39.99 -19.24 -3.84
CA ASP A 656 40.60 -19.96 -2.72
C ASP A 656 42.10 -19.73 -2.59
N LYS A 657 42.49 -18.48 -2.41
CA LYS A 657 43.90 -18.11 -2.29
C LYS A 657 44.12 -17.39 -0.97
N LYS A 658 45.24 -17.66 -0.29
CA LYS A 658 45.52 -16.98 0.98
C LYS A 658 45.69 -15.48 0.77
N GLU A 659 46.18 -15.09 -0.39
CA GLU A 659 46.34 -13.67 -0.72
C GLU A 659 45.02 -12.91 -0.76
N ASN A 660 43.89 -13.62 -0.86
CA ASN A 660 42.57 -12.97 -0.88
C ASN A 660 42.14 -12.46 0.49
N TYR A 661 42.79 -12.94 1.54
CA TYR A 661 42.41 -12.53 2.90
C TYR A 661 43.50 -11.70 3.59
N ARG A 662 43.10 -10.62 4.24
CA ARG A 662 44.02 -9.92 5.13
C ARG A 662 43.31 -9.43 6.39
N VAL A 663 44.02 -9.55 7.51
CA VAL A 663 43.47 -9.15 8.80
C VAL A 663 43.78 -7.69 9.05
N LEU A 664 42.73 -6.91 9.29
CA LEU A 664 42.86 -5.51 9.65
C LEU A 664 42.57 -5.38 11.15
N THR A 665 43.42 -4.64 11.86
CA THR A 665 43.26 -4.50 13.30
C THR A 665 43.18 -3.03 13.65
N LYS A 666 42.10 -2.63 14.32
CA LYS A 666 41.86 -1.21 14.60
C LYS A 666 42.88 -0.61 15.55
N ASN B 2 -13.39 37.76 11.68
CA ASN B 2 -12.53 38.42 12.65
C ASN B 2 -11.30 39.07 12.02
N ALA B 3 -10.63 39.94 12.77
CA ALA B 3 -9.49 40.70 12.25
C ALA B 3 -8.19 39.89 12.13
N MET B 4 -8.24 38.61 12.51
CA MET B 4 -7.14 37.70 12.22
C MET B 4 -7.56 36.79 11.08
N ILE B 5 -8.66 37.16 10.42
CA ILE B 5 -9.12 36.47 9.22
C ILE B 5 -9.46 37.50 8.13
N ARG B 6 -8.82 37.38 6.97
CA ARG B 6 -9.07 38.29 5.87
C ARG B 6 -9.44 37.46 4.63
N LYS B 7 -10.28 38.02 3.78
CA LYS B 7 -10.75 37.30 2.59
C LYS B 7 -10.31 38.03 1.33
N TYR B 8 -9.65 37.32 0.44
CA TYR B 8 -9.16 37.88 -0.81
C TYR B 8 -9.93 37.26 -1.95
N ARG B 9 -10.67 38.10 -2.67
CA ARG B 9 -11.55 37.61 -3.73
C ARG B 9 -10.90 37.79 -5.09
N TYR B 10 -10.91 36.72 -5.89
CA TYR B 10 -10.45 36.79 -7.26
C TYR B 10 -11.60 36.43 -8.20
N GLY B 11 -11.82 37.28 -9.20
CA GLY B 11 -12.87 37.02 -10.16
C GLY B 11 -14.23 37.01 -9.53
N ALA B 12 -15.11 36.13 -10.01
CA ALA B 12 -16.48 36.06 -9.51
C ALA B 12 -16.76 34.66 -8.98
N PRO B 13 -16.34 34.41 -7.73
CA PRO B 13 -16.43 33.04 -7.21
C PRO B 13 -17.86 32.56 -7.03
N PHE B 14 -18.07 31.26 -7.17
CA PHE B 14 -19.37 30.65 -6.90
C PHE B 14 -19.56 30.58 -5.40
N ASP B 15 -20.76 30.91 -4.93
CA ASP B 15 -21.08 30.87 -3.51
C ASP B 15 -21.25 29.43 -3.01
N THR B 16 -20.25 28.92 -2.29
CA THR B 16 -20.30 27.56 -1.78
C THR B 16 -21.03 27.44 -0.45
N GLU B 17 -21.13 28.56 0.26
CA GLU B 17 -21.73 28.61 1.60
C GLU B 17 -20.94 27.75 2.61
N ALA B 18 -19.64 27.60 2.35
CA ALA B 18 -18.76 26.85 3.25
C ALA B 18 -18.70 27.53 4.61
N LEU B 19 -18.58 28.85 4.60
CA LEU B 19 -18.54 29.61 5.85
C LEU B 19 -19.93 30.07 6.25
N THR B 20 -20.15 30.17 7.56
CA THR B 20 -21.40 30.75 8.07
C THR B 20 -21.19 32.21 8.45
N GLU B 21 -19.94 32.56 8.73
CA GLU B 21 -19.62 33.91 9.14
C GLU B 21 -19.18 34.79 7.96
N LYS B 22 -19.74 36.00 7.89
CA LYS B 22 -19.39 36.95 6.84
C LYS B 22 -18.05 37.62 7.12
N ILE B 23 -17.14 37.52 6.16
CA ILE B 23 -15.86 38.22 6.23
C ILE B 23 -15.80 39.23 5.09
N GLU B 24 -15.49 40.48 5.39
CA GLU B 24 -15.44 41.51 4.36
C GLU B 24 -14.29 41.24 3.40
N THR B 25 -14.41 41.70 2.16
CA THR B 25 -13.36 41.52 1.16
C THR B 25 -12.19 42.46 1.42
N ALA B 26 -10.99 41.91 1.53
CA ALA B 26 -9.78 42.70 1.78
C ALA B 26 -9.32 43.40 0.52
N GLU B 27 -8.69 44.56 0.67
CA GLU B 27 -8.24 45.35 -0.47
C GLU B 27 -6.73 45.40 -0.62
N GLU B 28 -6.01 45.04 0.43
CA GLU B 28 -4.56 45.03 0.40
C GLU B 28 -4.02 43.90 -0.48
N ALA B 29 -2.76 44.01 -0.89
CA ALA B 29 -2.11 42.95 -1.64
C ALA B 29 -2.13 41.64 -0.85
N PHE B 30 -2.14 40.51 -1.55
CA PHE B 30 -2.12 39.20 -0.88
C PHE B 30 -0.84 39.09 -0.06
N PRO B 31 -0.98 38.74 1.24
CA PRO B 31 0.09 38.86 2.23
C PRO B 31 1.17 37.77 2.24
N TYR B 32 0.96 36.64 1.57
CA TYR B 32 2.01 35.61 1.53
C TYR B 32 2.27 35.08 0.14
N GLY B 33 3.53 34.78 -0.17
CA GLY B 33 3.89 34.18 -1.43
C GLY B 33 3.57 35.08 -2.61
N GLU B 34 3.35 34.47 -3.78
CA GLU B 34 3.03 35.24 -4.99
CA GLU B 34 3.05 35.23 -4.99
C GLU B 34 1.87 34.61 -5.73
N ILE B 35 1.11 35.45 -6.44
CA ILE B 35 -0.06 35.05 -7.19
C ILE B 35 0.19 35.29 -8.67
N SER B 36 -0.23 34.34 -9.51
CA SER B 36 -0.03 34.47 -10.95
C SER B 36 -1.26 33.98 -11.71
N GLN B 37 -1.63 34.70 -12.75
CA GLN B 37 -2.74 34.30 -13.61
C GLN B 37 -2.26 34.09 -15.05
N LYS B 38 -0.97 33.76 -15.19
CA LYS B 38 -0.42 33.44 -16.50
C LYS B 38 -1.08 32.16 -17.06
N GLU B 39 -1.31 31.20 -16.16
CA GLU B 39 -1.91 29.91 -16.52
C GLU B 39 -2.97 29.60 -15.47
N GLY B 40 -4.24 29.85 -15.79
CA GLY B 40 -5.30 29.74 -14.80
C GLY B 40 -4.98 30.59 -13.57
N PHE B 41 -5.09 30.00 -12.38
CA PHE B 41 -4.72 30.69 -11.16
C PHE B 41 -3.70 29.85 -10.40
N ALA B 42 -2.69 30.51 -9.84
CA ALA B 42 -1.70 29.80 -9.04
C ALA B 42 -1.16 30.66 -7.88
N PHE B 43 -1.15 30.07 -6.69
CA PHE B 43 -0.49 30.66 -5.52
C PHE B 43 0.80 29.88 -5.25
N THR B 44 1.91 30.59 -5.10
CA THR B 44 3.21 29.96 -4.87
C THR B 44 3.87 30.54 -3.61
N TYR B 45 4.39 29.65 -2.75
CA TYR B 45 5.02 30.06 -1.50
C TYR B 45 6.27 29.22 -1.22
N ILE B 46 7.35 29.87 -0.81
CA ILE B 46 8.58 29.17 -0.47
C ILE B 46 8.63 28.85 1.02
N MET B 47 8.64 27.55 1.34
CA MET B 47 8.61 27.10 2.73
C MET B 47 10.00 27.05 3.33
N ASP B 48 10.08 27.34 4.62
CA ASP B 48 11.31 27.06 5.38
C ASP B 48 11.48 25.55 5.54
N GLU B 49 12.72 25.10 5.64
CA GLU B 49 12.99 23.67 5.72
C GLU B 49 12.28 22.96 6.87
N ASP B 50 12.06 23.67 7.98
CA ASP B 50 11.43 23.05 9.15
C ASP B 50 9.89 23.16 9.19
N ASP B 51 9.32 23.89 8.24
CA ASP B 51 7.87 24.08 8.18
C ASP B 51 7.11 22.76 8.07
N ILE B 52 6.01 22.65 8.80
CA ILE B 52 5.10 21.52 8.67
C ILE B 52 3.84 22.05 8.02
N VAL B 53 3.23 21.29 7.11
CA VAL B 53 1.95 21.70 6.54
C VAL B 53 0.84 20.77 7.03
N TYR B 54 -0.16 21.34 7.72
CA TYR B 54 -1.30 20.57 8.21
C TYR B 54 -2.50 20.79 7.31
N GLY B 55 -3.49 19.89 7.39
CA GLY B 55 -4.79 20.16 6.81
C GLY B 55 -5.22 19.20 5.73
N LEU B 56 -6.06 19.69 4.82
CA LEU B 56 -6.61 18.91 3.72
C LEU B 56 -7.55 17.78 4.11
N GLY B 57 -7.95 17.73 5.38
CA GLY B 57 -9.04 16.85 5.80
C GLY B 57 -8.87 15.41 5.34
N GLU B 58 -9.81 14.92 4.53
CA GLU B 58 -9.69 13.59 3.98
C GLU B 58 -8.83 13.64 2.73
N SER B 59 -7.55 13.37 2.91
CA SER B 59 -6.63 13.28 1.79
C SER B 59 -5.58 12.23 2.13
N ASN B 60 -4.80 11.86 1.13
CA ASN B 60 -3.87 10.75 1.25
C ASN B 60 -2.67 11.05 2.15
N ARG B 61 -1.92 10.02 2.48
CA ARG B 61 -0.63 10.15 3.15
C ARG B 61 -0.76 10.65 4.59
N GLY B 62 0.14 11.54 5.00
CA GLY B 62 0.37 11.79 6.41
C GLY B 62 -0.22 13.06 7.00
N ILE B 63 0.04 13.26 8.29
CA ILE B 63 -0.44 14.46 8.97
C ILE B 63 0.28 15.71 8.48
N ASN B 64 1.61 15.62 8.40
CA ASN B 64 2.42 16.60 7.68
C ASN B 64 2.23 16.31 6.19
N LYS B 65 1.61 17.24 5.45
CA LYS B 65 1.29 16.98 4.04
C LYS B 65 2.47 17.20 3.10
N ARG B 66 3.57 17.74 3.61
CA ARG B 66 4.74 17.97 2.74
C ARG B 66 5.22 16.69 2.07
N GLY B 67 5.64 16.83 0.82
CA GLY B 67 6.27 15.72 0.12
C GLY B 67 5.37 15.01 -0.88
N TYR B 68 4.19 15.55 -1.16
CA TYR B 68 3.38 14.98 -2.24
C TYR B 68 2.40 15.97 -2.85
N CYS B 69 1.54 15.46 -3.72
CA CYS B 69 0.56 16.28 -4.47
C CYS B 69 -0.83 15.80 -4.09
N TYR B 70 -1.74 16.75 -3.86
CA TYR B 70 -3.11 16.42 -3.47
C TYR B 70 -4.04 17.24 -4.33
N ILE B 71 -4.96 16.57 -5.02
CA ILE B 71 -5.89 17.27 -5.87
C ILE B 71 -7.30 17.12 -5.30
N SER B 72 -7.90 18.24 -4.92
CA SER B 72 -9.28 18.24 -4.43
C SER B 72 -10.21 18.07 -5.61
N ASN B 73 -10.76 16.88 -5.74
CA ASN B 73 -11.57 16.52 -6.91
C ASN B 73 -12.28 15.23 -6.53
N CYS B 74 -13.47 15.37 -5.95
CA CYS B 74 -14.20 14.26 -5.35
C CYS B 74 -14.28 13.08 -6.31
N THR B 75 -13.60 11.98 -5.96
CA THR B 75 -13.48 10.85 -6.86
C THR B 75 -13.77 9.51 -6.21
N ASP B 76 -14.55 8.68 -6.90
CA ASP B 76 -14.83 7.32 -6.48
C ASP B 76 -13.67 6.42 -6.89
N ASP B 77 -12.71 6.23 -5.98
CA ASP B 77 -11.56 5.37 -6.25
C ASP B 77 -11.37 4.43 -5.07
N PRO B 78 -11.61 3.13 -5.28
CA PRO B 78 -11.59 2.16 -4.17
C PRO B 78 -10.21 1.60 -3.87
N ILE B 79 -9.16 2.16 -4.47
CA ILE B 79 -7.80 1.67 -4.23
C ILE B 79 -6.94 2.79 -3.64
N HIS B 80 -6.94 2.90 -2.31
CA HIS B 80 -6.28 4.03 -1.65
C HIS B 80 -4.80 3.74 -1.44
N THR B 81 -4.05 3.72 -2.54
CA THR B 81 -2.60 3.48 -2.46
C THR B 81 -1.88 4.82 -2.37
N GLU B 82 -0.58 4.80 -2.04
CA GLU B 82 0.14 6.05 -1.76
C GLU B 82 0.20 7.04 -2.93
N ASP B 83 0.02 6.53 -4.14
CA ASP B 83 0.17 7.37 -5.33
C ASP B 83 -1.06 8.24 -5.62
N LYS B 84 -2.21 7.86 -5.06
CA LYS B 84 -3.46 8.55 -5.40
C LYS B 84 -3.47 10.00 -4.93
N ARG B 85 -3.89 10.90 -5.82
CA ARG B 85 -3.86 12.32 -5.52
C ARG B 85 -5.25 12.81 -5.11
N SER B 86 -6.26 12.05 -5.47
CA SER B 86 -7.65 12.43 -5.15
C SER B 86 -8.45 11.30 -4.55
N LEU B 87 -9.05 11.54 -3.39
CA LEU B 87 -10.02 10.63 -2.81
C LEU B 87 -11.42 11.27 -2.83
N TYR B 88 -12.28 10.98 -1.86
CA TYR B 88 -13.68 11.41 -1.94
C TYR B 88 -13.93 12.85 -1.47
N GLY B 89 -13.00 13.39 -0.69
CA GLY B 89 -13.20 14.68 -0.07
C GLY B 89 -12.46 15.83 -0.72
N ALA B 90 -13.05 17.03 -0.63
CA ALA B 90 -12.40 18.25 -1.08
C ALA B 90 -12.39 19.24 0.09
N HIS B 91 -11.35 19.18 0.90
CA HIS B 91 -11.28 20.00 2.10
C HIS B 91 -10.10 20.95 1.98
N ASN B 92 -10.36 22.13 1.42
CA ASN B 92 -9.30 23.02 0.94
C ASN B 92 -8.66 23.95 1.97
N PHE B 93 -8.43 23.43 3.17
CA PHE B 93 -7.84 24.20 4.26
C PHE B 93 -6.46 23.66 4.58
N ILE B 94 -5.45 24.52 4.53
CA ILE B 94 -4.10 24.15 4.93
C ILE B 94 -3.53 25.13 5.93
N ILE B 95 -2.59 24.66 6.76
CA ILE B 95 -1.89 25.55 7.66
C ILE B 95 -0.40 25.35 7.48
N VAL B 96 0.32 26.41 7.14
CA VAL B 96 1.77 26.35 7.16
C VAL B 96 2.21 26.68 8.58
N SER B 97 2.96 25.78 9.20
CA SER B 97 3.36 25.93 10.59
C SER B 97 4.88 25.91 10.73
N GLY B 98 5.44 26.97 11.31
CA GLY B 98 6.87 27.08 11.49
C GLY B 98 7.23 28.44 12.07
N LYS B 99 8.35 29.01 11.64
CA LYS B 99 8.75 30.36 12.04
C LYS B 99 7.64 31.31 11.62
N THR B 100 7.24 31.21 10.35
CA THR B 100 6.07 31.93 9.87
C THR B 100 4.90 30.95 9.77
N THR B 101 3.80 31.27 10.46
CA THR B 101 2.64 30.39 10.52
C THR B 101 1.38 31.10 10.03
N PHE B 102 0.60 30.45 9.16
CA PHE B 102 -0.65 31.03 8.69
C PHE B 102 -1.54 29.93 8.12
N GLY B 103 -2.85 30.14 8.12
CA GLY B 103 -3.75 29.17 7.53
C GLY B 103 -4.39 29.75 6.28
N LEU B 104 -4.71 28.88 5.33
CA LEU B 104 -5.34 29.32 4.08
C LEU B 104 -6.52 28.41 3.80
N PHE B 105 -7.66 29.01 3.44
CA PHE B 105 -8.80 28.24 2.94
C PHE B 105 -9.11 28.70 1.52
N PHE B 106 -9.02 27.76 0.59
CA PHE B 106 -9.33 28.06 -0.79
C PHE B 106 -10.78 27.70 -1.06
N ASP B 107 -11.65 28.70 -1.05
CA ASP B 107 -13.08 28.48 -1.30
C ASP B 107 -13.29 28.47 -2.81
N TYR B 108 -13.25 27.27 -3.36
CA TYR B 108 -13.31 27.06 -4.81
C TYR B 108 -13.85 25.66 -4.99
N PRO B 109 -14.86 25.52 -5.85
CA PRO B 109 -15.65 24.29 -5.88
C PRO B 109 -15.22 23.28 -6.95
N SER B 110 -14.13 23.55 -7.65
CA SER B 110 -13.71 22.68 -8.75
C SER B 110 -12.30 22.11 -8.50
N LYS B 111 -11.72 21.49 -9.52
CA LYS B 111 -10.43 20.81 -9.36
C LYS B 111 -9.33 21.75 -8.84
N LEU B 112 -8.81 21.47 -7.64
CA LEU B 112 -7.80 22.32 -7.01
C LEU B 112 -6.57 21.50 -6.63
N THR B 113 -5.42 21.87 -7.17
CA THR B 113 -4.20 21.09 -7.02
C THR B 113 -3.27 21.68 -5.97
N PHE B 114 -2.96 20.88 -4.95
CA PHE B 114 -2.01 21.27 -3.91
C PHE B 114 -0.68 20.55 -4.13
N ASP B 115 0.30 21.25 -4.69
CA ASP B 115 1.64 20.72 -4.92
C ASP B 115 2.45 21.12 -3.69
N ILE B 116 2.53 20.21 -2.72
CA ILE B 116 3.15 20.55 -1.44
C ILE B 116 4.53 19.92 -1.35
N GLY B 117 5.48 20.55 -2.05
CA GLY B 117 6.84 20.04 -2.11
C GLY B 117 7.02 18.87 -3.06
N TYR B 118 6.01 18.55 -3.87
CA TYR B 118 6.14 17.46 -4.82
C TYR B 118 7.17 17.81 -5.90
N THR B 119 6.97 18.95 -6.55
CA THR B 119 7.85 19.36 -7.64
C THR B 119 9.22 19.80 -7.12
N ARG B 120 9.19 20.69 -6.14
CA ARG B 120 10.41 21.17 -5.51
C ARG B 120 10.15 21.13 -4.01
N MET B 121 11.07 20.58 -3.21
CA MET B 121 10.80 20.39 -1.77
C MET B 121 10.42 21.66 -1.00
N ASP B 122 11.01 22.79 -1.36
CA ASP B 122 10.76 24.05 -0.63
C ASP B 122 9.55 24.84 -1.16
N THR B 123 8.88 24.32 -2.18
CA THR B 123 7.83 25.08 -2.83
C THR B 123 6.46 24.49 -2.63
N LEU B 124 5.55 25.30 -2.11
CA LEU B 124 4.12 25.00 -2.05
C LEU B 124 3.42 25.75 -3.18
N LYS B 125 2.75 25.02 -4.08
CA LYS B 125 2.02 25.65 -5.18
C LYS B 125 0.60 25.13 -5.20
N VAL B 126 -0.37 26.04 -5.13
CA VAL B 126 -1.78 25.68 -5.19
C VAL B 126 -2.36 26.34 -6.44
N SER B 127 -2.97 25.54 -7.31
CA SER B 127 -3.39 26.07 -8.61
C SER B 127 -4.72 25.48 -9.06
N CYS B 128 -5.43 26.23 -9.90
CA CYS B 128 -6.71 25.78 -10.45
C CYS B 128 -6.92 26.43 -11.81
N GLU B 129 -7.93 25.96 -12.53
CA GLU B 129 -8.11 26.29 -13.95
C GLU B 129 -8.62 27.72 -14.16
N ASN B 130 -9.43 28.20 -13.22
CA ASN B 130 -10.04 29.52 -13.34
C ASN B 130 -9.81 30.38 -12.10
N ALA B 131 -9.53 31.65 -12.32
CA ALA B 131 -9.26 32.59 -11.23
C ALA B 131 -10.55 33.19 -10.69
N ASP B 132 -11.43 32.33 -10.20
CA ASP B 132 -12.67 32.74 -9.57
C ASP B 132 -12.79 32.01 -8.25
N LEU B 133 -12.28 32.63 -7.20
CA LEU B 133 -12.23 31.97 -5.90
C LEU B 133 -12.01 32.99 -4.79
N ASP B 134 -12.37 32.60 -3.57
CA ASP B 134 -12.05 33.37 -2.39
C ASP B 134 -10.93 32.63 -1.68
N ILE B 135 -9.96 33.38 -1.18
CA ILE B 135 -8.93 32.78 -0.33
C ILE B 135 -8.94 33.50 1.00
N TYR B 136 -9.15 32.72 2.05
CA TYR B 136 -9.14 33.23 3.41
C TYR B 136 -7.76 33.04 3.99
N VAL B 137 -7.23 34.07 4.64
CA VAL B 137 -5.92 33.98 5.28
C VAL B 137 -6.17 34.13 6.76
N ILE B 138 -5.73 33.13 7.52
CA ILE B 138 -5.95 33.13 8.96
C ILE B 138 -4.64 33.29 9.69
N GLU B 139 -4.54 34.32 10.53
CA GLU B 139 -3.32 34.56 11.29
C GLU B 139 -3.48 34.02 12.70
N GLY B 140 -2.35 33.67 13.32
CA GLY B 140 -2.35 33.17 14.69
C GLY B 140 -0.95 32.84 15.17
N GLU B 141 -0.84 32.59 16.47
CA GLU B 141 0.45 32.26 17.10
C GLU B 141 0.90 30.85 16.73
N ASN B 142 -0.07 29.95 16.56
CA ASN B 142 0.25 28.58 16.21
C ASN B 142 -0.88 27.94 15.41
N ALA B 143 -0.60 26.76 14.86
CA ALA B 143 -1.56 26.01 14.03
C ALA B 143 -2.87 25.73 14.75
N TYR B 144 -2.78 25.34 16.02
CA TYR B 144 -3.97 25.05 16.80
C TYR B 144 -4.89 26.27 16.89
N ASP B 145 -4.31 27.43 17.21
CA ASP B 145 -5.08 28.67 17.28
C ASP B 145 -5.76 28.99 15.94
N ILE B 146 -5.03 28.80 14.85
CA ILE B 146 -5.57 29.08 13.52
C ILE B 146 -6.71 28.11 13.20
N VAL B 147 -6.53 26.84 13.55
CA VAL B 147 -7.61 25.85 13.36
C VAL B 147 -8.87 26.24 14.14
N LYS B 148 -8.72 26.70 15.37
CA LYS B 148 -9.88 27.03 16.18
C LYS B 148 -10.63 28.23 15.59
N GLN B 149 -9.90 29.18 15.03
CA GLN B 149 -10.55 30.31 14.34
C GLN B 149 -11.29 29.84 13.09
N PHE B 150 -10.68 28.95 12.33
CA PHE B 150 -11.35 28.40 11.15
C PHE B 150 -12.63 27.66 11.55
N ARG B 151 -12.53 26.83 12.58
CA ARG B 151 -13.70 26.12 13.10
C ARG B 151 -14.85 27.07 13.46
N ARG B 152 -14.53 28.23 14.02
CA ARG B 152 -15.56 29.21 14.36
C ARG B 152 -16.31 29.70 13.13
N VAL B 153 -15.57 30.10 12.09
CA VAL B 153 -16.22 30.74 10.94
C VAL B 153 -16.97 29.77 10.04
N ILE B 154 -16.64 28.48 10.09
CA ILE B 154 -17.36 27.51 9.26
C ILE B 154 -18.61 26.95 9.94
N GLY B 155 -18.86 27.39 11.17
CA GLY B 155 -20.08 27.03 11.87
C GLY B 155 -19.97 25.69 12.57
N ARG B 156 -20.80 25.50 13.59
CA ARG B 156 -20.74 24.33 14.46
C ARG B 156 -20.85 23.01 13.72
N SER B 157 -19.98 22.08 14.07
CA SER B 157 -20.00 20.74 13.50
C SER B 157 -21.26 19.94 13.82
N TYR B 158 -21.65 19.08 12.88
CA TYR B 158 -22.71 18.10 13.07
C TYR B 158 -22.51 17.29 14.36
N ILE B 159 -23.60 17.11 15.10
CA ILE B 159 -23.61 16.33 16.34
C ILE B 159 -24.55 15.15 16.17
N PRO B 160 -24.03 13.92 16.36
CA PRO B 160 -24.87 12.73 16.19
C PRO B 160 -25.65 12.41 17.46
N PRO B 161 -26.70 11.59 17.35
CA PRO B 161 -27.37 11.08 18.55
C PRO B 161 -26.41 10.15 19.28
N LYS B 162 -26.61 9.98 20.58
CA LYS B 162 -25.67 9.19 21.39
C LYS B 162 -25.62 7.73 20.97
N PHE B 163 -26.70 7.20 20.39
CA PHE B 163 -26.66 5.78 20.01
C PHE B 163 -25.60 5.54 18.95
N ALA B 164 -25.30 6.59 18.19
CA ALA B 164 -24.31 6.50 17.12
C ALA B 164 -22.89 6.32 17.66
N PHE B 165 -22.72 6.42 18.98
CA PHE B 165 -21.44 6.15 19.61
C PHE B 165 -21.31 4.70 20.06
N GLY B 166 -22.29 3.88 19.70
CA GLY B 166 -22.18 2.45 19.93
C GLY B 166 -21.38 1.82 18.81
N PHE B 167 -21.41 0.50 18.72
CA PHE B 167 -20.76 -0.22 17.62
C PHE B 167 -21.78 -0.55 16.53
N GLY B 168 -21.36 -0.50 15.26
CA GLY B 168 -22.26 -0.89 14.18
C GLY B 168 -21.69 -1.96 13.28
N GLN B 169 -22.55 -2.82 12.78
CA GLN B 169 -22.16 -3.87 11.83
C GLN B 169 -22.80 -3.64 10.46
N SER B 170 -22.03 -3.88 9.40
CA SER B 170 -22.46 -3.58 8.06
C SER B 170 -21.80 -4.55 7.07
N ARG B 171 -22.48 -4.84 5.97
CA ARG B 171 -21.87 -5.59 4.86
C ARG B 171 -22.66 -5.35 3.57
N TYR B 172 -21.96 -5.14 2.46
CA TYR B 172 -22.62 -5.14 1.16
C TYR B 172 -23.04 -6.57 0.85
N GLY B 173 -24.30 -6.89 1.13
CA GLY B 173 -24.79 -8.24 0.94
C GLY B 173 -26.02 -8.61 1.78
N TYR B 174 -26.15 -8.01 2.96
CA TYR B 174 -27.31 -8.29 3.82
C TYR B 174 -28.54 -7.88 3.04
N THR B 175 -29.49 -8.79 2.89
CA THR B 175 -30.61 -8.57 1.98
C THR B 175 -31.97 -8.87 2.61
N THR B 176 -32.09 -10.04 3.23
CA THR B 176 -33.37 -10.50 3.75
C THR B 176 -33.47 -10.29 5.26
N LYS B 177 -34.65 -10.54 5.81
CA LYS B 177 -34.84 -10.48 7.26
C LYS B 177 -33.98 -11.53 7.95
N GLU B 178 -33.85 -12.69 7.31
CA GLU B 178 -33.00 -13.76 7.82
C GLU B 178 -31.54 -13.30 7.95
N ASP B 179 -31.06 -12.55 6.96
CA ASP B 179 -29.71 -12.00 7.00
C ASP B 179 -29.50 -11.09 8.20
N PHE B 180 -30.47 -10.21 8.44
CA PHE B 180 -30.33 -9.22 9.51
C PHE B 180 -30.53 -9.87 10.88
N ARG B 181 -31.45 -10.82 10.94
CA ARG B 181 -31.68 -11.54 12.19
C ARG B 181 -30.46 -12.38 12.59
N ALA B 182 -29.72 -12.88 11.60
CA ALA B 182 -28.54 -13.67 11.89
C ALA B 182 -27.42 -12.80 12.45
N VAL B 183 -27.34 -11.56 11.97
CA VAL B 183 -26.36 -10.62 12.49
C VAL B 183 -26.69 -10.24 13.93
N ALA B 184 -27.96 -9.92 14.15
CA ALA B 184 -28.47 -9.60 15.48
C ALA B 184 -28.13 -10.70 16.47
N LYS B 185 -28.49 -11.92 16.10
CA LYS B 185 -28.27 -13.09 16.95
C LYS B 185 -26.78 -13.38 17.15
N GLY B 186 -26.00 -13.17 16.09
CA GLY B 186 -24.56 -13.43 16.15
C GLY B 186 -23.88 -12.56 17.20
N TYR B 187 -24.36 -11.33 17.34
CA TYR B 187 -23.83 -10.42 18.34
C TYR B 187 -24.51 -10.62 19.69
N ARG B 188 -25.84 -10.60 19.70
CA ARG B 188 -26.58 -10.62 20.97
C ARG B 188 -26.38 -11.90 21.77
N GLU B 189 -26.34 -13.05 21.08
CA GLU B 189 -26.19 -14.32 21.77
C GLU B 189 -24.74 -14.60 22.21
N ASN B 190 -23.80 -13.85 21.65
CA ASN B 190 -22.42 -13.92 22.11
C ASN B 190 -22.09 -12.74 23.02
N HIS B 191 -23.11 -11.94 23.30
CA HIS B 191 -22.99 -10.82 24.22
C HIS B 191 -21.88 -9.85 23.84
N ILE B 192 -21.72 -9.66 22.53
CA ILE B 192 -20.89 -8.61 21.97
C ILE B 192 -21.74 -7.36 21.85
N PRO B 193 -21.28 -6.25 22.45
CA PRO B 193 -22.08 -5.01 22.41
C PRO B 193 -22.28 -4.53 20.98
N ILE B 194 -23.44 -3.94 20.72
CA ILE B 194 -23.74 -3.42 19.39
C ILE B 194 -25.00 -2.55 19.45
N ASP B 195 -25.07 -1.54 18.58
CA ASP B 195 -26.23 -0.64 18.58
C ASP B 195 -26.85 -0.46 17.20
N MET B 196 -26.08 -0.73 16.15
CA MET B 196 -26.53 -0.43 14.79
C MET B 196 -26.21 -1.55 13.82
N ILE B 197 -27.16 -1.79 12.91
CA ILE B 197 -26.90 -2.65 11.76
C ILE B 197 -27.25 -1.83 10.52
N TYR B 198 -26.30 -1.73 9.60
CA TYR B 198 -26.50 -0.90 8.42
C TYR B 198 -27.16 -1.71 7.32
N MET B 199 -28.03 -1.08 6.54
CA MET B 199 -28.65 -1.78 5.42
C MET B 199 -28.07 -1.20 4.14
N ASP B 200 -27.38 -2.04 3.37
CA ASP B 200 -26.81 -1.59 2.11
C ASP B 200 -27.88 -1.69 1.01
N ILE B 201 -27.49 -1.41 -0.23
CA ILE B 201 -28.48 -1.17 -1.30
C ILE B 201 -29.52 -2.24 -1.57
N ASP B 202 -29.30 -3.46 -1.07
CA ASP B 202 -30.22 -4.55 -1.34
C ASP B 202 -31.57 -4.46 -0.61
N TYR B 203 -31.69 -3.57 0.37
CA TYR B 203 -32.96 -3.42 1.08
C TYR B 203 -34.02 -2.73 0.21
N MET B 204 -33.57 -2.05 -0.84
CA MET B 204 -34.49 -1.32 -1.72
C MET B 204 -35.17 -2.22 -2.74
N GLN B 205 -36.33 -1.78 -3.25
CA GLN B 205 -36.93 -2.45 -4.40
C GLN B 205 -36.17 -2.05 -5.65
N ASP B 206 -35.43 -3.00 -6.22
CA ASP B 206 -34.67 -2.78 -7.44
C ASP B 206 -33.77 -1.52 -7.39
N PHE B 207 -33.15 -1.29 -6.24
CA PHE B 207 -32.22 -0.18 -6.07
C PHE B 207 -32.87 1.21 -6.26
N LYS B 208 -34.19 1.28 -6.10
CA LYS B 208 -34.89 2.56 -6.13
C LYS B 208 -34.86 3.27 -4.77
N ASP B 209 -34.25 4.45 -4.74
CA ASP B 209 -34.21 5.26 -3.52
C ASP B 209 -35.62 5.46 -2.97
N PHE B 210 -35.74 5.45 -1.64
CA PHE B 210 -36.99 5.74 -0.96
C PHE B 210 -38.05 4.69 -1.30
N THR B 211 -37.58 3.47 -1.47
CA THR B 211 -38.47 2.33 -1.51
C THR B 211 -37.89 1.27 -0.57
N VAL B 212 -38.70 0.27 -0.29
CA VAL B 212 -38.24 -0.90 0.46
C VAL B 212 -38.70 -2.12 -0.33
N ASN B 213 -37.86 -3.15 -0.42
CA ASN B 213 -38.28 -4.40 -1.03
C ASN B 213 -39.44 -4.98 -0.23
N GLU B 214 -40.65 -4.83 -0.76
CA GLU B 214 -41.87 -5.23 -0.06
C GLU B 214 -41.99 -6.74 0.09
N LYS B 215 -41.31 -7.47 -0.77
CA LYS B 215 -41.32 -8.92 -0.67
C LYS B 215 -40.52 -9.38 0.54
N ASN B 216 -39.30 -8.85 0.68
CA ASN B 216 -38.45 -9.21 1.81
C ASN B 216 -38.92 -8.55 3.10
N PHE B 217 -39.50 -7.35 2.97
CA PHE B 217 -40.04 -6.62 4.10
C PHE B 217 -41.48 -6.19 3.83
N PRO B 218 -42.44 -7.10 4.08
CA PRO B 218 -43.87 -6.82 3.88
C PRO B 218 -44.45 -5.86 4.93
N ASP B 219 -43.86 -5.86 6.12
CA ASP B 219 -44.29 -4.94 7.18
C ASP B 219 -43.05 -4.29 7.78
N PHE B 220 -42.40 -3.45 6.99
CA PHE B 220 -41.12 -2.85 7.37
C PHE B 220 -41.10 -2.15 8.72
N PRO B 221 -42.13 -1.33 9.05
CA PRO B 221 -42.09 -0.72 10.39
C PRO B 221 -42.08 -1.75 11.52
N GLU B 222 -42.72 -2.89 11.32
CA GLU B 222 -42.75 -3.94 12.33
C GLU B 222 -41.36 -4.53 12.54
N PHE B 223 -40.65 -4.75 11.44
CA PHE B 223 -39.30 -5.30 11.51
C PHE B 223 -38.33 -4.32 12.16
N VAL B 224 -38.47 -3.04 11.80
CA VAL B 224 -37.68 -1.97 12.42
C VAL B 224 -37.90 -1.96 13.93
N LYS B 225 -39.14 -2.17 14.35
CA LYS B 225 -39.47 -2.23 15.77
C LYS B 225 -38.88 -3.49 16.43
N GLU B 226 -38.95 -4.62 15.73
CA GLU B 226 -38.35 -5.86 16.22
C GLU B 226 -36.88 -5.67 16.55
N MET B 227 -36.17 -4.97 15.66
CA MET B 227 -34.76 -4.65 15.86
C MET B 227 -34.57 -3.62 16.96
N LYS B 228 -35.36 -2.54 16.94
CA LYS B 228 -35.20 -1.47 17.94
C LYS B 228 -35.52 -1.96 19.36
N ASP B 229 -36.44 -2.90 19.48
CA ASP B 229 -36.75 -3.48 20.79
C ASP B 229 -35.54 -4.21 21.39
N GLN B 230 -34.57 -4.56 20.56
CA GLN B 230 -33.33 -5.18 21.03
C GLN B 230 -32.20 -4.16 21.01
N GLU B 231 -32.58 -2.88 20.94
CA GLU B 231 -31.62 -1.78 20.88
C GLU B 231 -30.67 -1.93 19.70
N LEU B 232 -31.24 -2.31 18.56
CA LEU B 232 -30.53 -2.40 17.29
C LEU B 232 -31.22 -1.47 16.32
N ARG B 233 -30.53 -0.42 15.91
CA ARG B 233 -31.14 0.54 15.00
C ARG B 233 -30.64 0.32 13.58
N LEU B 234 -31.58 0.11 12.66
CA LEU B 234 -31.25 -0.11 11.25
C LEU B 234 -30.90 1.21 10.59
N ILE B 235 -29.77 1.26 9.90
CA ILE B 235 -29.31 2.48 9.24
C ILE B 235 -29.19 2.27 7.73
N PRO B 236 -30.20 2.73 6.97
CA PRO B 236 -30.29 2.45 5.52
C PRO B 236 -29.46 3.40 4.66
N ILE B 237 -28.99 2.88 3.53
CA ILE B 237 -28.22 3.69 2.60
C ILE B 237 -29.16 4.43 1.62
N ILE B 238 -28.74 5.62 1.20
CA ILE B 238 -29.41 6.36 0.13
C ILE B 238 -28.36 6.77 -0.90
N ASP B 239 -28.61 6.45 -2.18
CA ASP B 239 -27.65 6.77 -3.25
C ASP B 239 -28.05 8.01 -4.04
N ALA B 240 -27.09 8.59 -4.75
CA ALA B 240 -27.35 9.79 -5.56
C ALA B 240 -28.27 9.55 -6.75
N GLY B 241 -28.12 8.41 -7.42
CA GLY B 241 -28.88 8.17 -8.64
C GLY B 241 -30.32 7.68 -8.45
N VAL B 242 -31.27 8.38 -9.05
CA VAL B 242 -32.68 7.99 -9.01
C VAL B 242 -33.05 7.18 -10.25
N LYS B 243 -33.38 5.90 -10.07
CA LYS B 243 -33.66 5.00 -11.20
C LYS B 243 -34.68 5.54 -12.18
N VAL B 244 -34.35 5.43 -13.47
CA VAL B 244 -35.29 5.74 -14.54
C VAL B 244 -36.31 4.61 -14.67
N GLU B 245 -37.57 4.89 -14.31
CA GLU B 245 -38.61 3.87 -14.33
C GLU B 245 -40.00 4.47 -14.37
N LYS B 246 -40.74 4.14 -15.43
CA LYS B 246 -42.11 4.58 -15.58
C LYS B 246 -42.95 4.13 -14.38
N GLY B 247 -43.66 5.07 -13.76
CA GLY B 247 -44.51 4.73 -12.64
C GLY B 247 -43.83 4.81 -11.29
N TYR B 248 -42.51 4.93 -11.27
CA TYR B 248 -41.77 5.12 -10.04
C TYR B 248 -41.91 6.58 -9.66
N GLU B 249 -42.55 6.85 -8.53
CA GLU B 249 -42.95 8.22 -8.15
C GLU B 249 -41.80 9.22 -8.08
N VAL B 250 -40.70 8.83 -7.44
CA VAL B 250 -39.54 9.71 -7.30
C VAL B 250 -39.05 10.15 -8.67
N TYR B 251 -38.94 9.19 -9.59
CA TYR B 251 -38.59 9.47 -10.98
C TYR B 251 -39.61 10.38 -11.66
N GLU B 252 -40.89 10.00 -11.62
CA GLU B 252 -41.93 10.78 -12.29
C GLU B 252 -41.98 12.23 -11.79
N GLU B 253 -41.85 12.41 -10.48
CA GLU B 253 -41.92 13.75 -9.89
C GLU B 253 -40.72 14.58 -10.32
N GLY B 254 -39.54 13.93 -10.34
CA GLY B 254 -38.31 14.57 -10.75
C GLY B 254 -38.37 15.08 -12.19
N VAL B 255 -38.91 14.25 -13.08
CA VAL B 255 -39.05 14.64 -14.47
C VAL B 255 -40.04 15.79 -14.63
N LYS B 256 -41.23 15.60 -14.07
CA LYS B 256 -42.33 16.55 -14.18
C LYS B 256 -41.94 17.95 -13.71
N ASN B 257 -41.20 18.01 -12.60
CA ASN B 257 -40.88 19.27 -11.97
C ASN B 257 -39.47 19.75 -12.27
N ASN B 258 -38.82 19.10 -13.23
CA ASN B 258 -37.44 19.43 -13.61
C ASN B 258 -36.49 19.49 -12.43
N TYR B 259 -36.48 18.45 -11.60
CA TYR B 259 -35.59 18.38 -10.45
C TYR B 259 -34.29 17.66 -10.73
N PHE B 260 -34.12 17.16 -11.96
CA PHE B 260 -32.92 16.41 -12.30
C PHE B 260 -31.91 17.27 -13.05
N CYS B 261 -30.65 16.85 -13.01
CA CYS B 261 -29.58 17.50 -13.78
C CYS B 261 -29.82 17.24 -15.25
N LYS B 262 -29.66 18.28 -16.06
CA LYS B 262 -29.98 18.15 -17.46
C LYS B 262 -28.75 18.30 -18.36
N ARG B 263 -28.80 17.61 -19.49
CA ARG B 263 -27.82 17.83 -20.54
C ARG B 263 -27.95 19.24 -21.11
N GLU B 264 -27.05 19.57 -22.02
CA GLU B 264 -27.01 20.89 -22.60
C GLU B 264 -28.22 21.17 -23.48
N ASP B 265 -28.95 20.13 -23.89
CA ASP B 265 -30.13 20.31 -24.73
C ASP B 265 -31.46 20.30 -23.97
N GLY B 266 -31.39 20.24 -22.64
CA GLY B 266 -32.58 20.31 -21.82
C GLY B 266 -33.14 18.96 -21.40
N SER B 267 -32.61 17.88 -21.98
CA SER B 267 -33.03 16.53 -21.60
C SER B 267 -32.41 16.12 -20.26
N ASP B 268 -33.05 15.19 -19.56
CA ASP B 268 -32.52 14.70 -18.29
C ASP B 268 -31.33 13.78 -18.53
N PHE B 269 -30.17 14.15 -17.98
CA PHE B 269 -28.94 13.39 -18.17
C PHE B 269 -29.06 12.01 -17.55
N VAL B 270 -28.63 10.99 -18.29
CA VAL B 270 -28.71 9.60 -17.85
C VAL B 270 -27.35 9.07 -17.38
N ALA B 271 -27.30 8.58 -16.15
CA ALA B 271 -26.10 7.95 -15.62
C ALA B 271 -26.43 6.55 -15.14
N ALA B 272 -25.65 5.56 -15.58
CA ALA B 272 -25.85 4.20 -15.10
C ALA B 272 -25.09 3.99 -13.80
N VAL B 273 -25.82 3.60 -12.78
CA VAL B 273 -25.23 3.17 -11.52
C VAL B 273 -25.94 1.86 -11.13
N TRP B 274 -26.11 1.60 -9.84
CA TRP B 274 -26.71 0.32 -9.45
C TRP B 274 -28.09 -0.03 -10.07
N PRO B 275 -29.02 0.95 -10.14
CA PRO B 275 -30.33 0.61 -10.74
C PRO B 275 -30.30 0.49 -12.25
N GLY B 276 -29.11 0.60 -12.86
CA GLY B 276 -29.02 0.77 -14.30
C GLY B 276 -29.15 2.25 -14.58
N ASP B 277 -29.95 2.62 -15.58
CA ASP B 277 -30.13 4.04 -15.91
C ASP B 277 -30.77 4.85 -14.77
N THR B 278 -30.13 5.96 -14.40
CA THR B 278 -30.69 6.87 -13.39
C THR B 278 -30.59 8.33 -13.82
N HIS B 279 -31.28 9.19 -13.08
CA HIS B 279 -31.05 10.64 -13.16
C HIS B 279 -30.50 11.10 -11.82
N PHE B 280 -29.74 12.19 -11.84
CA PHE B 280 -29.24 12.80 -10.60
C PHE B 280 -30.14 13.98 -10.23
N PRO B 281 -30.69 13.98 -9.00
CA PRO B 281 -31.38 15.16 -8.48
C PRO B 281 -30.42 16.34 -8.54
N ASP B 282 -30.92 17.51 -8.92
CA ASP B 282 -30.09 18.70 -9.02
C ASP B 282 -29.85 19.25 -7.63
N MET B 283 -28.77 18.80 -6.99
CA MET B 283 -28.51 19.13 -5.59
C MET B 283 -28.21 20.61 -5.35
N LEU B 284 -27.87 21.33 -6.41
CA LEU B 284 -27.58 22.76 -6.28
C LEU B 284 -28.82 23.62 -6.55
N ASN B 285 -29.94 22.97 -6.85
CA ASN B 285 -31.22 23.66 -6.98
C ASN B 285 -32.01 23.55 -5.67
N PRO B 286 -32.41 24.69 -5.11
CA PRO B 286 -33.05 24.69 -3.78
C PRO B 286 -34.34 23.89 -3.76
N GLU B 287 -35.22 24.11 -4.74
CA GLU B 287 -36.47 23.35 -4.81
C GLU B 287 -36.21 21.85 -4.92
N ALA B 288 -35.24 21.47 -5.73
CA ALA B 288 -34.89 20.06 -5.89
C ALA B 288 -34.29 19.49 -4.59
N ARG B 289 -33.47 20.29 -3.91
CA ARG B 289 -32.94 19.88 -2.61
C ARG B 289 -34.07 19.63 -1.61
N LYS B 290 -35.01 20.56 -1.54
CA LYS B 290 -36.12 20.42 -0.61
C LYS B 290 -36.91 19.14 -0.92
N TRP B 291 -37.17 18.92 -2.20
CA TRP B 291 -37.90 17.75 -2.64
C TRP B 291 -37.17 16.46 -2.30
N PHE B 292 -35.89 16.38 -2.63
CA PHE B 292 -35.10 15.19 -2.35
C PHE B 292 -34.97 14.90 -0.85
N GLY B 293 -34.60 15.90 -0.07
CA GLY B 293 -34.52 15.75 1.37
C GLY B 293 -35.84 15.31 1.99
N ASP B 294 -36.94 15.91 1.57
CA ASP B 294 -38.26 15.60 2.15
C ASP B 294 -38.61 14.12 1.97
N LYS B 295 -37.99 13.49 0.96
CA LYS B 295 -38.23 12.07 0.70
C LYS B 295 -37.74 11.15 1.81
N TYR B 296 -36.83 11.65 2.66
CA TYR B 296 -36.33 10.82 3.75
C TYR B 296 -37.44 10.51 4.76
N ARG B 297 -38.49 11.32 4.76
CA ARG B 297 -39.64 11.08 5.64
C ARG B 297 -40.23 9.69 5.48
N PHE B 298 -40.07 9.13 4.27
CA PHE B 298 -40.58 7.81 3.94
C PHE B 298 -40.03 6.77 4.90
N LEU B 299 -38.75 6.93 5.25
CA LEU B 299 -38.08 6.01 6.16
C LEU B 299 -38.23 6.45 7.62
N ILE B 300 -38.17 7.76 7.85
CA ILE B 300 -38.30 8.30 9.21
C ILE B 300 -39.65 7.93 9.81
N ASP B 301 -40.72 8.03 9.01
CA ASP B 301 -42.05 7.65 9.46
C ASP B 301 -42.16 6.16 9.77
N GLN B 302 -41.19 5.36 9.32
CA GLN B 302 -41.22 3.93 9.56
C GLN B 302 -40.29 3.53 10.71
N GLY B 303 -39.72 4.52 11.38
CA GLY B 303 -38.97 4.28 12.61
C GLY B 303 -37.47 4.35 12.43
N ILE B 304 -37.03 4.80 11.25
CA ILE B 304 -35.60 4.90 10.97
C ILE B 304 -35.04 6.18 11.56
N GLU B 305 -33.85 6.08 12.18
CA GLU B 305 -33.25 7.20 12.89
C GLU B 305 -31.87 7.58 12.37
N GLY B 306 -31.44 6.99 11.26
CA GLY B 306 -30.13 7.29 10.73
C GLY B 306 -30.00 6.86 9.28
N PHE B 307 -29.07 7.47 8.56
CA PHE B 307 -28.88 7.15 7.14
C PHE B 307 -27.42 7.30 6.77
N TRP B 308 -27.01 6.63 5.69
CA TRP B 308 -25.71 6.96 5.09
C TRP B 308 -25.88 7.25 3.59
N ASN B 309 -25.21 8.28 3.11
CA ASN B 309 -25.31 8.69 1.70
C ASN B 309 -24.10 8.21 0.92
N ASP B 310 -24.34 7.52 -0.19
CA ASP B 310 -23.25 6.90 -0.91
C ASP B 310 -23.26 7.34 -2.37
N MET B 311 -22.15 7.10 -3.07
CA MET B 311 -22.04 7.34 -4.51
C MET B 311 -22.31 8.80 -4.87
N ASN B 312 -22.05 9.71 -3.95
CA ASN B 312 -22.46 11.10 -4.17
C ASN B 312 -21.36 12.03 -4.64
N GLU B 313 -20.38 11.45 -5.34
CA GLU B 313 -19.37 12.25 -6.02
C GLU B 313 -19.92 13.21 -7.09
N PRO B 314 -20.88 12.78 -7.94
CA PRO B 314 -21.59 11.50 -8.05
C PRO B 314 -20.83 10.48 -8.90
N ALA B 315 -20.84 9.22 -8.46
CA ALA B 315 -20.18 8.16 -9.22
C ALA B 315 -21.02 7.79 -10.43
N ILE B 316 -20.34 7.41 -11.50
CA ILE B 316 -21.01 7.02 -12.74
C ILE B 316 -20.32 5.79 -13.32
N PHE B 317 -21.05 4.68 -13.53
CA PHE B 317 -20.44 3.50 -14.16
C PHE B 317 -20.19 3.81 -15.62
N TYR B 318 -21.15 4.50 -16.22
CA TYR B 318 -21.05 4.96 -17.61
C TYR B 318 -22.24 5.85 -17.92
N SER B 319 -22.11 6.70 -18.94
CA SER B 319 -23.24 7.47 -19.42
C SER B 319 -23.76 6.81 -20.70
N SER B 320 -24.92 7.24 -21.15
CA SER B 320 -25.44 6.76 -22.43
C SER B 320 -24.43 7.04 -23.53
N GLU B 321 -23.85 8.23 -23.51
CA GLU B 321 -22.87 8.65 -24.51
C GLU B 321 -21.63 7.76 -24.45
N GLY B 322 -21.11 7.59 -23.23
CA GLY B 322 -19.94 6.75 -23.01
C GLY B 322 -20.18 5.33 -23.46
N LEU B 323 -21.33 4.77 -23.09
CA LEU B 323 -21.65 3.38 -23.43
C LEU B 323 -21.69 3.16 -24.94
N ALA B 324 -22.26 4.12 -25.67
CA ALA B 324 -22.34 4.03 -27.12
C ALA B 324 -20.94 4.08 -27.74
N GLU B 325 -20.09 4.96 -27.23
CA GLU B 325 -18.72 5.05 -27.74
C GLU B 325 -17.95 3.77 -27.46
N ALA B 326 -18.23 3.15 -26.32
CA ALA B 326 -17.52 1.91 -25.98
C ALA B 326 -17.96 0.78 -26.90
N LYS B 327 -19.25 0.77 -27.23
CA LYS B 327 -19.76 -0.28 -28.10
C LYS B 327 -19.27 -0.11 -29.52
N GLU B 328 -19.22 1.13 -30.00
CA GLU B 328 -18.67 1.40 -31.32
C GLU B 328 -17.23 0.89 -31.40
N PHE B 329 -16.45 1.21 -30.37
CA PHE B 329 -15.06 0.82 -30.29
C PHE B 329 -14.91 -0.71 -30.29
N ALA B 330 -15.69 -1.38 -29.46
CA ALA B 330 -15.63 -2.85 -29.39
C ALA B 330 -15.96 -3.49 -30.73
N GLY B 331 -16.86 -2.87 -31.49
CA GLY B 331 -17.19 -3.36 -32.81
C GLY B 331 -15.99 -3.32 -33.77
N GLU B 332 -15.20 -2.26 -33.67
CA GLU B 332 -13.98 -2.13 -34.49
C GLU B 332 -12.95 -3.14 -34.03
N PHE B 333 -12.80 -3.27 -32.71
CA PHE B 333 -11.88 -4.25 -32.16
C PHE B 333 -12.27 -5.66 -32.63
N ALA B 334 -13.55 -5.97 -32.54
CA ALA B 334 -14.06 -7.29 -32.93
C ALA B 334 -13.76 -7.65 -34.38
N LYS B 335 -13.84 -6.69 -35.28
CA LYS B 335 -13.66 -6.95 -36.71
C LYS B 335 -12.21 -6.76 -37.17
N ASP B 336 -11.37 -6.19 -36.32
CA ASP B 336 -9.95 -5.99 -36.66
C ASP B 336 -9.28 -7.33 -36.97
N THR B 337 -8.52 -7.37 -38.06
CA THR B 337 -7.79 -8.59 -38.42
C THR B 337 -6.30 -8.29 -38.56
N GLU B 338 -5.95 -7.00 -38.62
CA GLU B 338 -4.58 -6.59 -38.87
C GLU B 338 -3.84 -6.22 -37.60
N GLY B 339 -4.49 -6.42 -36.45
CA GLY B 339 -3.90 -6.09 -35.17
C GLY B 339 -3.65 -4.60 -35.01
N LYS B 340 -4.47 -3.79 -35.69
CA LYS B 340 -4.39 -2.34 -35.56
C LYS B 340 -4.89 -1.89 -34.20
N ILE B 341 -5.92 -2.57 -33.74
CA ILE B 341 -6.53 -2.22 -32.46
C ILE B 341 -6.15 -3.26 -31.43
N HIS B 342 -5.29 -2.84 -30.53
CA HIS B 342 -4.71 -3.72 -29.53
C HIS B 342 -5.63 -3.85 -28.33
N PRO B 343 -5.58 -5.01 -27.65
CA PRO B 343 -6.40 -5.29 -26.47
C PRO B 343 -6.28 -4.22 -25.38
N TRP B 344 -5.07 -3.70 -25.13
CA TRP B 344 -4.91 -2.69 -24.09
CA TRP B 344 -4.90 -2.68 -24.10
C TRP B 344 -5.63 -1.39 -24.43
N ALA B 345 -5.80 -1.11 -25.71
CA ALA B 345 -6.57 0.05 -26.15
C ALA B 345 -8.05 -0.20 -25.86
N MET B 346 -8.48 -1.44 -26.08
CA MET B 346 -9.85 -1.85 -25.77
C MET B 346 -10.10 -1.72 -24.28
N GLN B 347 -9.16 -2.21 -23.48
CA GLN B 347 -9.26 -2.14 -22.02
C GLN B 347 -9.28 -0.70 -21.51
N ALA B 348 -8.44 0.15 -22.09
CA ALA B 348 -8.39 1.55 -21.69
C ALA B 348 -9.72 2.27 -21.92
N LYS B 349 -10.34 2.04 -23.08
CA LYS B 349 -11.64 2.67 -23.39
C LYS B 349 -12.71 2.24 -22.39
N MET B 350 -12.68 0.97 -21.99
CA MET B 350 -13.65 0.46 -21.02
C MET B 350 -13.43 1.10 -19.66
N LYS B 351 -12.17 1.31 -19.31
CA LYS B 351 -11.83 2.00 -18.07
C LYS B 351 -12.25 3.47 -18.14
N ASP B 352 -12.14 4.06 -19.33
CA ASP B 352 -12.33 5.49 -19.47
C ASP B 352 -13.77 5.96 -19.32
N ILE B 353 -14.73 5.06 -19.52
CA ILE B 353 -16.14 5.46 -19.44
C ILE B 353 -16.63 5.50 -17.99
N VAL B 354 -15.79 5.03 -17.07
CA VAL B 354 -16.15 5.02 -15.65
C VAL B 354 -15.68 6.30 -14.94
N ASN B 355 -16.61 6.99 -14.27
CA ASN B 355 -16.29 8.24 -13.59
C ASN B 355 -15.54 9.22 -14.51
N SER B 356 -16.03 9.34 -15.73
CA SER B 356 -15.34 10.05 -16.81
C SER B 356 -15.40 11.57 -16.69
N PRO B 357 -14.24 12.24 -16.76
CA PRO B 357 -14.21 13.70 -16.76
C PRO B 357 -15.11 14.29 -17.85
N GLU B 358 -15.23 13.59 -18.98
CA GLU B 358 -16.09 14.05 -20.06
C GLU B 358 -17.55 14.03 -19.62
N ASP B 359 -17.93 13.02 -18.85
CA ASP B 359 -19.30 12.92 -18.36
C ASP B 359 -19.64 14.08 -17.43
N TYR B 360 -18.68 14.46 -16.59
CA TYR B 360 -18.90 15.55 -15.66
C TYR B 360 -19.05 16.90 -16.36
N LYS B 361 -18.78 16.93 -17.67
CA LYS B 361 -19.01 18.11 -18.49
C LYS B 361 -20.30 17.97 -19.29
N ARG B 362 -21.06 16.90 -19.06
CA ARG B 362 -22.25 16.64 -19.88
C ARG B 362 -23.57 17.03 -19.23
N PHE B 363 -23.53 17.35 -17.95
CA PHE B 363 -24.75 17.79 -17.26
C PHE B 363 -24.56 19.08 -16.46
N TYR B 364 -25.68 19.73 -16.16
CA TYR B 364 -25.69 21.07 -15.61
C TYR B 364 -26.55 21.15 -14.37
N HIS B 365 -26.25 22.12 -13.52
CA HIS B 365 -27.11 22.47 -12.39
C HIS B 365 -27.88 23.74 -12.67
N ASN B 366 -29.14 23.75 -12.25
CA ASN B 366 -29.98 24.94 -12.32
C ASN B 366 -29.92 25.67 -10.97
N VAL B 367 -29.06 26.67 -10.88
CA VAL B 367 -28.89 27.39 -9.63
C VAL B 367 -29.74 28.67 -9.63
N ASN B 368 -30.95 28.57 -9.08
CA ASN B 368 -31.88 29.70 -9.03
C ASN B 368 -32.17 30.28 -10.41
N GLY B 369 -32.20 29.43 -11.42
CA GLY B 369 -32.53 29.83 -12.76
C GLY B 369 -31.33 29.87 -13.68
N LYS B 370 -30.13 29.92 -13.10
CA LYS B 370 -28.91 30.03 -13.87
C LYS B 370 -28.24 28.68 -14.09
N LYS B 371 -27.90 28.38 -15.35
CA LYS B 371 -27.30 27.10 -15.68
C LYS B 371 -25.79 27.12 -15.45
N ILE B 372 -25.27 26.12 -14.75
CA ILE B 372 -23.82 25.96 -14.63
C ILE B 372 -23.39 24.51 -14.84
N ARG B 373 -22.35 24.33 -15.64
CA ARG B 373 -21.87 22.99 -15.97
C ARG B 373 -21.32 22.32 -14.72
N HIS B 374 -21.67 21.06 -14.52
CA HIS B 374 -21.32 20.33 -13.30
C HIS B 374 -19.84 20.40 -12.88
N ASP B 375 -18.94 20.21 -13.84
CA ASP B 375 -17.51 20.16 -13.51
C ASP B 375 -17.02 21.44 -12.84
N LYS B 376 -17.66 22.56 -13.17
CA LYS B 376 -17.33 23.84 -12.56
C LYS B 376 -17.70 23.90 -11.08
N VAL B 377 -18.56 22.99 -10.65
CA VAL B 377 -18.99 22.95 -9.24
C VAL B 377 -18.97 21.52 -8.69
N HIS B 378 -18.13 20.68 -9.29
CA HIS B 378 -18.14 19.25 -9.00
C HIS B 378 -18.05 18.88 -7.52
N ASN B 379 -17.21 19.56 -6.75
CA ASN B 379 -16.97 19.17 -5.37
C ASN B 379 -18.10 19.57 -4.41
N LEU B 380 -19.16 20.15 -4.94
CA LEU B 380 -20.26 20.60 -4.09
C LEU B 380 -21.40 19.58 -4.08
N PHE B 381 -21.32 18.56 -4.92
CA PHE B 381 -22.47 17.64 -5.11
C PHE B 381 -22.84 16.83 -3.86
N GLY B 382 -21.90 16.05 -3.34
CA GLY B 382 -22.19 15.23 -2.18
C GLY B 382 -22.53 16.06 -0.96
N TYR B 383 -21.82 17.17 -0.83
CA TYR B 383 -22.11 18.21 0.17
C TYR B 383 -23.59 18.61 0.09
N ASN B 384 -24.05 18.99 -1.08
CA ASN B 384 -25.43 19.45 -1.17
C ASN B 384 -26.48 18.35 -1.04
N MET B 385 -26.13 17.12 -1.39
CA MET B 385 -27.00 15.99 -1.11
C MET B 385 -27.19 15.76 0.39
N THR B 386 -26.11 15.85 1.16
CA THR B 386 -26.21 15.67 2.61
C THR B 386 -26.91 16.87 3.24
N ARG B 387 -26.64 18.05 2.68
CA ARG B 387 -27.35 19.24 3.12
C ARG B 387 -28.85 19.10 2.91
N ALA B 388 -29.26 18.50 1.78
CA ALA B 388 -30.67 18.30 1.49
C ALA B 388 -31.31 17.46 2.60
N ALA B 389 -30.64 16.38 2.98
CA ALA B 389 -31.15 15.53 4.04
C ALA B 389 -31.20 16.28 5.37
N GLY B 390 -30.08 16.91 5.74
CA GLY B 390 -29.97 17.61 7.00
C GLY B 390 -31.00 18.70 7.18
N GLU B 391 -31.23 19.47 6.13
CA GLU B 391 -32.24 20.51 6.17
C GLU B 391 -33.66 19.92 6.30
N ALA B 392 -33.88 18.78 5.68
CA ALA B 392 -35.16 18.10 5.79
C ALA B 392 -35.42 17.63 7.21
N PHE B 393 -34.40 17.10 7.87
CA PHE B 393 -34.55 16.64 9.26
C PHE B 393 -34.97 17.80 10.15
N GLU B 394 -34.42 18.98 9.88
CA GLU B 394 -34.75 20.18 10.65
C GLU B 394 -36.21 20.57 10.48
N ARG B 395 -36.75 20.38 9.28
CA ARG B 395 -38.16 20.70 9.01
C ARG B 395 -39.10 19.71 9.71
N ILE B 396 -38.71 18.44 9.73
CA ILE B 396 -39.46 17.37 10.36
C ILE B 396 -39.53 17.51 11.87
N ASP B 397 -38.35 17.56 12.47
CA ASP B 397 -38.19 17.44 13.92
C ASP B 397 -36.92 18.21 14.28
N PRO B 398 -37.04 19.54 14.44
CA PRO B 398 -35.85 20.37 14.62
C PRO B 398 -35.07 20.09 15.92
N GLU B 399 -35.72 19.47 16.90
CA GLU B 399 -35.05 19.21 18.18
C GLU B 399 -34.47 17.81 18.26
N LYS B 400 -34.52 17.06 17.16
CA LYS B 400 -34.07 15.67 17.18
C LYS B 400 -32.81 15.46 16.35
N ARG B 401 -31.81 14.79 16.94
CA ARG B 401 -30.61 14.42 16.19
C ARG B 401 -30.81 13.13 15.41
N PHE B 402 -30.44 13.13 14.13
CA PHE B 402 -30.42 11.91 13.35
C PHE B 402 -28.99 11.54 13.02
N LEU B 403 -28.70 10.25 12.94
CA LEU B 403 -27.39 9.80 12.44
C LEU B 403 -27.35 10.02 10.92
N MET B 404 -26.29 10.67 10.45
CA MET B 404 -26.16 10.99 9.04
C MET B 404 -24.70 11.11 8.69
N PHE B 405 -24.25 10.35 7.69
CA PHE B 405 -22.92 10.59 7.17
C PHE B 405 -22.81 10.25 5.70
N SER B 406 -21.75 10.73 5.06
CA SER B 406 -21.68 10.79 3.60
C SER B 406 -20.31 10.35 3.13
N ARG B 407 -20.19 9.91 1.88
CA ARG B 407 -18.88 9.54 1.36
C ARG B 407 -18.14 10.76 0.84
N SER B 408 -18.77 11.47 -0.10
CA SER B 408 -18.18 12.67 -0.68
C SER B 408 -18.55 13.90 0.15
N SER B 409 -17.63 14.86 0.23
CA SER B 409 -17.89 16.10 1.00
C SER B 409 -17.00 17.29 0.59
N TYR B 410 -17.41 18.46 1.06
CA TYR B 410 -16.69 19.73 0.90
C TYR B 410 -16.95 20.44 2.20
N ILE B 411 -16.06 21.36 2.58
CA ILE B 411 -16.25 22.07 3.85
C ILE B 411 -17.55 22.89 3.80
N GLY B 412 -18.32 22.82 4.88
CA GLY B 412 -19.69 23.30 4.86
C GLY B 412 -20.60 22.13 5.15
N MET B 413 -20.29 20.98 4.57
CA MET B 413 -21.09 19.78 4.79
C MET B 413 -20.96 19.28 6.22
N HIS B 414 -19.89 19.70 6.89
CA HIS B 414 -19.59 19.22 8.24
C HIS B 414 -20.69 19.66 9.22
N ARG B 415 -21.51 20.62 8.79
CA ARG B 415 -22.60 21.10 9.64
C ARG B 415 -23.80 20.15 9.63
N TYR B 416 -23.84 19.25 8.63
CA TYR B 416 -25.06 18.46 8.36
C TYR B 416 -24.89 16.94 8.55
N GLY B 417 -23.65 16.46 8.48
CA GLY B 417 -23.41 15.04 8.59
C GLY B 417 -21.94 14.76 8.75
N GLY B 418 -21.60 13.53 9.14
CA GLY B 418 -20.20 13.13 9.23
C GLY B 418 -19.75 12.52 7.92
N ILE B 419 -18.60 11.87 7.92
CA ILE B 419 -18.19 11.10 6.75
C ILE B 419 -17.57 9.79 7.21
N TRP B 420 -17.65 8.77 6.36
CA TRP B 420 -16.80 7.61 6.58
C TRP B 420 -15.75 7.66 5.49
N MET B 421 -14.61 7.03 5.73
CA MET B 421 -13.45 7.22 4.86
C MET B 421 -13.50 6.39 3.58
N GLY B 422 -14.70 5.97 3.21
CA GLY B 422 -14.91 5.31 1.93
C GLY B 422 -14.32 3.91 1.85
N ASP B 423 -14.00 3.49 0.63
CA ASP B 423 -13.57 2.12 0.38
C ASP B 423 -12.09 1.86 0.65
N ASN B 424 -11.75 1.61 1.92
CA ASN B 424 -10.39 1.17 2.24
C ASN B 424 -10.24 -0.32 1.96
N LYS B 425 -9.14 -0.91 2.42
CA LYS B 425 -8.86 -2.31 2.17
C LYS B 425 -8.42 -3.00 3.45
N SER B 426 -8.52 -4.33 3.45
CA SER B 426 -8.00 -5.11 4.56
C SER B 426 -6.47 -5.16 4.48
N TRP B 427 -5.87 -3.98 4.72
CA TRP B 427 -4.44 -3.81 4.70
C TRP B 427 -4.03 -3.23 6.03
N TRP B 428 -2.91 -3.70 6.57
CA TRP B 428 -2.40 -3.15 7.81
C TRP B 428 -2.12 -1.65 7.67
N SER B 429 -1.63 -1.25 6.51
CA SER B 429 -1.32 0.17 6.28
C SER B 429 -2.56 1.07 6.36
N HIS B 430 -3.75 0.50 6.18
CA HIS B 430 -4.96 1.33 6.29
C HIS B 430 -5.42 1.54 7.72
N ILE B 431 -4.84 0.81 8.67
CA ILE B 431 -5.08 1.16 10.06
C ILE B 431 -4.40 2.49 10.28
N LEU B 432 -3.17 2.61 9.78
CA LEU B 432 -2.42 3.84 9.98
C LEU B 432 -3.03 4.99 9.17
N LEU B 433 -3.55 4.68 7.98
CA LEU B 433 -4.19 5.69 7.15
C LEU B 433 -5.43 6.23 7.85
N ASN B 434 -6.21 5.34 8.45
CA ASN B 434 -7.38 5.71 9.25
C ASN B 434 -6.94 6.69 10.35
N LEU B 435 -5.89 6.33 11.08
CA LEU B 435 -5.43 7.15 12.21
C LEU B 435 -5.04 8.56 11.75
N LYS B 436 -4.25 8.64 10.68
CA LYS B 436 -3.69 9.93 10.28
C LYS B 436 -4.75 10.89 9.75
N MET B 437 -5.81 10.36 9.16
CA MET B 437 -6.85 11.21 8.60
C MET B 437 -7.62 11.92 9.68
N LEU B 438 -7.66 11.32 10.87
CA LEU B 438 -8.53 11.82 11.94
C LEU B 438 -8.32 13.29 12.33
N PRO B 439 -7.08 13.70 12.66
CA PRO B 439 -6.94 15.09 13.09
C PRO B 439 -7.17 16.05 11.94
N SER B 440 -6.78 15.66 10.73
CA SER B 440 -6.93 16.55 9.61
C SER B 440 -8.41 16.82 9.33
N LEU B 441 -9.24 15.79 9.50
CA LEU B 441 -10.68 15.94 9.34
C LEU B 441 -11.26 16.85 10.43
N ASN B 442 -10.73 16.71 11.65
CA ASN B 442 -11.16 17.54 12.77
C ASN B 442 -10.85 19.01 12.49
N MET B 443 -9.75 19.27 11.78
CA MET B 443 -9.35 20.64 11.48
C MET B 443 -10.34 21.30 10.56
N CYS B 444 -11.02 20.49 9.76
CA CYS B 444 -11.89 20.98 8.69
C CYS B 444 -13.35 20.85 9.07
N GLY B 445 -13.59 20.50 10.34
CA GLY B 445 -14.94 20.50 10.89
C GLY B 445 -15.58 19.12 11.00
N PHE B 446 -14.95 18.12 10.40
CA PHE B 446 -15.57 16.80 10.34
C PHE B 446 -15.15 15.94 11.52
N MET B 447 -15.97 15.93 12.57
CA MET B 447 -15.59 15.23 13.77
C MET B 447 -16.19 13.83 13.88
N TYR B 448 -17.41 13.67 13.40
CA TYR B 448 -18.00 12.35 13.42
C TYR B 448 -17.48 11.61 12.20
N THR B 449 -16.43 10.82 12.40
CA THR B 449 -15.85 10.14 11.26
C THR B 449 -15.26 8.81 11.70
N GLY B 450 -14.90 7.99 10.72
CA GLY B 450 -14.26 6.70 10.99
C GLY B 450 -14.08 6.00 9.66
N ALA B 451 -13.44 4.82 9.70
CA ALA B 451 -13.20 4.03 8.50
C ALA B 451 -13.85 2.66 8.61
N ASP B 452 -13.90 1.91 7.51
CA ASP B 452 -14.46 0.57 7.57
C ASP B 452 -13.50 -0.36 8.33
N LEU B 453 -13.88 -0.74 9.55
CA LEU B 453 -12.99 -1.53 10.40
C LEU B 453 -12.87 -2.96 9.90
N GLY B 454 -11.63 -3.42 9.77
CA GLY B 454 -11.32 -4.72 9.20
C GLY B 454 -10.89 -4.52 7.76
N GLY B 455 -11.24 -3.36 7.22
CA GLY B 455 -11.00 -3.04 5.82
C GLY B 455 -12.18 -3.44 4.95
N PHE B 456 -12.59 -2.54 4.05
CA PHE B 456 -13.72 -2.80 3.17
C PHE B 456 -13.42 -3.88 2.12
N GLY B 457 -12.42 -3.61 1.27
CA GLY B 457 -12.10 -4.50 0.17
C GLY B 457 -11.08 -5.55 0.57
N ASP B 458 -10.94 -6.57 -0.29
CA ASP B 458 -10.04 -7.70 -0.04
C ASP B 458 -10.41 -8.49 1.22
N ASP B 459 -9.58 -9.48 1.57
CA ASP B 459 -9.87 -10.39 2.66
C ASP B 459 -9.11 -10.07 3.94
N THR B 460 -9.85 -9.94 5.04
CA THR B 460 -9.25 -9.63 6.31
C THR B 460 -8.71 -10.90 6.97
N THR B 461 -8.00 -10.74 8.08
CA THR B 461 -7.66 -11.87 8.95
C THR B 461 -8.11 -11.51 10.36
N ARG B 462 -8.19 -12.51 11.23
CA ARG B 462 -8.65 -12.31 12.60
C ARG B 462 -7.88 -11.22 13.33
N ASP B 463 -6.56 -11.24 13.19
CA ASP B 463 -5.73 -10.27 13.90
C ASP B 463 -5.82 -8.86 13.31
N LEU B 464 -5.99 -8.76 12.00
CA LEU B 464 -6.17 -7.44 11.40
C LEU B 464 -7.49 -6.81 11.88
N LEU B 465 -8.56 -7.60 11.89
CA LEU B 465 -9.84 -7.10 12.39
C LEU B 465 -9.71 -6.63 13.84
N LEU B 466 -9.10 -7.44 14.68
CA LEU B 466 -8.94 -7.04 16.09
C LEU B 466 -8.15 -5.74 16.26
N ARG B 467 -7.06 -5.59 15.50
CA ARG B 467 -6.28 -4.36 15.59
C ARG B 467 -7.05 -3.15 15.03
N PHE B 468 -7.84 -3.37 13.98
CA PHE B 468 -8.65 -2.29 13.42
C PHE B 468 -9.68 -1.86 14.46
N LEU B 469 -10.30 -2.84 15.12
CA LEU B 469 -11.34 -2.57 16.11
C LEU B 469 -10.79 -1.76 17.28
N ALA B 470 -9.54 -2.02 17.64
CA ALA B 470 -8.93 -1.35 18.78
C ALA B 470 -8.62 0.13 18.49
N LEU B 471 -8.50 0.47 17.21
CA LEU B 471 -8.46 1.89 16.82
C LEU B 471 -9.87 2.44 16.79
N GLY B 472 -10.79 1.65 16.23
CA GLY B 472 -12.19 2.03 16.12
C GLY B 472 -12.83 2.35 17.46
N VAL B 473 -12.30 1.75 18.53
CA VAL B 473 -12.77 2.06 19.89
C VAL B 473 -12.82 3.57 20.14
N PHE B 474 -11.89 4.29 19.51
CA PHE B 474 -11.78 5.73 19.77
C PHE B 474 -12.40 6.63 18.72
N THR B 475 -12.77 6.08 17.57
CA THR B 475 -13.30 6.91 16.49
C THR B 475 -14.83 7.00 16.65
N PRO B 476 -15.40 8.22 16.53
CA PRO B 476 -16.84 8.38 16.81
C PRO B 476 -17.72 7.45 15.98
N LEU B 477 -17.40 7.30 14.70
CA LEU B 477 -18.03 6.26 13.88
C LEU B 477 -17.21 5.00 14.05
N MET B 478 -17.79 3.98 14.68
CA MET B 478 -17.12 2.68 14.84
C MET B 478 -17.95 1.62 14.14
N ARG B 479 -17.53 1.23 12.95
CA ARG B 479 -18.36 0.39 12.10
C ARG B 479 -17.50 -0.63 11.39
N ASP B 480 -17.88 -1.89 11.53
CA ASP B 480 -17.29 -3.00 10.79
C ASP B 480 -18.08 -3.11 9.49
N HIS B 481 -17.42 -2.87 8.34
CA HIS B 481 -18.08 -2.93 7.03
C HIS B 481 -17.18 -3.63 6.02
N ALA B 482 -17.79 -4.41 5.12
CA ALA B 482 -17.03 -5.20 4.15
C ALA B 482 -17.69 -5.20 2.77
N ALA B 483 -16.87 -5.45 1.75
CA ALA B 483 -17.32 -5.49 0.35
C ALA B 483 -17.93 -6.83 -0.05
N GLU B 484 -18.63 -6.82 -1.17
CA GLU B 484 -19.18 -8.04 -1.75
C GLU B 484 -18.08 -9.03 -2.09
N GLY B 485 -18.30 -10.30 -1.76
CA GLY B 485 -17.38 -11.36 -2.11
C GLY B 485 -16.17 -11.51 -1.21
N THR B 486 -16.06 -10.66 -0.19
CA THR B 486 -14.94 -10.74 0.73
C THR B 486 -15.16 -11.80 1.79
N ARG B 487 -14.07 -12.21 2.45
CA ARG B 487 -14.17 -13.10 3.59
C ARG B 487 -15.10 -12.45 4.62
N GLU B 488 -16.01 -13.23 5.18
CA GLU B 488 -16.95 -12.71 6.18
C GLU B 488 -16.19 -12.17 7.39
N GLN B 489 -16.56 -10.98 7.84
CA GLN B 489 -15.79 -10.35 8.91
C GLN B 489 -16.62 -9.77 10.04
N GLU B 490 -17.83 -10.30 10.24
CA GLU B 490 -18.55 -10.06 11.48
C GLU B 490 -17.72 -10.66 12.60
N CYS B 491 -17.79 -10.09 13.79
CA CYS B 491 -16.93 -10.56 14.88
C CYS B 491 -17.14 -12.03 15.24
N TYR B 492 -18.33 -12.55 15.01
CA TYR B 492 -18.63 -13.94 15.38
C TYR B 492 -18.13 -14.94 14.33
N GLN B 493 -17.37 -14.46 13.35
CA GLN B 493 -16.90 -15.30 12.26
C GLN B 493 -15.49 -15.83 12.48
N PHE B 494 -14.96 -15.64 13.69
CA PHE B 494 -13.59 -16.03 13.99
C PHE B 494 -13.51 -16.84 15.26
N GLU B 495 -12.41 -17.59 15.43
CA GLU B 495 -12.22 -18.40 16.63
C GLU B 495 -11.98 -17.50 17.84
N ASN B 496 -12.22 -18.03 19.04
CA ASN B 496 -12.02 -17.28 20.27
C ASN B 496 -12.72 -15.92 20.29
N ILE B 497 -14.04 -15.96 20.19
CA ILE B 497 -14.88 -14.76 20.09
C ILE B 497 -14.77 -13.85 21.32
N GLU B 498 -14.37 -14.42 22.46
CA GLU B 498 -14.18 -13.60 23.66
C GLU B 498 -13.25 -12.39 23.45
N ASP B 499 -12.26 -12.52 22.56
CA ASP B 499 -11.37 -11.39 22.29
C ASP B 499 -12.08 -10.22 21.60
N PHE B 500 -13.04 -10.53 20.72
CA PHE B 500 -13.83 -9.48 20.09
C PHE B 500 -14.80 -8.85 21.10
N ARG B 501 -15.35 -9.67 21.98
CA ARG B 501 -16.17 -9.14 23.06
C ARG B 501 -15.35 -8.15 23.89
N SER B 502 -14.11 -8.53 24.19
CA SER B 502 -13.25 -7.71 25.05
C SER B 502 -12.94 -6.34 24.44
N VAL B 503 -12.59 -6.33 23.16
CA VAL B 503 -12.21 -5.09 22.49
C VAL B 503 -13.43 -4.18 22.36
N ILE B 504 -14.55 -4.74 21.93
CA ILE B 504 -15.75 -3.93 21.78
C ILE B 504 -16.29 -3.52 23.16
N ASN B 505 -16.10 -4.36 24.17
CA ASN B 505 -16.45 -3.97 25.54
C ASN B 505 -15.73 -2.69 25.93
N ALA B 506 -14.46 -2.56 25.54
CA ALA B 506 -13.68 -1.36 25.87
C ALA B 506 -14.34 -0.10 25.29
N ARG B 507 -14.85 -0.21 24.08
CA ARG B 507 -15.62 0.90 23.48
C ARG B 507 -16.77 1.35 24.38
N TYR B 508 -17.60 0.40 24.82
CA TYR B 508 -18.77 0.76 25.58
C TYR B 508 -18.42 1.31 26.96
N ARG B 509 -17.35 0.78 27.57
CA ARG B 509 -16.87 1.34 28.85
C ARG B 509 -16.42 2.79 28.70
N LEU B 510 -15.92 3.14 27.52
CA LEU B 510 -15.41 4.47 27.23
C LEU B 510 -16.45 5.42 26.64
N VAL B 511 -17.62 4.88 26.29
CA VAL B 511 -18.62 5.73 25.62
C VAL B 511 -18.99 7.01 26.37
N PRO B 512 -19.21 6.93 27.70
CA PRO B 512 -19.55 8.19 28.38
C PRO B 512 -18.42 9.22 28.25
N TYR B 513 -17.18 8.79 28.44
CA TYR B 513 -16.06 9.70 28.24
C TYR B 513 -15.95 10.20 26.79
N LEU B 514 -16.04 9.30 25.82
CA LEU B 514 -15.84 9.71 24.43
C LEU B 514 -16.94 10.65 23.98
N TYR B 515 -18.18 10.34 24.34
CA TYR B 515 -19.31 11.20 24.01
C TYR B 515 -19.16 12.56 24.66
N SER B 516 -18.75 12.58 25.92
CA SER B 516 -18.54 13.82 26.64
C SER B 516 -17.53 14.71 25.90
N GLU B 517 -16.39 14.13 25.53
CA GLU B 517 -15.36 14.91 24.85
C GLU B 517 -15.82 15.39 23.48
N TYR B 518 -16.61 14.56 22.80
CA TYR B 518 -17.12 14.94 21.48
C TYR B 518 -18.00 16.16 21.62
N MET B 519 -18.90 16.11 22.61
CA MET B 519 -19.86 17.16 22.82
C MET B 519 -19.15 18.44 23.25
N LYS B 520 -18.21 18.33 24.19
CA LYS B 520 -17.47 19.50 24.60
C LYS B 520 -16.70 20.14 23.45
N ALA B 521 -16.11 19.32 22.60
CA ALA B 521 -15.40 19.85 21.43
C ALA B 521 -16.38 20.50 20.44
N ALA B 522 -17.45 19.79 20.09
CA ALA B 522 -18.37 20.32 19.08
C ALA B 522 -19.03 21.63 19.48
N LEU B 523 -19.43 21.72 20.75
CA LEU B 523 -20.14 22.91 21.22
C LEU B 523 -19.22 24.12 21.32
N ASN B 524 -17.90 23.88 21.41
CA ASN B 524 -16.93 24.96 21.53
C ASN B 524 -16.02 25.12 20.31
N ASP B 525 -16.43 24.55 19.18
CA ASP B 525 -15.67 24.63 17.93
C ASP B 525 -14.21 24.16 18.11
N ASP B 526 -14.05 23.06 18.84
CA ASP B 526 -12.72 22.55 19.14
C ASP B 526 -12.54 21.16 18.55
N MET B 527 -11.34 20.62 18.67
CA MET B 527 -11.02 19.33 18.07
C MET B 527 -11.18 18.17 19.05
N TYR B 528 -11.68 17.04 18.55
CA TYR B 528 -11.80 15.80 19.32
C TYR B 528 -10.47 15.06 19.29
N PHE B 529 -9.93 14.86 18.08
CA PHE B 529 -8.55 14.38 17.92
C PHE B 529 -7.63 15.53 17.55
N LYS B 530 -6.41 15.51 18.10
CA LYS B 530 -5.41 16.55 17.85
C LYS B 530 -4.05 15.90 17.61
N PRO B 531 -3.26 16.44 16.67
CA PRO B 531 -1.89 15.97 16.53
C PRO B 531 -1.09 16.35 17.77
N LEU B 532 -0.03 15.61 18.12
CA LEU B 532 0.73 15.92 19.34
C LEU B 532 1.26 17.35 19.33
N GLY B 533 1.63 17.85 18.15
CA GLY B 533 2.17 19.20 18.05
C GLY B 533 1.23 20.29 18.52
N PHE B 534 -0.08 20.04 18.42
CA PHE B 534 -1.07 21.01 18.87
C PHE B 534 -1.12 21.11 20.41
N VAL B 535 -0.71 20.04 21.08
CA VAL B 535 -0.78 19.98 22.54
C VAL B 535 0.59 20.26 23.17
N TYR B 536 1.65 19.87 22.46
CA TYR B 536 3.02 20.12 22.92
C TYR B 536 3.83 20.90 21.88
N PRO B 537 3.48 22.18 21.65
CA PRO B 537 4.10 22.93 20.54
C PRO B 537 5.58 23.23 20.71
N ASP B 538 6.09 23.15 21.93
CA ASP B 538 7.49 23.48 22.18
C ASP B 538 8.40 22.25 22.25
N ASP B 539 7.84 21.10 21.91
CA ASP B 539 8.58 19.84 21.94
C ASP B 539 8.84 19.38 20.50
N LYS B 540 10.05 19.56 20.02
CA LYS B 540 10.39 19.27 18.62
C LYS B 540 10.22 17.80 18.23
N MET B 541 10.33 16.90 19.21
CA MET B 541 10.01 15.50 18.99
C MET B 541 8.52 15.29 18.82
N ALA B 542 7.75 15.87 19.74
CA ALA B 542 6.29 15.71 19.71
C ALA B 542 5.65 16.23 18.42
N ILE B 543 6.16 17.34 17.89
CA ILE B 543 5.52 17.94 16.71
C ILE B 543 5.64 17.05 15.48
N ARG B 544 6.53 16.06 15.51
CA ARG B 544 6.76 15.21 14.35
C ARG B 544 6.21 13.79 14.49
N VAL B 545 5.60 13.50 15.64
CA VAL B 545 4.92 12.23 15.84
C VAL B 545 3.65 12.18 15.01
N GLU B 546 3.47 11.12 14.23
CA GLU B 546 2.29 10.99 13.39
C GLU B 546 1.46 9.73 13.62
N ASP B 547 1.95 8.80 14.46
CA ASP B 547 1.19 7.59 14.68
C ASP B 547 0.63 7.51 16.11
N GLN B 548 0.47 8.68 16.72
CA GLN B 548 -0.19 8.83 18.02
C GLN B 548 -1.07 10.07 17.93
N LEU B 549 -2.16 10.11 18.68
CA LEU B 549 -3.05 11.27 18.67
C LEU B 549 -3.49 11.60 20.07
N MET B 550 -3.68 12.89 20.32
CA MET B 550 -4.29 13.33 21.58
C MET B 550 -5.80 13.32 21.40
N LEU B 551 -6.54 12.96 22.45
CA LEU B 551 -8.00 12.98 22.39
C LEU B 551 -8.52 13.80 23.57
N GLY B 552 -9.39 14.76 23.28
CA GLY B 552 -9.87 15.65 24.33
C GLY B 552 -8.70 16.33 25.00
N ASN B 553 -8.79 16.54 26.30
CA ASN B 553 -7.66 17.07 27.04
C ASN B 553 -7.08 16.11 28.07
N GLU B 554 -7.43 14.83 27.95
CA GLU B 554 -7.10 13.86 29.00
C GLU B 554 -6.21 12.72 28.57
N ILE B 555 -6.38 12.27 27.32
CA ILE B 555 -5.68 11.06 26.91
C ILE B 555 -4.91 11.15 25.61
N MET B 556 -4.12 10.13 25.35
CA MET B 556 -3.42 9.95 24.08
C MET B 556 -3.62 8.52 23.62
N ILE B 557 -3.78 8.33 22.32
CA ILE B 557 -3.93 6.98 21.80
C ILE B 557 -2.76 6.66 20.89
N ALA B 558 -2.42 5.38 20.82
CA ALA B 558 -1.29 4.92 20.02
C ALA B 558 -1.54 3.49 19.61
N PRO B 559 -2.35 3.28 18.56
CA PRO B 559 -2.71 1.91 18.19
C PRO B 559 -1.56 1.12 17.56
N VAL B 560 -1.59 -0.20 17.75
CA VAL B 560 -0.66 -1.08 17.05
C VAL B 560 -1.17 -1.32 15.63
N TYR B 561 -0.31 -1.12 14.64
CA TYR B 561 -0.71 -1.23 13.24
C TYR B 561 0.26 -2.08 12.43
N GLU B 562 1.05 -2.92 13.10
CA GLU B 562 1.95 -3.84 12.41
C GLU B 562 1.53 -5.28 12.65
N GLN B 563 1.45 -6.08 11.58
CA GLN B 563 1.07 -7.48 11.75
C GLN B 563 2.11 -8.26 12.57
N ASN B 564 1.63 -9.18 13.41
CA ASN B 564 2.48 -10.01 14.27
C ASN B 564 3.18 -9.25 15.40
N ALA B 565 2.92 -7.96 15.53
CA ALA B 565 3.57 -7.18 16.58
C ALA B 565 2.92 -7.45 17.92
N ARG B 566 3.73 -7.51 18.98
CA ARG B 566 3.22 -7.72 20.34
C ARG B 566 3.31 -6.44 21.16
N GLY B 567 3.61 -5.34 20.48
CA GLY B 567 3.66 -4.03 21.11
C GLY B 567 4.13 -3.00 20.11
N ARG B 568 4.49 -1.81 20.58
CA ARG B 568 4.97 -0.76 19.69
C ARG B 568 5.77 0.31 20.42
N TYR B 569 6.55 1.07 19.67
CA TYR B 569 7.25 2.21 20.24
C TYR B 569 6.30 3.38 20.41
N VAL B 570 6.49 4.15 21.49
CA VAL B 570 5.74 5.39 21.71
C VAL B 570 6.67 6.49 22.23
N TYR B 571 6.29 7.73 21.97
CA TYR B 571 6.93 8.87 22.59
C TYR B 571 5.93 9.56 23.51
N LEU B 572 6.30 9.74 24.78
CA LEU B 572 5.43 10.44 25.72
C LEU B 572 6.01 11.83 25.96
N PRO B 573 5.28 12.88 25.55
CA PRO B 573 5.76 14.26 25.75
C PRO B 573 5.68 14.72 27.21
N GLU B 574 5.00 13.96 28.06
CA GLU B 574 4.97 14.20 29.50
C GLU B 574 4.75 12.87 30.22
N GLU B 575 4.81 12.88 31.55
CA GLU B 575 4.45 11.67 32.28
C GLU B 575 3.00 11.28 32.01
N MET B 576 2.76 9.98 31.82
CA MET B 576 1.41 9.48 31.64
C MET B 576 1.22 8.12 32.32
N LYS B 577 -0.04 7.75 32.58
CA LYS B 577 -0.39 6.39 32.97
C LYS B 577 -0.75 5.59 31.73
N PHE B 578 0.04 4.55 31.47
CA PHE B 578 -0.24 3.62 30.38
C PHE B 578 -1.33 2.68 30.86
N ILE B 579 -2.48 2.74 30.20
CA ILE B 579 -3.66 2.00 30.59
C ILE B 579 -3.94 0.90 29.56
N LYS B 580 -4.28 -0.30 30.01
CA LYS B 580 -4.80 -1.32 29.08
C LYS B 580 -6.08 -1.93 29.60
N PHE B 581 -7.12 -1.88 28.76
CA PHE B 581 -8.32 -2.66 29.01
C PHE B 581 -8.01 -4.11 28.72
N MET B 582 -8.06 -4.94 29.75
CA MET B 582 -7.66 -6.33 29.68
C MET B 582 -8.87 -7.22 29.40
N PRO B 583 -8.64 -8.38 28.76
CA PRO B 583 -9.75 -9.28 28.42
C PRO B 583 -10.54 -9.82 29.61
N ASP B 584 -9.95 -9.90 30.81
CA ASP B 584 -10.71 -10.35 31.98
C ASP B 584 -11.60 -9.24 32.55
N GLY B 585 -11.52 -8.05 31.96
CA GLY B 585 -12.32 -6.94 32.41
C GLY B 585 -11.58 -5.99 33.35
N SER B 586 -10.35 -6.33 33.70
CA SER B 586 -9.58 -5.45 34.57
C SER B 586 -8.93 -4.33 33.76
N ILE B 587 -8.45 -3.31 34.45
CA ILE B 587 -7.75 -2.23 33.77
C ILE B 587 -6.33 -2.17 34.32
N SER B 588 -5.37 -2.53 33.46
CA SER B 588 -3.96 -2.50 33.83
C SER B 588 -3.47 -1.07 33.78
N GLU B 589 -2.66 -0.67 34.76
CA GLU B 589 -2.10 0.69 34.73
C GLU B 589 -0.67 0.77 35.22
N GLU B 590 0.11 1.61 34.56
CA GLU B 590 1.54 1.75 34.85
C GLU B 590 1.93 3.19 34.58
N VAL B 591 2.63 3.83 35.51
CA VAL B 591 3.11 5.18 35.24
C VAL B 591 4.37 5.13 34.38
N LEU B 592 4.40 5.86 33.27
CA LEU B 592 5.58 5.93 32.42
C LEU B 592 6.06 7.38 32.32
N GLU B 593 7.37 7.60 32.43
CA GLU B 593 7.91 8.96 32.40
C GLU B 593 7.97 9.50 30.99
N LYS B 594 8.17 10.80 30.89
CA LYS B 594 8.35 11.43 29.58
C LYS B 594 9.49 10.75 28.81
N GLY B 595 9.29 10.49 27.53
CA GLY B 595 10.36 9.93 26.70
C GLY B 595 9.92 8.78 25.82
N VAL B 596 10.90 8.08 25.27
CA VAL B 596 10.66 6.95 24.37
C VAL B 596 10.45 5.64 25.15
N HIS B 597 9.41 4.89 24.77
CA HIS B 597 9.15 3.60 25.40
C HIS B 597 8.69 2.59 24.37
N TYR B 598 9.02 1.31 24.60
CA TYR B 598 8.33 0.22 23.90
C TYR B 598 7.27 -0.30 24.86
N VAL B 599 6.02 -0.32 24.40
CA VAL B 599 4.93 -0.82 25.22
C VAL B 599 4.39 -2.13 24.66
N ASP B 600 4.13 -3.08 25.55
CA ASP B 600 3.54 -4.35 25.15
C ASP B 600 2.03 -4.23 25.08
N VAL B 601 1.44 -4.64 23.96
CA VAL B 601 -0.01 -4.58 23.77
C VAL B 601 -0.43 -5.80 22.98
N ALA B 602 -1.12 -6.73 23.63
CA ALA B 602 -1.56 -7.96 22.96
C ALA B 602 -2.78 -7.70 22.10
N LEU B 603 -3.12 -8.66 21.24
CA LEU B 603 -4.24 -8.49 20.31
C LEU B 603 -5.58 -8.17 20.96
N ASN B 604 -5.78 -8.69 22.16
CA ASN B 604 -7.07 -8.54 22.83
C ASN B 604 -7.01 -7.52 23.98
N GLU B 605 -6.02 -6.64 23.91
CA GLU B 605 -5.85 -5.55 24.86
C GLU B 605 -6.01 -4.20 24.14
N VAL B 606 -6.75 -3.27 24.74
CA VAL B 606 -6.90 -1.95 24.16
C VAL B 606 -6.12 -0.91 24.98
N PRO B 607 -5.14 -0.23 24.35
CA PRO B 607 -4.28 0.71 25.08
C PRO B 607 -4.71 2.17 24.96
N LEU B 608 -4.37 2.96 25.98
CA LEU B 608 -4.43 4.42 25.90
C LEU B 608 -3.50 4.94 26.98
N PHE B 609 -3.27 6.25 26.98
CA PHE B 609 -2.42 6.86 27.99
C PHE B 609 -3.17 8.02 28.60
N ILE B 610 -3.17 8.11 29.93
CA ILE B 610 -3.81 9.22 30.62
C ILE B 610 -2.75 10.23 31.06
N ARG B 611 -2.93 11.49 30.67
CA ARG B 611 -1.93 12.53 30.91
C ARG B 611 -1.78 12.88 32.38
N SER B 612 -0.57 13.27 32.77
CA SER B 612 -0.29 13.75 34.13
C SER B 612 -1.37 14.72 34.61
N GLY B 613 -1.86 14.50 35.82
CA GLY B 613 -2.86 15.39 36.38
C GLY B 613 -4.26 15.28 35.81
N LYS B 614 -4.54 14.21 35.06
CA LYS B 614 -5.86 14.01 34.49
C LYS B 614 -6.48 12.69 34.94
N CYS B 615 -7.80 12.59 34.76
CA CYS B 615 -8.49 11.32 34.93
C CYS B 615 -9.64 11.22 33.95
N ILE B 616 -10.14 10.01 33.72
CA ILE B 616 -11.33 9.81 32.90
C ILE B 616 -12.24 8.85 33.61
N PRO B 617 -13.56 9.00 33.40
CA PRO B 617 -14.50 8.02 33.96
C PRO B 617 -14.61 6.83 33.04
N VAL B 618 -14.82 5.66 33.63
CA VAL B 618 -15.00 4.44 32.83
C VAL B 618 -16.21 3.69 33.39
N ALA B 619 -17.13 3.31 32.51
CA ALA B 619 -18.31 2.59 32.95
C ALA B 619 -18.05 1.08 32.95
N GLU B 620 -18.89 0.33 33.65
CA GLU B 620 -18.86 -1.12 33.48
C GLU B 620 -19.39 -1.43 32.08
N ALA B 621 -18.92 -2.51 31.48
CA ALA B 621 -19.34 -2.88 30.13
C ALA B 621 -20.84 -3.17 30.07
N ALA B 622 -21.48 -2.64 29.04
CA ALA B 622 -22.89 -2.90 28.74
C ALA B 622 -22.99 -3.24 27.25
N GLU B 623 -24.11 -3.81 26.82
CA GLU B 623 -24.21 -4.31 25.44
C GLU B 623 -24.91 -3.36 24.47
N CYS B 624 -25.41 -2.25 25.00
CA CYS B 624 -25.94 -1.18 24.16
C CYS B 624 -25.78 0.13 24.91
N VAL B 625 -25.90 1.25 24.19
CA VAL B 625 -25.68 2.56 24.79
C VAL B 625 -26.72 2.87 25.86
N LYS B 626 -27.94 2.41 25.65
CA LYS B 626 -29.04 2.69 26.57
C LYS B 626 -28.80 2.07 27.95
N ASP B 627 -28.10 0.94 27.98
CA ASP B 627 -27.91 0.21 29.23
C ASP B 627 -26.61 0.53 29.95
N ILE B 628 -25.88 1.52 29.47
CA ILE B 628 -24.65 1.93 30.16
C ILE B 628 -25.01 2.63 31.46
N ASP B 629 -24.41 2.17 32.57
CA ASP B 629 -24.66 2.76 33.88
C ASP B 629 -23.64 3.88 34.12
N THR B 630 -24.10 5.13 34.06
CA THR B 630 -23.21 6.28 34.28
C THR B 630 -23.33 6.93 35.66
N GLU B 631 -24.18 6.38 36.51
CA GLU B 631 -24.49 7.03 37.80
C GLU B 631 -23.30 7.18 38.75
N ASN B 632 -22.46 6.16 38.84
CA ASN B 632 -21.25 6.22 39.66
C ASN B 632 -20.09 5.46 39.01
N MET B 633 -19.55 6.03 37.95
CA MET B 633 -18.47 5.40 37.20
C MET B 633 -17.14 5.46 37.96
N GLN B 634 -16.25 4.53 37.63
CA GLN B 634 -14.91 4.51 38.22
C GLN B 634 -14.02 5.53 37.51
N LEU B 635 -13.24 6.28 38.29
CA LEU B 635 -12.28 7.21 37.70
C LEU B 635 -10.90 6.57 37.62
N ILE B 636 -10.30 6.64 36.44
CA ILE B 636 -8.96 6.11 36.22
C ILE B 636 -8.04 7.27 35.91
N GLY B 637 -6.83 7.25 36.45
CA GLY B 637 -5.89 8.33 36.21
C GLY B 637 -5.19 8.82 37.46
N TYR B 638 -4.98 10.13 37.54
CA TYR B 638 -4.16 10.67 38.62
C TYR B 638 -4.95 11.11 39.84
N GLU B 639 -4.39 10.80 41.01
CA GLU B 639 -4.94 11.29 42.27
C GLU B 639 -4.98 12.81 42.27
N GLY B 640 -6.04 13.38 42.83
CA GLY B 640 -6.18 14.81 42.93
C GLY B 640 -6.70 15.50 41.68
N SER B 641 -6.97 14.74 40.63
CA SER B 641 -7.42 15.34 39.38
C SER B 641 -8.94 15.42 39.35
N SER B 642 -9.46 16.15 38.38
CA SER B 642 -10.90 16.34 38.21
C SER B 642 -11.25 16.11 36.76
N TYR B 643 -12.50 15.73 36.49
CA TYR B 643 -12.98 15.65 35.13
C TYR B 643 -14.38 16.20 35.05
N THR B 644 -14.65 17.04 34.06
CA THR B 644 -16.00 17.55 33.87
C THR B 644 -16.70 16.73 32.79
N LEU B 645 -17.70 15.96 33.23
CA LEU B 645 -18.47 15.09 32.35
C LEU B 645 -19.63 15.83 31.71
N TYR B 646 -19.70 15.80 30.38
CA TYR B 646 -20.91 16.28 29.71
C TYR B 646 -21.82 15.09 29.47
N GLU B 647 -23.08 15.26 29.83
CA GLU B 647 -24.06 14.21 29.68
C GLU B 647 -25.41 14.86 29.48
N ASP B 648 -26.08 14.49 28.39
CA ASP B 648 -27.47 14.92 28.17
C ASP B 648 -28.30 13.69 27.84
N ASP B 649 -29.49 13.85 27.28
CA ASP B 649 -30.33 12.69 27.02
C ASP B 649 -29.90 11.95 25.74
N GLY B 650 -28.99 12.57 24.99
CA GLY B 650 -28.43 11.97 23.79
C GLY B 650 -29.35 11.96 22.57
N ILE B 651 -30.52 12.56 22.72
CA ILE B 651 -31.56 12.44 21.71
C ILE B 651 -31.91 13.81 21.12
N HIS B 652 -32.04 14.81 21.98
CA HIS B 652 -32.42 16.15 21.54
C HIS B 652 -31.25 17.11 21.40
N LYS B 653 -31.56 18.40 21.30
CA LYS B 653 -30.54 19.41 21.12
C LYS B 653 -30.52 20.43 22.26
N ASP B 654 -30.68 19.95 23.50
CA ASP B 654 -30.68 20.83 24.66
C ASP B 654 -29.29 20.91 25.24
N TYR B 655 -28.42 21.63 24.54
CA TYR B 655 -26.98 21.61 24.78
C TYR B 655 -26.51 22.57 25.88
N ASP B 656 -27.30 23.61 26.15
CA ASP B 656 -26.81 24.72 26.98
C ASP B 656 -27.27 24.72 28.44
N LYS B 657 -27.74 23.58 28.94
CA LYS B 657 -28.17 23.50 30.33
C LYS B 657 -26.96 23.26 31.22
N LYS B 658 -26.86 23.99 32.33
CA LYS B 658 -25.76 23.79 33.28
C LYS B 658 -25.82 22.37 33.83
N GLU B 659 -27.02 21.79 33.85
CA GLU B 659 -27.21 20.44 34.37
C GLU B 659 -26.58 19.37 33.47
N ASN B 660 -26.20 19.76 32.27
CA ASN B 660 -25.49 18.84 31.39
C ASN B 660 -24.10 18.51 31.90
N TYR B 661 -23.58 19.33 32.81
CA TYR B 661 -22.19 19.17 33.26
C TYR B 661 -22.10 18.70 34.71
N ARG B 662 -21.21 17.76 34.95
CA ARG B 662 -21.04 17.20 36.29
C ARG B 662 -19.55 17.06 36.57
N VAL B 663 -19.11 17.59 37.71
CA VAL B 663 -17.69 17.58 38.04
C VAL B 663 -17.33 16.32 38.82
N LEU B 664 -16.44 15.50 38.24
CA LEU B 664 -16.00 14.27 38.91
C LEU B 664 -14.59 14.49 39.44
N THR B 665 -14.31 13.95 40.62
CA THR B 665 -12.99 14.13 41.23
C THR B 665 -12.42 12.79 41.67
N LYS B 666 -11.17 12.54 41.31
CA LYS B 666 -10.51 11.33 41.78
C LYS B 666 -9.74 11.63 43.05
#